data_8K0C
#
_entry.id   8K0C
#
_cell.length_a   1.00
_cell.length_b   1.00
_cell.length_c   1.00
_cell.angle_alpha   90.00
_cell.angle_beta   90.00
_cell.angle_gamma   90.00
#
_symmetry.space_group_name_H-M   'P 1'
#
loop_
_entity.id
_entity.type
_entity.pdbx_description
1 polymer 'Heavy chain of 1E5 Fab fragments'
2 polymer 'Light chain of 1E5 Fab fragments'
3 polymer 'Glycoprotein G'
4 polymer 'Glycoprotein G'
#
loop_
_entity_poly.entity_id
_entity_poly.type
_entity_poly.pdbx_seq_one_letter_code
_entity_poly.pdbx_strand_id
1 'polypeptide(L)'
;QVQLQESGPGVVKPSETLSLTCAVSGGSISDTYRWSWIRQPPGKGLEWIGYIYGSATSTYYNPSLSSRVTISKDMSKNQF
SLNLNSVTAADTAVYYCARDYQYYYSGSYPTPHNWFDVWGPGVLVTVSSASTKGPSVFPLAPSSKSTSGGTAALGCLVKD
YFPEPVTVSWNSGALTSGVHTFPAVLQSSGLYSLSSVVTVPSSGLGTQTYICNVNHKPSNTKVDKKVEPKSCDKTHHHHH
HH
;
E,G
2 'polypeptide(L)'
;DIQMTQSPSSLSASVGDRVTITCRASQGIIDYLSWYQQKPGKAPKLLISTASNLESGVPSRFSGSGSGTEFTLTISSLQP
EDFATYSCLQGYTTPYTFGQGTKVEIKTVAAPSVFIFPPSDEQLKSGTASVVCLLNNFYPREAKVQWKVDNALQSGNSQE
SVTEQDSKDSTYSLSSTLTLSKADYEKHKVYACEVTHQGLSSPVTKSFNRGEC
;
F,H
3 'polypeptide(L)'
;LADKIGTEIGPKVSLIDTSSTITIPANIGLLGSKISQSTASINENVNEKCKFTLPPLKIHECNISCPNPLPFREYRPQTE
GVSNLVGLPNNICLQKTSNQILKPKLISYTLPVVGQSGTCITDPLLAMDEGYFAYSHLERIGSCSRGVSKQRIIGVGEVL
DRGDEVPSLFMTNVWTPPNPNTVYHCSAVYNNEFYYVLCAVSTVGDPILNSTYWSGSLMMTRLAVKPKSNGGGYNQHQLA
LRSIEKGRYDKVMPYGPSGIKQGDTLYFPAVGFLVRTEFKYNDSNCPITKCQYSKPENCRLSMGIRPNSHYILRSGLLKY
NLSDGENPKVVFIEISDQRLSIGSPSKIYDSLGQPVFYQASFSWDTMIKFGDVLTVNPLVVNWRNNTVISRPGQSQCPRF
NTCPEICWEGVYNDAFLIDRINWISAGVFLDSNQTAENPVFTVFKDNEILYRAQLASEDTNAQKTITNCFLLKNKIWCIS
LVEIYDTGDNVIRPKLFAVKIPEQC
;
A,B
4 'polypeptide(L)' GLADKIGTEIGPKVSLIDTSSTITIPANIGLLGSKISQSTASINENVNEKCKFTLPPL C,D
#
# COMPACT_ATOMS: atom_id res chain seq x y z
N GLN A 1 18.87 5.28 -49.36
CA GLN A 1 17.82 6.08 -48.75
C GLN A 1 17.22 7.01 -49.80
N VAL A 2 15.90 7.22 -49.72
CA VAL A 2 15.22 8.13 -50.61
C VAL A 2 15.68 9.55 -50.33
N GLN A 3 16.14 10.24 -51.37
CA GLN A 3 16.72 11.58 -51.25
C GLN A 3 15.94 12.53 -52.14
N LEU A 4 15.32 13.54 -51.54
CA LEU A 4 14.51 14.50 -52.27
C LEU A 4 15.35 15.70 -52.69
N GLN A 5 14.82 16.44 -53.67
CA GLN A 5 15.52 17.62 -54.19
C GLN A 5 14.50 18.52 -54.87
N GLU A 6 14.27 19.70 -54.31
CA GLU A 6 13.40 20.66 -54.96
C GLU A 6 14.11 21.31 -56.15
N SER A 7 13.31 21.92 -57.02
CA SER A 7 13.79 22.68 -58.15
C SER A 7 12.66 23.59 -58.62
N GLY A 8 13.00 24.80 -59.01
CA GLY A 8 12.01 25.74 -59.48
C GLY A 8 12.47 27.18 -59.35
N PRO A 9 11.66 28.11 -59.87
CA PRO A 9 12.06 29.51 -59.85
C PRO A 9 11.89 30.14 -58.47
N GLY A 10 12.94 30.80 -58.00
CA GLY A 10 12.79 31.67 -56.86
C GLY A 10 12.23 33.04 -57.21
N VAL A 11 12.11 33.33 -58.49
CA VAL A 11 11.57 34.58 -58.99
C VAL A 11 10.24 34.26 -59.66
N VAL A 12 9.15 34.63 -59.00
CA VAL A 12 7.80 34.53 -59.57
C VAL A 12 7.11 35.86 -59.33
N LYS A 13 6.72 36.53 -60.41
CA LYS A 13 5.97 37.77 -60.29
C LYS A 13 4.57 37.48 -59.74
N PRO A 14 3.95 38.43 -59.03
CA PRO A 14 2.64 38.17 -58.42
C PRO A 14 1.55 37.94 -59.46
N SER A 15 0.48 37.28 -59.00
CA SER A 15 -0.64 36.81 -59.81
C SER A 15 -0.18 35.92 -60.96
N GLU A 16 0.72 34.98 -60.68
CA GLU A 16 1.21 34.02 -61.67
C GLU A 16 1.20 32.61 -61.09
N THR A 17 1.75 31.67 -61.85
CA THR A 17 1.75 30.25 -61.51
C THR A 17 3.15 29.81 -61.10
N LEU A 18 3.31 29.47 -59.83
CA LEU A 18 4.54 28.86 -59.36
C LEU A 18 4.68 27.46 -59.95
N SER A 19 5.89 27.12 -60.39
CA SER A 19 6.12 25.85 -61.08
C SER A 19 7.32 25.16 -60.43
N LEU A 20 7.06 24.44 -59.35
CA LEU A 20 8.11 23.73 -58.66
C LEU A 20 8.17 22.27 -59.08
N THR A 21 9.19 21.57 -58.60
CA THR A 21 9.39 20.17 -58.92
C THR A 21 10.28 19.57 -57.85
N CYS A 22 9.82 18.51 -57.22
CA CYS A 22 10.62 17.73 -56.27
C CYS A 22 10.89 16.37 -56.90
N ALA A 23 11.95 16.28 -57.71
CA ALA A 23 12.33 15.01 -58.29
C ALA A 23 12.93 14.10 -57.22
N VAL A 24 12.61 12.82 -57.28
CA VAL A 24 12.91 11.87 -56.21
C VAL A 24 14.05 10.98 -56.66
N SER A 25 15.10 10.93 -55.85
CA SER A 25 16.22 10.03 -56.08
C SER A 25 16.31 9.02 -54.96
N GLY A 26 16.78 7.82 -55.28
CA GLY A 26 16.87 6.76 -54.31
C GLY A 26 15.61 5.98 -54.06
N GLY A 27 14.53 6.30 -54.76
CA GLY A 27 13.28 5.58 -54.59
C GLY A 27 12.27 6.00 -55.62
N SER A 28 11.33 5.10 -55.89
CA SER A 28 10.25 5.35 -56.84
C SER A 28 9.03 5.87 -56.10
N ILE A 29 8.25 6.69 -56.79
CA ILE A 29 6.98 7.17 -56.24
C ILE A 29 5.85 6.20 -56.53
N SER A 30 6.13 5.07 -57.17
CA SER A 30 5.20 3.95 -57.17
C SER A 30 5.12 3.30 -55.81
N ASP A 31 6.14 3.51 -54.99
CA ASP A 31 6.13 3.21 -53.56
C ASP A 31 5.41 4.38 -52.86
N THR A 32 5.47 4.42 -51.51
CA THR A 32 5.22 5.63 -50.73
C THR A 32 3.81 6.21 -50.88
N TYR A 33 2.87 5.63 -50.14
CA TYR A 33 1.45 5.97 -50.11
C TYR A 33 1.08 7.46 -50.24
N ARG A 34 1.86 8.38 -49.67
CA ARG A 34 1.59 9.80 -49.87
C ARG A 34 2.87 10.59 -50.09
N TRP A 35 2.77 11.68 -50.83
CA TRP A 35 3.84 12.65 -51.02
C TRP A 35 3.27 14.05 -50.85
N SER A 36 3.90 14.88 -50.03
CA SER A 36 3.30 16.14 -49.61
C SER A 36 4.08 17.34 -50.12
N TRP A 37 3.65 18.51 -49.68
CA TRP A 37 4.34 19.78 -49.85
C TRP A 37 4.12 20.63 -48.61
N ILE A 38 5.18 21.26 -48.11
CA ILE A 38 5.09 22.12 -46.94
C ILE A 38 5.82 23.42 -47.27
N ARG A 39 5.19 24.55 -46.99
CA ARG A 39 5.89 25.81 -47.07
C ARG A 39 6.10 26.39 -45.68
N GLN A 40 7.02 27.35 -45.59
CA GLN A 40 7.37 27.99 -44.33
C GLN A 40 7.65 29.46 -44.59
N PRO A 41 6.73 30.36 -44.26
CA PRO A 41 6.98 31.78 -44.41
C PRO A 41 8.06 32.23 -43.43
N PRO A 42 9.10 32.91 -43.92
CA PRO A 42 10.15 33.40 -43.02
C PRO A 42 9.61 34.45 -42.07
N GLY A 43 9.88 34.27 -40.79
CA GLY A 43 9.25 35.04 -39.75
C GLY A 43 7.98 34.42 -39.20
N LYS A 44 7.50 33.34 -39.81
CA LYS A 44 6.30 32.65 -39.37
C LYS A 44 6.58 31.15 -39.31
N GLY A 45 5.58 30.40 -38.89
CA GLY A 45 5.75 28.98 -38.67
C GLY A 45 5.46 28.15 -39.91
N LEU A 46 5.76 26.86 -39.80
CA LEU A 46 5.48 25.91 -40.87
C LEU A 46 3.97 25.75 -41.05
N GLU A 47 3.56 25.50 -42.28
CA GLU A 47 2.18 25.12 -42.55
C GLU A 47 2.16 24.25 -43.78
N TRP A 48 1.28 23.25 -43.76
CA TRP A 48 1.24 22.17 -44.73
C TRP A 48 0.28 22.51 -45.86
N ILE A 49 0.55 21.98 -47.05
CA ILE A 49 -0.24 22.37 -48.21
C ILE A 49 -1.19 21.27 -48.63
N GLY A 50 -0.64 20.15 -49.09
CA GLY A 50 -1.48 19.10 -49.62
C GLY A 50 -0.63 17.94 -50.09
N TYR A 51 -1.26 16.78 -50.18
CA TYR A 51 -0.55 15.58 -50.58
C TYR A 51 -1.01 15.05 -51.92
N ILE A 52 -0.22 14.13 -52.44
CA ILE A 52 -0.55 13.34 -53.62
C ILE A 52 -0.11 11.92 -53.35
N TYR A 53 -0.83 10.96 -53.90
CA TYR A 53 -0.67 9.56 -53.52
C TYR A 53 0.53 8.87 -54.16
N GLY A 54 1.12 9.43 -55.20
CA GLY A 54 2.17 8.67 -55.86
C GLY A 54 1.60 7.69 -56.85
N SER A 55 1.02 6.59 -56.35
CA SER A 55 0.42 5.60 -57.24
C SER A 55 -0.88 6.10 -57.87
N ALA A 56 -1.62 6.95 -57.18
CA ALA A 56 -2.86 7.50 -57.68
C ALA A 56 -2.67 8.94 -58.13
N THR A 57 -3.78 9.61 -58.43
CA THR A 57 -3.78 11.04 -58.68
C THR A 57 -4.71 11.79 -57.73
N SER A 58 -5.26 11.13 -56.72
CA SER A 58 -6.16 11.81 -55.81
C SER A 58 -5.37 12.68 -54.85
N THR A 59 -5.87 13.90 -54.63
CA THR A 59 -5.19 14.92 -53.87
C THR A 59 -5.99 15.25 -52.61
N TYR A 60 -5.33 15.91 -51.69
CA TYR A 60 -6.01 16.70 -50.68
C TYR A 60 -5.31 18.05 -50.67
N TYR A 61 -6.01 19.10 -50.25
CA TYR A 61 -5.39 20.41 -50.14
C TYR A 61 -5.85 21.08 -48.86
N ASN A 62 -5.01 21.97 -48.36
CA ASN A 62 -5.34 22.75 -47.18
C ASN A 62 -6.50 23.69 -47.53
N PRO A 63 -7.58 23.72 -46.74
CA PRO A 63 -8.71 24.60 -47.08
C PRO A 63 -8.41 26.09 -47.02
N SER A 64 -7.29 26.51 -46.44
CA SER A 64 -6.87 27.88 -46.59
C SER A 64 -6.21 28.14 -47.94
N LEU A 65 -5.89 27.07 -48.69
CA LEU A 65 -5.27 27.15 -50.00
C LEU A 65 -5.98 26.22 -50.98
N SER A 66 -7.28 26.01 -50.79
CA SER A 66 -7.97 24.93 -51.51
C SER A 66 -8.22 25.28 -52.96
N SER A 67 -8.57 26.53 -53.25
CA SER A 67 -8.96 26.94 -54.59
C SER A 67 -7.78 27.29 -55.49
N ARG A 68 -6.55 27.10 -55.02
CA ARG A 68 -5.37 27.57 -55.74
C ARG A 68 -4.39 26.46 -56.07
N VAL A 69 -4.12 25.56 -55.14
CA VAL A 69 -2.99 24.67 -55.24
C VAL A 69 -3.33 23.50 -56.16
N THR A 70 -2.47 23.25 -57.14
CA THR A 70 -2.55 22.06 -57.97
C THR A 70 -1.25 21.29 -57.82
N ILE A 71 -1.34 20.01 -57.51
CA ILE A 71 -0.17 19.14 -57.40
C ILE A 71 -0.27 18.13 -58.54
N SER A 72 0.60 18.27 -59.53
CA SER A 72 0.60 17.38 -60.67
C SER A 72 1.67 16.31 -60.46
N LYS A 73 1.80 15.42 -61.45
CA LYS A 73 2.56 14.19 -61.30
C LYS A 73 3.35 13.90 -62.56
N ASP A 74 4.37 13.05 -62.40
CA ASP A 74 5.08 12.45 -63.53
C ASP A 74 5.68 11.14 -63.02
N MET A 75 5.03 10.03 -63.37
CA MET A 75 5.51 8.72 -62.93
C MET A 75 6.80 8.33 -63.61
N SER A 76 7.03 8.78 -64.84
CA SER A 76 8.18 8.34 -65.60
C SER A 76 9.46 8.99 -65.09
N LYS A 77 9.46 10.31 -64.95
CA LYS A 77 10.63 11.05 -64.55
C LYS A 77 10.73 11.20 -63.02
N ASN A 78 9.88 10.50 -62.28
CA ASN A 78 10.00 10.31 -60.82
C ASN A 78 9.89 11.63 -60.07
N GLN A 79 9.07 12.54 -60.59
CA GLN A 79 8.97 13.88 -60.06
C GLN A 79 7.51 14.25 -59.85
N PHE A 80 7.27 15.13 -58.89
CA PHE A 80 5.93 15.64 -58.65
C PHE A 80 6.01 17.12 -58.38
N SER A 81 5.07 17.87 -58.92
CA SER A 81 5.19 19.31 -59.07
C SER A 81 4.33 20.02 -58.03
N LEU A 82 4.24 21.34 -58.18
CA LEU A 82 3.39 22.19 -57.36
C LEU A 82 2.99 23.39 -58.19
N ASN A 83 1.71 23.74 -58.15
CA ASN A 83 1.20 24.86 -58.96
C ASN A 83 0.32 25.73 -58.08
N LEU A 84 0.95 26.68 -57.39
CA LEU A 84 0.24 27.68 -56.61
C LEU A 84 -0.14 28.83 -57.55
N ASN A 85 -1.44 29.01 -57.76
CA ASN A 85 -1.94 30.02 -58.67
C ASN A 85 -2.34 31.28 -57.91
N SER A 86 -2.24 32.42 -58.62
CA SER A 86 -2.52 33.77 -58.11
C SER A 86 -1.70 34.06 -56.86
N VAL A 87 -0.38 34.02 -57.04
CA VAL A 87 0.54 34.19 -55.93
C VAL A 87 0.53 35.63 -55.44
N THR A 88 0.64 35.79 -54.12
CA THR A 88 0.76 37.10 -53.50
C THR A 88 2.08 37.18 -52.75
N ALA A 89 2.40 38.37 -52.26
CA ALA A 89 3.63 38.57 -51.51
C ALA A 89 3.63 37.83 -50.17
N ALA A 90 2.46 37.53 -49.62
CA ALA A 90 2.37 36.76 -48.39
C ALA A 90 2.63 35.28 -48.61
N ASP A 91 2.75 34.83 -49.86
CA ASP A 91 3.11 33.45 -50.13
C ASP A 91 4.62 33.25 -50.24
N THR A 92 5.40 34.25 -49.87
CA THR A 92 6.85 34.10 -49.80
C THR A 92 7.22 33.13 -48.71
N ALA A 93 7.83 32.01 -49.09
CA ALA A 93 8.08 30.93 -48.15
C ALA A 93 9.20 30.04 -48.68
N VAL A 94 9.49 29.00 -47.92
CA VAL A 94 10.41 27.96 -48.34
C VAL A 94 9.59 26.70 -48.55
N TYR A 95 9.41 26.32 -49.82
CA TYR A 95 8.51 25.23 -50.18
C TYR A 95 9.24 23.90 -50.10
N TYR A 96 9.10 23.22 -48.97
CA TYR A 96 9.68 21.89 -48.81
C TYR A 96 8.76 20.85 -49.44
N CYS A 97 9.36 19.91 -50.16
CA CYS A 97 8.67 18.68 -50.49
C CYS A 97 9.03 17.64 -49.44
N ALA A 98 8.08 16.77 -49.12
CA ALA A 98 8.30 15.88 -48.00
C ALA A 98 7.70 14.51 -48.28
N ARG A 99 8.48 13.47 -47.97
CA ARG A 99 7.96 12.12 -47.99
C ARG A 99 7.09 11.90 -46.76
N ASP A 100 5.88 11.44 -46.98
CA ASP A 100 4.92 11.26 -45.92
C ASP A 100 5.03 9.85 -45.36
N TYR A 101 4.71 9.70 -44.08
CA TYR A 101 4.82 8.39 -43.45
C TYR A 101 3.63 8.18 -42.53
N GLN A 102 3.16 6.93 -42.46
CA GLN A 102 1.97 6.56 -41.72
C GLN A 102 2.33 5.47 -40.73
N TYR A 103 1.86 5.60 -39.50
CA TYR A 103 2.05 4.56 -38.49
C TYR A 103 0.69 4.00 -38.13
N TYR A 104 0.34 2.89 -38.77
CA TYR A 104 -0.88 2.17 -38.43
C TYR A 104 -0.58 1.28 -37.23
N TYR A 105 -1.25 1.55 -36.12
CA TYR A 105 -1.28 0.62 -35.00
C TYR A 105 -2.60 -0.13 -35.09
N SER A 106 -2.54 -1.46 -34.86
CA SER A 106 -3.72 -2.28 -34.65
C SER A 106 -4.72 -2.22 -35.80
N GLY A 107 -4.44 -2.89 -36.92
CA GLY A 107 -5.17 -2.69 -38.16
C GLY A 107 -6.67 -3.00 -38.23
N SER A 108 -7.33 -3.11 -37.10
CA SER A 108 -8.74 -2.77 -36.99
C SER A 108 -8.95 -1.32 -36.58
N TYR A 109 -7.89 -0.51 -36.58
CA TYR A 109 -7.95 0.93 -36.37
C TYR A 109 -7.20 1.60 -37.52
N PRO A 110 -7.90 2.11 -38.51
CA PRO A 110 -7.21 2.66 -39.69
C PRO A 110 -6.86 4.12 -39.57
N THR A 111 -6.79 4.68 -38.37
CA THR A 111 -6.38 6.06 -38.22
C THR A 111 -4.90 6.07 -37.91
N PRO A 112 -4.02 6.31 -38.87
CA PRO A 112 -2.59 6.23 -38.59
C PRO A 112 -2.09 7.48 -37.90
N HIS A 113 -0.95 7.33 -37.25
CA HIS A 113 -0.17 8.49 -36.88
C HIS A 113 0.56 8.99 -38.10
N ASN A 114 0.44 10.28 -38.37
CA ASN A 114 1.00 10.87 -39.57
C ASN A 114 2.16 11.79 -39.21
N TRP A 115 3.26 11.66 -39.94
CA TRP A 115 4.37 12.58 -39.85
C TRP A 115 5.15 12.50 -41.15
N PHE A 116 6.21 13.30 -41.23
CA PHE A 116 7.04 13.36 -42.41
C PHE A 116 8.46 12.99 -42.02
N ASP A 117 9.04 12.01 -42.71
CA ASP A 117 10.36 11.52 -42.34
C ASP A 117 11.48 12.09 -43.21
N VAL A 118 11.30 12.07 -44.53
CA VAL A 118 12.33 12.54 -45.45
C VAL A 118 11.85 13.85 -46.07
N TRP A 119 12.58 14.91 -45.79
CA TRP A 119 12.33 16.24 -46.31
C TRP A 119 13.33 16.57 -47.40
N GLY A 120 12.92 17.42 -48.32
CA GLY A 120 13.85 17.97 -49.27
C GLY A 120 14.70 19.04 -48.64
N PRO A 121 15.77 19.44 -49.34
CA PRO A 121 16.62 20.52 -48.82
C PRO A 121 15.98 21.89 -48.87
N GLY A 122 14.80 22.04 -49.48
CA GLY A 122 14.10 23.31 -49.48
C GLY A 122 14.55 24.21 -50.61
N VAL A 123 13.69 25.18 -50.92
CA VAL A 123 14.02 26.20 -51.90
C VAL A 123 13.30 27.48 -51.49
N LEU A 124 14.04 28.59 -51.51
CA LEU A 124 13.49 29.90 -51.15
C LEU A 124 12.82 30.49 -52.39
N VAL A 125 11.50 30.64 -52.34
CA VAL A 125 10.74 31.22 -53.44
C VAL A 125 10.05 32.46 -52.91
N THR A 126 10.48 33.61 -53.40
CA THR A 126 9.92 34.90 -53.01
C THR A 126 9.09 35.44 -54.16
N VAL A 127 7.83 35.74 -53.88
CA VAL A 127 6.96 36.35 -54.88
C VAL A 127 7.29 37.84 -54.94
N SER A 128 7.91 38.26 -56.03
CA SER A 128 8.34 39.64 -56.19
C SER A 128 8.16 40.06 -57.64
N SER A 129 7.71 41.30 -57.82
CA SER A 129 7.54 41.87 -59.15
C SER A 129 8.80 42.53 -59.68
N ALA A 130 9.88 42.53 -58.91
CA ALA A 130 11.12 43.17 -59.32
C ALA A 130 11.87 42.31 -60.33
N SER A 131 12.67 42.97 -61.15
CA SER A 131 13.51 42.29 -62.13
C SER A 131 14.88 41.98 -61.54
N THR A 132 15.59 41.07 -62.20
CA THR A 132 16.90 40.64 -61.72
C THR A 132 17.92 41.75 -61.92
N LYS A 133 18.60 42.13 -60.83
CA LYS A 133 19.51 43.26 -60.83
C LYS A 133 20.73 42.93 -59.99
N GLY A 134 21.92 43.30 -60.48
CA GLY A 134 23.14 43.14 -59.74
C GLY A 134 23.27 44.15 -58.62
N PRO A 135 24.08 43.84 -57.62
CA PRO A 135 24.21 44.74 -56.47
C PRO A 135 25.13 45.93 -56.72
N SER A 136 24.92 46.97 -55.92
CA SER A 136 25.83 48.10 -55.82
C SER A 136 26.52 48.03 -54.46
N VAL A 137 27.86 47.98 -54.47
CA VAL A 137 28.65 47.76 -53.27
C VAL A 137 29.43 49.03 -52.96
N PHE A 138 29.25 49.53 -51.74
CA PHE A 138 30.00 50.67 -51.23
C PHE A 138 30.56 50.33 -49.86
N PRO A 139 31.82 50.63 -49.58
CA PRO A 139 32.43 50.18 -48.34
C PRO A 139 31.99 50.99 -47.13
N LEU A 140 31.89 50.30 -46.00
CA LEU A 140 31.66 50.93 -44.70
C LEU A 140 33.03 51.28 -44.13
N ALA A 141 33.48 52.49 -44.44
CA ALA A 141 34.85 52.88 -44.14
C ALA A 141 35.03 53.14 -42.64
N PRO A 142 36.15 52.73 -42.06
CA PRO A 142 36.37 52.97 -40.63
C PRO A 142 36.75 54.43 -40.37
N SER A 143 36.29 54.93 -39.22
CA SER A 143 36.54 56.29 -38.80
C SER A 143 37.08 56.29 -37.37
N SER A 144 37.26 57.49 -36.82
CA SER A 144 37.66 57.61 -35.42
C SER A 144 36.53 57.23 -34.49
N LYS A 145 35.28 57.35 -34.94
CA LYS A 145 34.12 56.93 -34.18
C LYS A 145 33.80 55.45 -34.36
N SER A 146 34.58 54.74 -35.17
CA SER A 146 34.42 53.31 -35.38
C SER A 146 35.40 52.48 -34.55
N THR A 147 35.72 52.95 -33.35
CA THR A 147 36.61 52.25 -32.44
C THR A 147 35.88 51.93 -31.14
N SER A 148 36.16 50.77 -30.56
CA SER A 148 35.56 50.38 -29.29
C SER A 148 36.52 49.42 -28.59
N GLY A 149 37.32 49.94 -27.66
CA GLY A 149 38.19 49.13 -26.83
C GLY A 149 39.28 48.40 -27.58
N GLY A 150 40.00 49.11 -28.45
CA GLY A 150 41.04 48.50 -29.26
C GLY A 150 40.55 47.75 -30.48
N THR A 151 39.24 47.72 -30.72
CA THR A 151 38.65 47.05 -31.86
C THR A 151 38.13 48.11 -32.83
N ALA A 152 38.53 48.00 -34.09
CA ALA A 152 38.04 48.90 -35.14
C ALA A 152 37.40 48.07 -36.24
N ALA A 153 36.16 48.38 -36.57
CA ALA A 153 35.36 47.60 -37.50
C ALA A 153 35.34 48.26 -38.87
N LEU A 154 35.07 47.44 -39.89
CA LEU A 154 34.99 47.89 -41.26
C LEU A 154 34.18 46.86 -42.05
N GLY A 155 33.59 47.31 -43.16
CA GLY A 155 32.80 46.40 -43.94
C GLY A 155 32.37 46.99 -45.26
N CYS A 156 31.44 46.28 -45.92
CA CYS A 156 30.86 46.69 -47.19
C CYS A 156 29.35 46.78 -47.05
N LEU A 157 28.76 47.77 -47.72
CA LEU A 157 27.32 47.99 -47.71
C LEU A 157 26.77 47.59 -49.08
N VAL A 158 26.12 46.44 -49.14
CA VAL A 158 25.54 45.91 -50.38
C VAL A 158 24.15 46.49 -50.53
N LYS A 159 23.80 46.95 -51.73
CA LYS A 159 22.56 47.66 -51.95
C LYS A 159 22.00 47.35 -53.33
N ASP A 160 20.66 47.26 -53.40
CA ASP A 160 19.88 47.27 -54.65
C ASP A 160 20.21 46.09 -55.56
N TYR A 161 19.87 44.88 -55.11
CA TYR A 161 19.99 43.71 -55.95
C TYR A 161 18.74 42.85 -55.84
N PHE A 162 18.67 41.84 -56.72
CA PHE A 162 17.61 40.86 -56.85
C PHE A 162 18.08 39.76 -57.79
N PRO A 163 17.78 38.48 -57.50
CA PRO A 163 17.16 37.94 -56.28
C PRO A 163 18.17 37.52 -55.24
N GLU A 164 17.71 36.69 -54.32
CA GLU A 164 18.54 36.04 -53.32
C GLU A 164 19.18 34.77 -53.89
N PRO A 165 20.36 34.38 -53.39
CA PRO A 165 21.26 35.10 -52.48
C PRO A 165 22.53 35.62 -53.14
N VAL A 166 23.26 36.46 -52.42
CA VAL A 166 24.64 36.81 -52.74
C VAL A 166 25.55 36.07 -51.78
N THR A 167 26.77 35.81 -52.23
CA THR A 167 27.80 35.19 -51.40
C THR A 167 28.94 36.19 -51.27
N VAL A 168 29.03 36.85 -50.12
CA VAL A 168 30.00 37.91 -49.90
C VAL A 168 31.10 37.34 -49.02
N SER A 169 32.21 36.95 -49.65
CA SER A 169 33.38 36.45 -48.94
C SER A 169 34.44 37.55 -48.84
N TRP A 170 35.38 37.36 -47.93
CA TRP A 170 36.36 38.39 -47.59
C TRP A 170 37.76 37.92 -47.95
N ASN A 171 38.41 38.67 -48.86
CA ASN A 171 39.79 38.45 -49.31
C ASN A 171 39.98 37.05 -49.89
N SER A 172 39.12 36.73 -50.88
CA SER A 172 39.12 35.47 -51.63
C SER A 172 38.95 34.25 -50.72
N GLY A 173 38.15 34.39 -49.67
CA GLY A 173 37.86 33.29 -48.78
C GLY A 173 38.90 33.01 -47.72
N ALA A 174 39.84 33.92 -47.51
CA ALA A 174 40.89 33.71 -46.50
C ALA A 174 40.50 34.24 -45.13
N LEU A 175 39.71 35.30 -45.07
CA LEU A 175 39.31 35.92 -43.81
C LEU A 175 38.02 35.25 -43.32
N THR A 176 38.09 34.62 -42.15
CA THR A 176 36.94 33.95 -41.56
C THR A 176 36.57 34.45 -40.17
N SER A 177 37.55 34.76 -39.33
CA SER A 177 37.25 35.23 -37.98
C SER A 177 36.82 36.69 -38.00
N GLY A 178 35.75 36.99 -37.26
CA GLY A 178 35.16 38.31 -37.26
C GLY A 178 34.19 38.57 -38.40
N VAL A 179 34.03 37.62 -39.31
CA VAL A 179 33.17 37.81 -40.47
C VAL A 179 31.71 37.65 -40.05
N HIS A 180 30.90 38.65 -40.38
CA HIS A 180 29.46 38.62 -40.10
C HIS A 180 28.72 39.15 -41.33
N THR A 181 28.25 38.24 -42.18
CA THR A 181 27.44 38.60 -43.34
C THR A 181 25.98 38.58 -42.91
N PHE A 182 25.36 39.75 -42.89
CA PHE A 182 24.01 39.89 -42.37
C PHE A 182 22.98 39.41 -43.39
N PRO A 183 21.84 38.88 -42.91
CA PRO A 183 20.75 38.56 -43.84
C PRO A 183 20.15 39.82 -44.43
N ALA A 184 19.69 39.70 -45.68
CA ALA A 184 19.17 40.85 -46.40
C ALA A 184 17.75 41.18 -45.98
N VAL A 185 17.39 42.45 -46.13
CA VAL A 185 16.02 42.90 -45.94
C VAL A 185 15.49 43.39 -47.28
N LEU A 186 14.16 43.36 -47.40
CA LEU A 186 13.51 43.87 -48.59
C LEU A 186 13.22 45.34 -48.40
N GLN A 187 13.72 46.17 -49.32
CA GLN A 187 13.52 47.61 -49.23
C GLN A 187 12.08 47.98 -49.58
N SER A 188 11.76 49.26 -49.40
CA SER A 188 10.48 49.77 -49.86
C SER A 188 10.42 49.83 -51.38
N SER A 189 11.57 49.99 -52.03
CA SER A 189 11.64 50.01 -53.49
C SER A 189 11.50 48.62 -54.10
N GLY A 190 11.65 47.55 -53.32
CA GLY A 190 11.51 46.20 -53.82
C GLY A 190 12.81 45.47 -54.08
N LEU A 191 13.96 46.08 -53.81
CA LEU A 191 15.25 45.46 -54.04
C LEU A 191 15.88 45.02 -52.72
N TYR A 192 16.76 44.04 -52.81
CA TYR A 192 17.43 43.55 -51.61
C TYR A 192 18.67 44.36 -51.30
N SER A 193 19.06 44.31 -50.04
CA SER A 193 20.27 44.96 -49.54
C SER A 193 20.65 44.32 -48.22
N LEU A 194 21.90 43.89 -48.11
CA LEU A 194 22.43 43.40 -46.84
C LEU A 194 23.71 44.15 -46.51
N SER A 195 24.17 43.97 -45.28
CA SER A 195 25.46 44.48 -44.85
C SER A 195 26.38 43.30 -44.54
N SER A 196 27.68 43.59 -44.52
CA SER A 196 28.68 42.59 -44.19
C SER A 196 29.91 43.32 -43.67
N VAL A 197 30.31 43.02 -42.44
CA VAL A 197 31.44 43.69 -41.80
C VAL A 197 32.39 42.66 -41.23
N VAL A 198 33.58 43.13 -40.87
CA VAL A 198 34.54 42.36 -40.09
C VAL A 198 35.15 43.29 -39.05
N THR A 199 35.32 42.79 -37.83
CA THR A 199 35.84 43.56 -36.72
C THR A 199 37.26 43.09 -36.43
N VAL A 200 38.22 43.94 -36.74
CA VAL A 200 39.65 43.60 -36.70
C VAL A 200 40.27 44.41 -35.57
N PRO A 201 41.46 44.03 -35.09
CA PRO A 201 42.18 44.90 -34.17
C PRO A 201 42.52 46.24 -34.78
N SER A 202 42.45 47.29 -33.96
CA SER A 202 42.63 48.66 -34.44
C SER A 202 44.07 48.96 -34.82
N SER A 203 45.03 48.16 -34.36
CA SER A 203 46.42 48.33 -34.76
C SER A 203 46.71 47.75 -36.14
N GLY A 204 45.79 46.99 -36.72
CA GLY A 204 45.95 46.41 -38.03
C GLY A 204 45.38 47.23 -39.18
N LEU A 205 44.95 48.46 -38.92
CA LEU A 205 44.39 49.33 -39.95
C LEU A 205 45.55 50.10 -40.59
N GLY A 206 45.73 49.90 -41.90
CA GLY A 206 46.84 50.47 -42.63
C GLY A 206 47.87 49.46 -43.06
N THR A 207 47.77 48.21 -42.59
CA THR A 207 48.72 47.17 -42.94
C THR A 207 48.10 46.00 -43.69
N GLN A 208 46.79 45.77 -43.54
CA GLN A 208 46.13 44.61 -44.10
C GLN A 208 45.07 45.03 -45.11
N THR A 209 44.99 44.28 -46.21
CA THR A 209 44.01 44.54 -47.26
C THR A 209 42.73 43.75 -46.99
N TYR A 210 41.60 44.44 -46.99
CA TYR A 210 40.29 43.84 -46.75
C TYR A 210 39.39 44.15 -47.95
N ILE A 211 39.07 43.12 -48.73
CA ILE A 211 38.23 43.25 -49.92
C ILE A 211 37.08 42.27 -49.80
N CYS A 212 35.85 42.77 -49.91
CA CYS A 212 34.67 41.91 -49.93
C CYS A 212 34.41 41.41 -51.35
N ASN A 213 34.17 40.10 -51.46
CA ASN A 213 34.03 39.43 -52.76
C ASN A 213 32.57 39.04 -52.95
N VAL A 214 31.82 39.90 -53.63
CA VAL A 214 30.39 39.70 -53.85
C VAL A 214 30.20 38.87 -55.11
N ASN A 215 29.32 37.86 -55.03
CA ASN A 215 29.00 37.02 -56.18
C ASN A 215 27.49 36.81 -56.23
N HIS A 216 26.86 37.33 -57.28
CA HIS A 216 25.43 37.17 -57.52
C HIS A 216 25.26 36.47 -58.87
N LYS A 217 24.94 35.18 -58.83
CA LYS A 217 24.83 34.33 -60.01
C LYS A 217 23.60 34.56 -60.92
N PRO A 218 22.37 34.84 -60.42
CA PRO A 218 21.27 35.11 -61.37
C PRO A 218 21.40 36.39 -62.18
N SER A 219 22.21 37.36 -61.72
CA SER A 219 22.49 38.53 -62.54
C SER A 219 23.88 38.50 -63.15
N ASN A 220 24.71 37.52 -62.76
CA ASN A 220 26.11 37.37 -63.16
C ASN A 220 26.91 38.64 -62.84
N THR A 221 26.99 38.95 -61.54
CA THR A 221 27.65 40.15 -61.07
C THR A 221 28.68 39.76 -60.02
N LYS A 222 29.94 40.10 -60.27
CA LYS A 222 31.02 39.88 -59.31
C LYS A 222 31.70 41.20 -59.02
N VAL A 223 31.61 41.64 -57.77
CA VAL A 223 32.12 42.94 -57.33
C VAL A 223 33.17 42.70 -56.24
N ASP A 224 34.34 43.32 -56.41
CA ASP A 224 35.41 43.28 -55.42
C ASP A 224 35.71 44.72 -55.04
N LYS A 225 35.36 45.11 -53.81
CA LYS A 225 35.54 46.47 -53.33
C LYS A 225 36.45 46.46 -52.12
N LYS A 226 37.50 47.28 -52.17
CA LYS A 226 38.44 47.41 -51.06
C LYS A 226 37.91 48.43 -50.05
N VAL A 227 38.13 48.14 -48.78
CA VAL A 227 37.70 49.02 -47.68
C VAL A 227 38.94 49.74 -47.16
N GLU A 228 38.92 51.07 -47.22
CA GLU A 228 40.02 51.92 -46.81
C GLU A 228 39.54 52.98 -45.84
N PRO A 229 40.41 53.47 -44.96
CA PRO A 229 40.04 54.60 -44.10
C PRO A 229 39.85 55.88 -44.91
N LYS A 230 39.08 56.79 -44.32
CA LYS A 230 38.78 58.06 -44.98
C LYS A 230 39.94 59.03 -44.85
N SER A 231 40.34 59.61 -45.97
CA SER A 231 41.37 60.65 -45.96
C SER A 231 40.80 61.94 -45.40
N CYS A 232 41.62 62.65 -44.61
CA CYS A 232 41.17 63.85 -43.90
C CYS A 232 41.99 65.09 -44.18
N ASP A 233 43.13 64.97 -44.89
CA ASP A 233 44.04 66.09 -45.08
C ASP A 233 44.00 66.69 -46.48
N LYS A 234 43.43 65.99 -47.46
CA LYS A 234 43.56 66.40 -48.85
C LYS A 234 42.63 67.55 -49.24
N THR A 235 41.78 68.02 -48.33
CA THR A 235 40.80 69.05 -48.68
C THR A 235 41.18 70.43 -48.17
N HIS A 236 41.98 70.53 -47.11
CA HIS A 236 42.25 71.80 -46.45
C HIS A 236 43.54 72.47 -46.93
N HIS A 237 44.10 72.04 -48.06
CA HIS A 237 45.27 72.70 -48.64
C HIS A 237 44.82 73.66 -49.74
N HIS A 238 44.26 74.79 -49.29
CA HIS A 238 43.90 75.87 -50.21
C HIS A 238 45.08 76.82 -50.35
N HIS A 239 45.55 77.00 -51.58
CA HIS A 239 46.79 77.71 -51.84
C HIS A 239 46.56 79.21 -51.81
N HIS A 240 47.39 79.93 -51.04
CA HIS A 240 47.34 81.38 -50.97
C HIS A 240 48.33 81.93 -51.99
N HIS A 241 47.81 82.44 -53.12
CA HIS A 241 48.66 82.93 -54.20
C HIS A 241 48.93 84.41 -53.97
N HIS A 242 50.15 84.71 -53.53
CA HIS A 242 50.57 86.10 -53.32
C HIS A 242 51.27 86.65 -54.56
N ASP B 1 -10.02 24.56 -38.36
CA ASP B 1 -9.03 23.50 -38.27
C ASP B 1 -8.51 23.37 -36.85
N ILE B 2 -7.53 22.48 -36.66
CA ILE B 2 -6.88 22.36 -35.36
C ILE B 2 -5.74 23.38 -35.32
N GLN B 3 -5.79 24.29 -34.35
CA GLN B 3 -4.72 25.25 -34.13
C GLN B 3 -3.74 24.71 -33.11
N MET B 4 -2.45 24.85 -33.39
CA MET B 4 -1.40 24.32 -32.53
C MET B 4 -0.64 25.51 -31.96
N THR B 5 -0.93 25.85 -30.71
CA THR B 5 -0.30 26.98 -30.04
C THR B 5 0.81 26.46 -29.13
N GLN B 6 2.03 26.90 -29.39
CA GLN B 6 3.17 26.55 -28.57
C GLN B 6 3.44 27.64 -27.53
N SER B 7 4.09 27.25 -26.44
CA SER B 7 4.46 28.16 -25.39
C SER B 7 5.78 27.66 -24.82
N PRO B 8 6.81 28.50 -24.74
CA PRO B 8 6.85 29.87 -25.27
C PRO B 8 7.27 29.91 -26.73
N SER B 9 7.12 31.05 -27.38
CA SER B 9 7.49 31.15 -28.78
C SER B 9 9.00 31.17 -28.96
N SER B 10 9.74 31.64 -27.96
CA SER B 10 11.19 31.67 -28.03
C SER B 10 11.76 31.53 -26.62
N LEU B 11 12.37 30.39 -26.34
CA LEU B 11 12.91 30.10 -25.02
C LEU B 11 14.44 30.14 -25.09
N SER B 12 15.06 30.54 -23.99
CA SER B 12 16.50 30.70 -23.92
C SER B 12 17.04 30.00 -22.68
N ALA B 13 18.04 29.15 -22.87
CA ALA B 13 18.60 28.36 -21.78
C ALA B 13 20.05 28.01 -22.06
N SER B 14 20.83 27.87 -21.00
CA SER B 14 22.24 27.54 -21.12
C SER B 14 22.42 26.06 -21.45
N VAL B 15 23.68 25.69 -21.70
CA VAL B 15 24.03 24.31 -22.03
C VAL B 15 23.88 23.45 -20.78
N GLY B 16 23.05 22.42 -20.88
CA GLY B 16 22.79 21.54 -19.76
C GLY B 16 21.53 21.85 -18.99
N ASP B 17 20.64 22.69 -19.52
CA ASP B 17 19.40 23.00 -18.83
C ASP B 17 18.30 22.03 -19.21
N ARG B 18 17.27 22.00 -18.38
CA ARG B 18 16.07 21.21 -18.63
C ARG B 18 15.06 22.08 -19.36
N VAL B 19 14.86 21.80 -20.65
CA VAL B 19 14.02 22.61 -21.51
C VAL B 19 12.72 21.88 -21.77
N THR B 20 11.60 22.50 -21.40
CA THR B 20 10.27 21.95 -21.64
C THR B 20 9.55 22.86 -22.63
N ILE B 21 9.26 22.32 -23.81
CA ILE B 21 8.54 23.02 -24.86
C ILE B 21 7.15 22.42 -24.97
N THR B 22 6.13 23.29 -24.98
CA THR B 22 4.76 22.86 -25.07
C THR B 22 4.19 23.13 -26.46
N CYS B 23 3.08 22.47 -26.76
CA CYS B 23 2.30 22.71 -27.97
C CYS B 23 0.85 22.37 -27.67
N ARG B 24 0.05 23.38 -27.37
CA ARG B 24 -1.33 23.15 -26.99
C ARG B 24 -2.23 23.20 -28.22
N ALA B 25 -3.14 22.24 -28.31
CA ALA B 25 -4.04 22.10 -29.45
C ALA B 25 -5.43 22.61 -29.10
N SER B 26 -6.18 22.97 -30.15
CA SER B 26 -7.54 23.47 -29.97
C SER B 26 -8.56 22.36 -29.80
N GLN B 27 -8.61 21.42 -30.74
CA GLN B 27 -9.38 20.20 -30.58
C GLN B 27 -8.46 19.13 -30.01
N GLY B 28 -9.03 18.24 -29.22
CA GLY B 28 -8.20 17.27 -28.55
C GLY B 28 -7.73 16.17 -29.47
N ILE B 29 -6.46 16.18 -29.85
CA ILE B 29 -5.87 15.06 -30.56
C ILE B 29 -5.47 14.04 -29.51
N ILE B 30 -5.52 12.76 -29.85
CA ILE B 30 -5.36 11.75 -28.83
C ILE B 30 -3.89 11.64 -28.42
N ASP B 31 -3.04 11.16 -29.32
CA ASP B 31 -1.60 11.31 -29.15
C ASP B 31 -0.92 11.47 -30.50
N TYR B 32 -1.65 11.95 -31.49
CA TYR B 32 -1.22 11.95 -32.89
C TYR B 32 -0.28 13.12 -33.15
N LEU B 33 0.87 13.11 -32.50
CA LEU B 33 1.72 14.29 -32.54
C LEU B 33 3.18 13.93 -32.77
N SER B 34 3.86 14.80 -33.49
CA SER B 34 5.26 14.63 -33.83
C SER B 34 6.01 15.93 -33.55
N TRP B 35 7.28 15.80 -33.21
CA TRP B 35 8.12 16.95 -32.90
C TRP B 35 9.23 17.06 -33.94
N TYR B 36 9.45 18.28 -34.43
CA TYR B 36 10.41 18.52 -35.50
C TYR B 36 11.47 19.52 -35.06
N GLN B 37 12.73 19.15 -35.23
CA GLN B 37 13.86 20.06 -35.00
C GLN B 37 14.34 20.60 -36.34
N GLN B 38 14.06 21.86 -36.59
CA GLN B 38 14.46 22.52 -37.83
C GLN B 38 15.73 23.33 -37.54
N LYS B 39 16.85 22.83 -38.01
CA LYS B 39 18.09 23.59 -37.91
C LYS B 39 18.12 24.69 -38.96
N PRO B 40 18.79 25.81 -38.68
CA PRO B 40 18.78 26.94 -39.62
C PRO B 40 19.49 26.60 -40.92
N GLY B 41 18.80 26.84 -42.03
CA GLY B 41 19.32 26.49 -43.33
C GLY B 41 19.24 25.02 -43.68
N LYS B 42 18.61 24.21 -42.84
CA LYS B 42 18.50 22.78 -43.05
C LYS B 42 17.04 22.37 -43.12
N ALA B 43 16.82 21.13 -43.54
CA ALA B 43 15.49 20.56 -43.52
C ALA B 43 15.10 20.22 -42.08
N PRO B 44 13.81 20.20 -41.78
CA PRO B 44 13.37 19.72 -40.46
C PRO B 44 13.65 18.22 -40.30
N LYS B 45 13.76 17.82 -39.05
CA LYS B 45 14.12 16.46 -38.68
C LYS B 45 13.14 15.97 -37.63
N LEU B 46 12.60 14.76 -37.84
CA LEU B 46 11.67 14.17 -36.91
C LEU B 46 12.38 13.80 -35.61
N LEU B 47 11.88 14.30 -34.48
CA LEU B 47 12.44 13.96 -33.19
C LEU B 47 11.62 12.92 -32.43
N ILE B 48 10.39 13.27 -32.09
CA ILE B 48 9.58 12.52 -31.14
C ILE B 48 8.23 12.32 -31.80
N SER B 49 7.97 11.11 -32.28
CA SER B 49 6.70 10.79 -32.90
C SER B 49 5.78 10.15 -31.87
N THR B 50 4.46 10.23 -32.14
CA THR B 50 3.36 9.74 -31.29
C THR B 50 3.41 10.30 -29.88
N ALA B 51 4.05 11.45 -29.69
CA ALA B 51 4.22 12.22 -28.46
C ALA B 51 4.95 11.49 -27.33
N SER B 52 5.42 10.26 -27.55
CA SER B 52 6.17 9.57 -26.52
C SER B 52 7.30 8.71 -27.03
N ASN B 53 7.56 8.67 -28.33
CA ASN B 53 8.57 7.76 -28.87
C ASN B 53 9.85 8.51 -29.19
N LEU B 54 10.97 7.97 -28.75
CA LEU B 54 12.29 8.45 -29.13
C LEU B 54 12.67 7.78 -30.45
N GLU B 55 12.82 8.58 -31.50
CA GLU B 55 13.06 8.01 -32.82
C GLU B 55 14.50 7.54 -32.98
N SER B 56 14.69 6.64 -33.94
CA SER B 56 15.98 6.02 -34.19
C SER B 56 16.94 7.05 -34.77
N GLY B 57 17.89 7.49 -33.96
CA GLY B 57 18.83 8.52 -34.33
C GLY B 57 18.75 9.76 -33.48
N VAL B 58 17.67 9.93 -32.72
CA VAL B 58 17.52 11.09 -31.84
C VAL B 58 18.04 10.70 -30.47
N PRO B 59 18.95 11.46 -29.88
CA PRO B 59 19.59 11.04 -28.62
C PRO B 59 18.63 11.10 -27.44
N SER B 60 19.06 10.44 -26.35
CA SER B 60 18.21 10.19 -25.21
C SER B 60 17.88 11.42 -24.39
N ARG B 61 18.58 12.53 -24.61
CA ARG B 61 18.26 13.77 -23.91
C ARG B 61 16.93 14.36 -24.34
N PHE B 62 16.45 14.02 -25.53
CA PHE B 62 15.12 14.40 -25.98
C PHE B 62 14.11 13.38 -25.47
N SER B 63 13.07 13.87 -24.81
CA SER B 63 11.98 13.01 -24.36
C SER B 63 10.69 13.77 -24.50
N GLY B 64 9.60 13.03 -24.71
CA GLY B 64 8.30 13.65 -24.87
C GLY B 64 7.23 12.92 -24.12
N SER B 65 6.29 13.66 -23.56
CA SER B 65 5.15 13.06 -22.88
C SER B 65 3.98 14.04 -22.95
N GLY B 66 2.83 13.57 -22.53
CA GLY B 66 1.65 14.38 -22.64
C GLY B 66 0.77 13.92 -23.80
N SER B 67 -0.54 14.05 -23.61
CA SER B 67 -1.49 13.68 -24.63
C SER B 67 -2.76 14.47 -24.39
N GLY B 68 -3.67 14.43 -25.37
CA GLY B 68 -4.88 15.20 -25.26
C GLY B 68 -4.70 16.60 -25.82
N THR B 69 -4.68 17.60 -24.96
CA THR B 69 -4.52 18.97 -25.41
C THR B 69 -3.19 19.59 -25.00
N GLU B 70 -2.52 19.06 -23.99
CA GLU B 70 -1.26 19.60 -23.51
C GLU B 70 -0.15 18.61 -23.81
N PHE B 71 0.95 19.09 -24.38
CA PHE B 71 2.06 18.27 -24.80
C PHE B 71 3.35 18.84 -24.25
N THR B 72 4.31 17.96 -23.97
CA THR B 72 5.59 18.37 -23.40
C THR B 72 6.71 17.82 -24.26
N LEU B 73 7.56 18.70 -24.77
CA LEU B 73 8.84 18.31 -25.37
C LEU B 73 9.94 18.63 -24.36
N THR B 74 10.50 17.60 -23.76
CA THR B 74 11.45 17.75 -22.67
C THR B 74 12.86 17.47 -23.17
N ILE B 75 13.73 18.46 -23.03
CA ILE B 75 15.16 18.31 -23.31
C ILE B 75 15.87 18.29 -21.97
N SER B 76 16.38 17.12 -21.58
CA SER B 76 16.90 16.94 -20.23
C SER B 76 18.23 17.67 -20.05
N SER B 77 19.24 17.27 -20.80
CA SER B 77 20.58 17.87 -20.73
C SER B 77 20.83 18.58 -22.07
N LEU B 78 20.64 19.89 -22.08
CA LEU B 78 20.71 20.65 -23.32
C LEU B 78 22.15 20.75 -23.81
N GLN B 79 22.34 20.55 -25.11
CA GLN B 79 23.64 20.45 -25.74
C GLN B 79 23.78 21.51 -26.83
N PRO B 80 25.02 21.88 -27.20
CA PRO B 80 25.20 22.91 -28.23
C PRO B 80 24.78 22.50 -29.64
N GLU B 81 24.43 21.23 -29.89
CA GLU B 81 23.88 20.85 -31.18
C GLU B 81 22.35 20.82 -31.16
N ASP B 82 21.72 21.53 -30.23
CA ASP B 82 20.28 21.48 -30.03
C ASP B 82 19.63 22.85 -30.07
N PHE B 83 20.38 23.90 -30.42
CA PHE B 83 19.85 25.26 -30.40
C PHE B 83 19.32 25.57 -31.79
N ALA B 84 18.05 25.25 -32.01
CA ALA B 84 17.42 25.39 -33.32
C ALA B 84 15.94 25.61 -33.13
N THR B 85 15.18 25.48 -34.21
CA THR B 85 13.74 25.69 -34.19
C THR B 85 13.02 24.37 -33.93
N TYR B 86 12.16 24.35 -32.92
CA TYR B 86 11.39 23.17 -32.58
C TYR B 86 9.94 23.39 -32.94
N SER B 87 9.36 22.47 -33.70
CA SER B 87 7.98 22.54 -34.15
C SER B 87 7.24 21.27 -33.79
N CYS B 88 5.95 21.42 -33.49
CA CYS B 88 5.03 20.31 -33.30
C CYS B 88 4.22 20.12 -34.57
N LEU B 89 3.61 18.94 -34.68
CA LEU B 89 2.75 18.60 -35.81
C LEU B 89 1.66 17.68 -35.32
N GLN B 90 0.42 17.94 -35.69
CA GLN B 90 -0.67 17.04 -35.36
C GLN B 90 -0.99 16.18 -36.58
N GLY B 91 -1.17 14.89 -36.34
CA GLY B 91 -1.57 13.97 -37.40
C GLY B 91 -2.96 13.40 -37.24
N TYR B 92 -3.77 13.93 -36.34
CA TYR B 92 -5.06 13.31 -36.03
C TYR B 92 -6.06 13.53 -37.14
N THR B 93 -6.00 14.67 -37.81
CA THR B 93 -6.86 14.92 -38.95
C THR B 93 -6.13 15.82 -39.92
N THR B 94 -6.77 16.04 -41.05
CA THR B 94 -6.15 16.71 -42.16
C THR B 94 -7.00 17.92 -42.53
N PRO B 95 -6.41 19.12 -42.71
CA PRO B 95 -5.03 19.58 -42.83
C PRO B 95 -4.14 19.44 -41.62
N TYR B 96 -2.99 18.83 -41.86
CA TYR B 96 -1.94 18.70 -40.87
C TYR B 96 -1.47 20.10 -40.52
N THR B 97 -1.56 20.48 -39.26
CA THR B 97 -1.18 21.82 -38.86
C THR B 97 0.00 21.76 -37.93
N PHE B 98 1.06 22.48 -38.30
CA PHE B 98 2.21 22.67 -37.45
C PHE B 98 1.97 23.78 -36.44
N GLY B 99 2.79 23.80 -35.40
CA GLY B 99 2.82 24.93 -34.50
C GLY B 99 3.57 26.09 -35.11
N GLN B 100 3.58 27.21 -34.38
CA GLN B 100 4.28 28.38 -34.88
C GLN B 100 5.80 28.24 -34.76
N GLY B 101 6.28 27.32 -33.95
CA GLY B 101 7.69 27.13 -33.83
C GLY B 101 8.24 27.69 -32.52
N THR B 102 9.32 27.08 -32.05
CA THR B 102 9.97 27.48 -30.80
C THR B 102 11.45 27.70 -31.08
N LYS B 103 11.93 28.91 -30.85
CA LYS B 103 13.32 29.26 -31.05
C LYS B 103 14.09 29.05 -29.74
N VAL B 104 15.25 28.39 -29.83
CA VAL B 104 16.02 28.01 -28.65
C VAL B 104 17.40 28.64 -28.76
N GLU B 105 17.80 29.36 -27.70
CA GLU B 105 19.02 30.16 -27.70
C GLU B 105 19.87 29.82 -26.49
N ILE B 106 21.14 30.21 -26.55
CA ILE B 106 22.12 29.90 -25.51
C ILE B 106 22.16 31.07 -24.53
N LYS B 107 21.94 30.80 -23.25
CA LYS B 107 21.92 31.86 -22.24
C LYS B 107 23.35 32.15 -21.79
N THR B 108 24.03 32.97 -22.58
CA THR B 108 25.37 33.50 -22.23
C THR B 108 25.33 35.00 -22.51
N VAL B 109 25.25 35.81 -21.46
CA VAL B 109 25.07 37.25 -21.61
C VAL B 109 26.41 37.89 -21.97
N ALA B 110 26.41 38.70 -23.03
CA ALA B 110 27.59 39.47 -23.43
C ALA B 110 27.14 40.84 -23.93
N ALA B 111 27.99 41.85 -23.71
CA ALA B 111 27.73 43.25 -24.02
C ALA B 111 28.29 43.62 -25.39
N PRO B 112 27.57 44.42 -26.18
CA PRO B 112 28.05 44.74 -27.53
C PRO B 112 29.10 45.83 -27.54
N SER B 113 30.01 45.73 -28.51
CA SER B 113 30.91 46.83 -28.87
C SER B 113 30.30 47.54 -30.07
N VAL B 114 29.75 48.72 -29.85
CA VAL B 114 28.89 49.38 -30.83
C VAL B 114 29.77 50.17 -31.80
N PHE B 115 29.51 50.02 -33.09
CA PHE B 115 30.22 50.75 -34.12
C PHE B 115 29.21 51.55 -34.95
N ILE B 116 29.73 52.51 -35.71
CA ILE B 116 28.91 53.34 -36.60
C ILE B 116 29.76 53.66 -37.83
N PHE B 117 29.10 53.78 -38.98
CA PHE B 117 29.78 53.96 -40.25
C PHE B 117 29.16 55.10 -41.03
N PRO B 118 29.93 56.10 -41.45
CA PRO B 118 29.41 57.13 -42.34
C PRO B 118 29.31 56.61 -43.76
N PRO B 119 28.44 57.20 -44.59
CA PRO B 119 28.34 56.74 -45.98
C PRO B 119 29.57 57.16 -46.79
N SER B 120 29.94 56.30 -47.73
CA SER B 120 31.11 56.57 -48.57
C SER B 120 30.79 57.66 -49.58
N ASP B 121 31.86 58.21 -50.18
CA ASP B 121 31.69 59.29 -51.15
C ASP B 121 31.12 58.79 -52.46
N GLU B 122 31.43 57.55 -52.84
CA GLU B 122 30.82 56.97 -54.03
C GLU B 122 29.34 56.70 -53.82
N GLN B 123 28.94 56.36 -52.59
CA GLN B 123 27.52 56.24 -52.28
C GLN B 123 26.84 57.59 -52.34
N LEU B 124 27.51 58.66 -51.91
CA LEU B 124 26.99 60.01 -52.08
C LEU B 124 26.90 60.40 -53.56
N LYS B 125 27.80 59.87 -54.38
CA LYS B 125 27.67 60.03 -55.83
C LYS B 125 26.49 59.25 -56.37
N SER B 126 26.13 58.12 -55.76
CA SER B 126 25.02 57.30 -56.21
C SER B 126 23.65 57.93 -55.97
N GLY B 127 23.55 58.88 -55.04
CA GLY B 127 22.33 59.63 -54.82
C GLY B 127 21.70 59.47 -53.45
N THR B 128 22.03 58.41 -52.73
CA THR B 128 21.49 58.17 -51.40
C THR B 128 22.60 58.09 -50.37
N ALA B 129 22.22 58.17 -49.10
CA ALA B 129 23.18 58.09 -48.01
C ALA B 129 22.60 57.23 -46.89
N SER B 130 23.20 56.06 -46.67
CA SER B 130 22.73 55.13 -45.66
C SER B 130 23.73 55.11 -44.51
N VAL B 131 23.32 55.61 -43.37
CA VAL B 131 24.09 55.51 -42.14
C VAL B 131 23.88 54.11 -41.58
N VAL B 132 24.97 53.45 -41.21
CA VAL B 132 24.92 52.08 -40.70
C VAL B 132 25.46 52.08 -39.28
N CYS B 133 24.65 51.59 -38.34
CA CYS B 133 25.05 51.44 -36.95
C CYS B 133 25.23 49.97 -36.64
N LEU B 134 26.39 49.62 -36.09
CA LEU B 134 26.80 48.23 -35.92
C LEU B 134 26.82 47.87 -34.44
N LEU B 135 26.35 46.66 -34.13
CA LEU B 135 26.33 46.13 -32.77
C LEU B 135 26.79 44.68 -32.84
N ASN B 136 28.02 44.42 -32.41
CA ASN B 136 28.62 43.09 -32.54
C ASN B 136 28.68 42.40 -31.19
N ASN B 137 28.40 41.09 -31.20
CA ASN B 137 28.63 40.16 -30.10
C ASN B 137 27.87 40.55 -28.83
N PHE B 138 26.54 40.49 -28.94
CA PHE B 138 25.65 40.83 -27.84
C PHE B 138 24.69 39.68 -27.55
N TYR B 139 24.07 39.76 -26.39
CA TYR B 139 23.02 38.86 -25.93
C TYR B 139 22.26 39.53 -24.80
N PRO B 140 20.92 39.56 -24.83
CA PRO B 140 19.97 38.91 -25.74
C PRO B 140 19.81 39.60 -27.10
N ARG B 141 19.22 38.88 -28.05
CA ARG B 141 19.01 39.41 -29.39
C ARG B 141 17.97 40.53 -29.40
N GLU B 142 16.96 40.43 -28.53
CA GLU B 142 15.93 41.46 -28.43
C GLU B 142 16.53 42.71 -27.81
N ALA B 143 16.78 43.72 -28.63
CA ALA B 143 17.39 44.97 -28.18
C ALA B 143 16.61 46.14 -28.77
N LYS B 144 17.10 47.35 -28.56
CA LYS B 144 16.41 48.57 -28.93
C LYS B 144 17.38 49.54 -29.59
N VAL B 145 17.01 50.01 -30.78
CA VAL B 145 17.84 50.92 -31.57
C VAL B 145 17.01 52.15 -31.93
N GLN B 146 17.54 53.33 -31.59
CA GLN B 146 16.90 54.60 -31.93
C GLN B 146 17.84 55.40 -32.81
N TRP B 147 17.35 55.77 -34.00
CA TRP B 147 18.10 56.66 -34.88
C TRP B 147 17.89 58.11 -34.46
N LYS B 148 18.98 58.80 -34.15
CA LYS B 148 18.93 60.20 -33.76
C LYS B 148 19.66 61.05 -34.80
N VAL B 149 18.96 62.04 -35.32
CA VAL B 149 19.51 62.96 -36.32
C VAL B 149 19.42 64.36 -35.74
N ASP B 150 20.58 64.94 -35.40
CA ASP B 150 20.72 66.21 -34.67
C ASP B 150 19.92 66.18 -33.37
N ASN B 151 20.12 65.11 -32.60
CA ASN B 151 19.45 64.84 -31.32
C ASN B 151 17.92 64.80 -31.45
N ALA B 152 17.43 64.23 -32.56
CA ALA B 152 16.00 64.09 -32.79
C ALA B 152 15.73 62.69 -33.32
N LEU B 153 14.79 61.99 -32.70
CA LEU B 153 14.45 60.63 -33.10
C LEU B 153 13.76 60.63 -34.47
N GLN B 154 14.22 59.76 -35.35
CA GLN B 154 13.62 59.54 -36.65
C GLN B 154 13.02 58.15 -36.72
N SER B 155 11.77 58.05 -37.15
CA SER B 155 11.08 56.77 -37.28
C SER B 155 10.41 56.71 -38.65
N GLY B 156 10.46 55.52 -39.27
CA GLY B 156 9.96 55.34 -40.61
C GLY B 156 11.03 55.24 -41.67
N ASN B 157 12.31 55.23 -41.28
CA ASN B 157 13.40 55.10 -42.25
C ASN B 157 14.45 54.10 -41.77
N SER B 158 14.06 53.10 -40.98
CA SER B 158 14.98 52.18 -40.36
C SER B 158 14.72 50.76 -40.84
N GLN B 159 15.78 50.07 -41.26
CA GLN B 159 15.72 48.67 -41.66
C GLN B 159 16.82 47.93 -40.91
N GLU B 160 16.44 47.00 -40.04
CA GLU B 160 17.35 46.28 -39.18
C GLU B 160 17.55 44.85 -39.66
N SER B 161 18.74 44.32 -39.40
CA SER B 161 19.06 42.95 -39.80
C SER B 161 20.01 42.35 -38.77
N VAL B 162 19.55 41.34 -38.06
CA VAL B 162 20.35 40.67 -37.02
C VAL B 162 20.59 39.24 -37.46
N THR B 163 21.85 38.80 -37.38
CA THR B 163 22.19 37.44 -37.80
C THR B 163 21.65 36.42 -36.81
N GLU B 164 21.58 35.18 -37.28
CA GLU B 164 21.35 34.02 -36.43
C GLU B 164 22.60 33.76 -35.59
N GLN B 165 22.39 33.14 -34.43
CA GLN B 165 23.43 32.98 -33.42
C GLN B 165 24.61 32.15 -33.91
N ASP B 166 25.82 32.69 -33.72
CA ASP B 166 27.03 32.03 -34.16
C ASP B 166 27.33 30.84 -33.26
N SER B 167 27.99 29.83 -33.83
CA SER B 167 28.37 28.65 -33.08
C SER B 167 29.76 28.76 -32.47
N LYS B 168 30.38 29.94 -32.52
CA LYS B 168 31.73 30.14 -32.00
C LYS B 168 31.72 30.82 -30.63
N ASP B 169 31.11 32.00 -30.54
CA ASP B 169 31.02 32.73 -29.28
C ASP B 169 29.58 32.94 -28.82
N SER B 170 28.62 32.34 -29.53
CA SER B 170 27.23 32.18 -29.08
C SER B 170 26.51 33.52 -28.88
N THR B 171 26.87 34.53 -29.66
CA THR B 171 26.28 35.84 -29.55
C THR B 171 25.74 36.29 -30.91
N TYR B 172 25.28 37.54 -30.96
CA TYR B 172 24.56 38.06 -32.11
C TYR B 172 25.25 39.31 -32.67
N SER B 173 24.96 39.60 -33.93
CA SER B 173 25.45 40.80 -34.59
C SER B 173 24.28 41.53 -35.22
N LEU B 174 24.18 42.83 -34.97
CA LEU B 174 23.07 43.65 -35.46
C LEU B 174 23.56 44.56 -36.57
N SER B 175 22.64 44.91 -37.47
CA SER B 175 22.91 45.86 -38.54
C SER B 175 21.62 46.61 -38.85
N SER B 176 21.60 47.90 -38.51
CA SER B 176 20.46 48.76 -38.81
C SER B 176 20.87 49.79 -39.85
N THR B 177 19.97 50.10 -40.78
CA THR B 177 20.25 50.98 -41.89
C THR B 177 19.27 52.15 -41.88
N LEU B 178 19.80 53.37 -41.89
CA LEU B 178 19.00 54.58 -41.99
C LEU B 178 19.12 55.07 -43.43
N THR B 179 18.19 54.65 -44.29
CA THR B 179 18.23 54.99 -45.71
C THR B 179 17.70 56.40 -45.91
N LEU B 180 18.57 57.32 -46.31
CA LEU B 180 18.19 58.71 -46.53
C LEU B 180 18.81 59.22 -47.82
N SER B 181 18.22 60.29 -48.34
CA SER B 181 18.67 60.88 -49.59
C SER B 181 19.93 61.72 -49.37
N LYS B 182 20.47 62.22 -50.48
CA LYS B 182 21.71 63.01 -50.42
C LYS B 182 21.46 64.40 -49.88
N ALA B 183 20.39 65.05 -50.33
CA ALA B 183 20.07 66.39 -49.86
C ALA B 183 19.68 66.39 -48.38
N ASP B 184 18.87 65.40 -47.97
CA ASP B 184 18.53 65.25 -46.56
C ASP B 184 19.73 64.81 -45.72
N TYR B 185 20.75 64.19 -46.33
CA TYR B 185 22.00 63.96 -45.63
C TYR B 185 22.75 65.27 -45.42
N GLU B 186 22.74 66.15 -46.42
CA GLU B 186 23.42 67.44 -46.30
C GLU B 186 22.65 68.44 -45.45
N LYS B 187 21.37 68.18 -45.15
CA LYS B 187 20.57 69.07 -44.32
C LYS B 187 20.85 68.93 -42.83
N HIS B 188 21.72 67.99 -42.43
CA HIS B 188 21.94 67.74 -41.01
C HIS B 188 23.42 67.50 -40.76
N LYS B 189 23.78 67.50 -39.47
CA LYS B 189 25.17 67.38 -39.04
C LYS B 189 25.45 66.09 -38.29
N VAL B 190 24.71 65.81 -37.22
CA VAL B 190 25.02 64.73 -36.29
C VAL B 190 24.05 63.58 -36.54
N TYR B 191 24.58 62.37 -36.67
CA TYR B 191 23.79 61.15 -36.87
C TYR B 191 24.16 60.17 -35.78
N ALA B 192 23.22 59.90 -34.87
CA ALA B 192 23.47 59.09 -33.69
C ALA B 192 22.58 57.85 -33.69
N CYS B 193 23.05 56.80 -33.01
CA CYS B 193 22.29 55.58 -32.81
C CYS B 193 22.40 55.15 -31.36
N GLU B 194 21.26 55.00 -30.69
CA GLU B 194 21.21 54.66 -29.28
C GLU B 194 21.03 53.16 -29.11
N VAL B 195 21.81 52.58 -28.20
CA VAL B 195 21.78 51.14 -27.93
C VAL B 195 21.27 50.94 -26.51
N THR B 196 20.12 50.29 -26.38
CA THR B 196 19.58 49.84 -25.11
C THR B 196 19.78 48.33 -25.02
N HIS B 197 20.51 47.89 -24.01
CA HIS B 197 20.92 46.50 -23.93
C HIS B 197 20.92 46.07 -22.48
N GLN B 198 20.81 44.77 -22.25
CA GLN B 198 20.73 44.25 -20.88
C GLN B 198 22.08 44.36 -20.18
N GLY B 199 23.15 43.92 -20.84
CA GLY B 199 24.48 44.00 -20.28
C GLY B 199 25.05 45.41 -20.21
N LEU B 200 24.44 46.37 -20.90
CA LEU B 200 24.86 47.76 -20.85
C LEU B 200 23.98 48.53 -19.88
N SER B 201 24.59 49.07 -18.83
CA SER B 201 23.81 49.79 -17.82
C SER B 201 23.32 51.13 -18.34
N SER B 202 24.15 51.85 -19.10
CA SER B 202 23.79 53.12 -19.68
C SER B 202 23.56 52.96 -21.18
N PRO B 203 22.67 53.78 -21.77
CA PRO B 203 22.45 53.70 -23.22
C PRO B 203 23.64 54.20 -24.02
N VAL B 204 24.38 53.28 -24.63
CA VAL B 204 25.58 53.63 -25.38
C VAL B 204 25.17 54.18 -26.73
N THR B 205 25.58 55.42 -27.01
CA THR B 205 25.18 56.12 -28.23
C THR B 205 26.43 56.51 -29.00
N LYS B 206 26.61 55.90 -30.18
CA LYS B 206 27.67 56.27 -31.11
C LYS B 206 27.13 57.28 -32.12
N SER B 207 27.95 58.29 -32.42
CA SER B 207 27.53 59.36 -33.31
C SER B 207 28.75 59.85 -34.09
N PHE B 208 28.46 60.64 -35.13
CA PHE B 208 29.52 61.27 -35.92
C PHE B 208 28.95 62.53 -36.55
N ASN B 209 29.84 63.47 -36.85
CA ASN B 209 29.46 64.72 -37.51
C ASN B 209 29.81 64.63 -38.99
N ARG B 210 29.02 65.34 -39.81
CA ARG B 210 29.23 65.31 -41.26
C ARG B 210 30.49 66.08 -41.63
N GLY B 211 30.72 67.23 -41.02
CA GLY B 211 31.91 68.03 -41.29
C GLY B 211 33.18 67.53 -40.65
N GLU B 212 33.08 66.54 -39.76
CA GLU B 212 34.25 65.98 -39.09
C GLU B 212 34.69 64.71 -39.79
N CYS B 213 36.00 64.56 -39.97
CA CYS B 213 36.57 63.42 -40.66
C CYS B 213 37.26 62.47 -39.68
N LEU C 1 14.16 2.57 4.96
CA LEU C 1 12.79 2.18 4.63
C LEU C 1 12.72 1.47 3.30
N ALA C 2 13.90 1.10 2.78
CA ALA C 2 13.93 0.26 1.58
C ALA C 2 13.57 -1.17 1.92
N ASP C 3 13.92 -1.62 3.13
CA ASP C 3 13.65 -2.98 3.53
C ASP C 3 12.17 -3.23 3.79
N LYS C 4 11.46 -2.27 4.40
CA LYS C 4 10.04 -2.45 4.70
C LYS C 4 9.22 -2.48 3.42
N ILE C 5 9.45 -1.53 2.52
CA ILE C 5 8.75 -1.51 1.23
C ILE C 5 9.14 -2.71 0.38
N GLY C 6 10.39 -3.13 0.44
CA GLY C 6 10.82 -4.25 -0.38
C GLY C 6 10.34 -5.59 0.12
N THR C 7 10.04 -5.70 1.43
CA THR C 7 9.68 -7.00 1.99
C THR C 7 8.26 -7.05 2.55
N GLU C 8 7.90 -6.17 3.47
CA GLU C 8 6.63 -6.27 4.16
C GLU C 8 5.48 -5.62 3.42
N ILE C 9 5.73 -4.79 2.43
CA ILE C 9 4.64 -4.09 1.77
C ILE C 9 4.56 -4.49 0.31
N GLY C 10 5.71 -4.56 -0.37
CA GLY C 10 5.78 -4.87 -1.78
C GLY C 10 5.17 -6.19 -2.21
N PRO C 11 5.73 -7.31 -1.74
CA PRO C 11 5.14 -8.62 -2.07
C PRO C 11 3.72 -8.81 -1.52
N LYS C 12 3.37 -8.16 -0.41
CA LYS C 12 2.01 -8.27 0.07
C LYS C 12 1.03 -7.52 -0.83
N VAL C 13 1.43 -6.35 -1.33
CA VAL C 13 0.58 -5.65 -2.30
C VAL C 13 0.53 -6.42 -3.62
N SER C 14 1.60 -7.14 -3.97
CA SER C 14 1.54 -8.02 -5.14
C SER C 14 0.54 -9.17 -4.92
N LEU C 15 0.49 -9.71 -3.70
CA LEU C 15 -0.49 -10.75 -3.38
C LEU C 15 -1.92 -10.20 -3.39
N ILE C 16 -2.11 -8.97 -2.92
CA ILE C 16 -3.45 -8.38 -2.93
C ILE C 16 -3.88 -8.05 -4.36
N ASP C 17 -2.93 -7.65 -5.22
CA ASP C 17 -3.17 -7.52 -6.65
C ASP C 17 -3.67 -8.82 -7.25
N THR C 18 -2.88 -9.89 -7.07
CA THR C 18 -3.22 -11.20 -7.64
C THR C 18 -4.56 -11.69 -7.12
N SER C 19 -4.80 -11.58 -5.81
CA SER C 19 -6.06 -11.99 -5.21
C SER C 19 -7.24 -11.18 -5.75
N SER C 20 -7.27 -9.88 -5.45
CA SER C 20 -8.46 -9.08 -5.73
C SER C 20 -8.54 -8.59 -7.16
N THR C 21 -7.66 -9.01 -8.07
CA THR C 21 -7.90 -8.79 -9.49
C THR C 21 -7.85 -10.05 -10.33
N ILE C 22 -7.51 -11.20 -9.74
CA ILE C 22 -7.53 -12.43 -10.51
C ILE C 22 -8.47 -13.41 -9.83
N THR C 23 -8.17 -13.78 -8.58
CA THR C 23 -8.81 -14.95 -8.01
C THR C 23 -10.07 -14.65 -7.22
N ILE C 24 -10.25 -13.42 -6.74
CA ILE C 24 -11.54 -13.06 -6.15
C ILE C 24 -12.59 -12.75 -7.23
N PRO C 25 -12.31 -11.99 -8.32
CA PRO C 25 -13.36 -11.87 -9.34
C PRO C 25 -13.64 -13.16 -10.10
N ALA C 26 -12.62 -14.03 -10.29
CA ALA C 26 -12.90 -15.32 -10.91
C ALA C 26 -13.74 -16.21 -10.00
N ASN C 27 -13.58 -16.09 -8.69
CA ASN C 27 -14.41 -16.89 -7.81
C ASN C 27 -15.80 -16.29 -7.62
N ILE C 28 -15.97 -14.97 -7.69
CA ILE C 28 -17.32 -14.42 -7.69
C ILE C 28 -18.03 -14.75 -9.00
N GLY C 29 -17.29 -14.78 -10.11
CA GLY C 29 -17.88 -15.20 -11.36
C GLY C 29 -18.24 -16.67 -11.38
N LEU C 30 -17.37 -17.52 -10.85
CA LEU C 30 -17.69 -18.93 -10.73
C LEU C 30 -18.80 -19.17 -9.71
N LEU C 31 -18.95 -18.26 -8.75
CA LEU C 31 -20.07 -18.32 -7.81
C LEU C 31 -21.39 -18.02 -8.51
N GLY C 32 -21.40 -17.01 -9.38
CA GLY C 32 -22.59 -16.74 -10.17
C GLY C 32 -22.88 -17.84 -11.16
N SER C 33 -21.83 -18.48 -11.66
CA SER C 33 -21.98 -19.68 -12.48
C SER C 33 -22.67 -20.79 -11.71
N LYS C 34 -22.30 -20.97 -10.45
CA LYS C 34 -22.94 -22.01 -9.65
C LYS C 34 -24.37 -21.63 -9.27
N ILE C 35 -24.66 -20.34 -9.09
CA ILE C 35 -26.04 -19.86 -8.96
C ILE C 35 -26.87 -20.30 -10.15
N SER C 36 -26.40 -20.01 -11.36
CA SER C 36 -27.21 -20.30 -12.54
C SER C 36 -27.26 -21.78 -12.89
N GLN C 37 -26.16 -22.51 -12.73
CA GLN C 37 -26.16 -23.96 -12.94
C GLN C 37 -27.07 -24.64 -11.94
N SER C 38 -27.06 -24.18 -10.69
CA SER C 38 -27.95 -24.72 -9.68
C SER C 38 -29.40 -24.46 -10.03
N THR C 39 -29.72 -23.25 -10.48
CA THR C 39 -31.11 -22.93 -10.82
C THR C 39 -31.60 -23.73 -12.02
N ALA C 40 -30.74 -23.93 -13.01
CA ALA C 40 -31.09 -24.81 -14.12
C ALA C 40 -31.28 -26.25 -13.67
N SER C 41 -30.46 -26.71 -12.72
CA SER C 41 -30.59 -28.09 -12.24
C SER C 41 -31.86 -28.29 -11.43
N ILE C 42 -32.24 -27.32 -10.60
CA ILE C 42 -33.46 -27.50 -9.81
C ILE C 42 -34.68 -27.31 -10.68
N ASN C 43 -34.60 -26.47 -11.72
CA ASN C 43 -35.74 -26.35 -12.62
C ASN C 43 -35.93 -27.61 -13.44
N GLU C 44 -34.83 -28.28 -13.81
CA GLU C 44 -34.96 -29.57 -14.47
C GLU C 44 -35.50 -30.62 -13.51
N ASN C 45 -35.11 -30.54 -12.23
CA ASN C 45 -35.62 -31.47 -11.23
C ASN C 45 -37.10 -31.27 -10.97
N VAL C 46 -37.58 -30.02 -11.03
CA VAL C 46 -39.00 -29.76 -10.88
C VAL C 46 -39.76 -30.22 -12.12
N ASN C 47 -39.22 -29.95 -13.31
CA ASN C 47 -39.85 -30.40 -14.55
C ASN C 47 -39.84 -31.91 -14.71
N GLU C 48 -38.98 -32.63 -13.99
CA GLU C 48 -39.11 -34.09 -13.94
C GLU C 48 -40.05 -34.53 -12.82
N LYS C 49 -39.72 -34.18 -11.58
CA LYS C 49 -40.35 -34.76 -10.41
C LYS C 49 -41.59 -34.03 -9.95
N CYS C 50 -42.12 -33.13 -10.75
CA CYS C 50 -43.42 -32.56 -10.45
C CYS C 50 -44.33 -32.60 -11.68
N LYS C 51 -43.82 -33.03 -12.82
CA LYS C 51 -44.66 -33.28 -13.98
C LYS C 51 -45.48 -34.54 -13.70
N PHE C 52 -46.68 -34.35 -13.17
CA PHE C 52 -47.47 -35.46 -12.68
C PHE C 52 -48.23 -36.14 -13.81
N THR C 53 -48.68 -37.35 -13.53
CA THR C 53 -49.57 -38.10 -14.40
C THR C 53 -50.90 -38.31 -13.68
N LEU C 54 -51.81 -39.01 -14.35
CA LEU C 54 -53.14 -39.24 -13.83
C LEU C 54 -53.42 -40.74 -13.80
N PRO C 55 -53.97 -41.26 -12.70
CA PRO C 55 -54.26 -42.70 -12.59
C PRO C 55 -55.42 -43.16 -13.46
N GLY C 81 -35.88 -13.03 -17.76
CA GLY C 81 -34.44 -13.11 -18.00
C GLY C 81 -33.97 -12.24 -19.15
N VAL C 82 -32.81 -12.56 -19.71
CA VAL C 82 -32.26 -11.83 -20.84
C VAL C 82 -32.24 -12.76 -22.05
N SER C 83 -32.89 -12.36 -23.13
CA SER C 83 -32.78 -13.06 -24.39
C SER C 83 -32.67 -12.03 -25.50
N ASN C 84 -32.18 -12.47 -26.65
CA ASN C 84 -32.00 -11.59 -27.80
C ASN C 84 -33.36 -11.24 -28.42
N LEU C 85 -33.32 -10.32 -29.40
CA LEU C 85 -34.52 -9.89 -30.11
C LEU C 85 -35.17 -11.04 -30.87
N VAL C 86 -36.36 -11.43 -30.43
CA VAL C 86 -37.12 -12.49 -31.07
C VAL C 86 -38.41 -11.89 -31.61
N GLY C 87 -39.12 -12.68 -32.39
CA GLY C 87 -40.29 -12.19 -33.10
C GLY C 87 -41.50 -11.94 -32.23
N LEU C 88 -41.44 -10.93 -31.38
CA LEU C 88 -42.59 -10.43 -30.65
C LEU C 88 -42.69 -8.94 -30.90
N PRO C 89 -43.89 -8.40 -31.14
CA PRO C 89 -44.02 -6.97 -31.39
C PRO C 89 -43.76 -6.10 -30.17
N ASN C 90 -42.48 -5.91 -29.85
CA ASN C 90 -42.05 -5.06 -28.75
C ASN C 90 -42.05 -3.63 -29.28
N ASN C 91 -43.09 -2.86 -28.94
CA ASN C 91 -43.29 -1.56 -29.56
C ASN C 91 -42.32 -0.54 -29.00
N ILE C 92 -41.72 0.26 -29.90
CA ILE C 92 -40.76 1.29 -29.56
C ILE C 92 -41.19 2.59 -30.24
N CYS C 93 -40.43 3.65 -30.01
CA CYS C 93 -40.74 4.95 -30.59
C CYS C 93 -40.32 4.96 -32.06
N LEU C 94 -41.30 5.10 -32.95
CA LEU C 94 -41.05 5.09 -34.39
C LEU C 94 -41.21 6.46 -35.03
N GLN C 95 -41.27 7.51 -34.24
CA GLN C 95 -41.48 8.85 -34.76
C GLN C 95 -40.31 9.73 -34.37
N LYS C 96 -39.88 10.59 -35.30
CA LYS C 96 -38.74 11.46 -35.07
C LYS C 96 -39.10 12.54 -34.05
N THR C 97 -38.28 12.66 -33.01
CA THR C 97 -38.40 13.72 -32.04
C THR C 97 -37.06 14.42 -31.87
N SER C 98 -37.11 15.61 -31.28
CA SER C 98 -35.92 16.32 -30.87
C SER C 98 -35.73 16.30 -29.37
N ASN C 99 -36.71 15.80 -28.62
CA ASN C 99 -36.60 15.75 -27.18
C ASN C 99 -35.68 14.61 -26.76
N GLN C 100 -34.99 14.81 -25.64
CA GLN C 100 -34.06 13.80 -25.12
C GLN C 100 -34.90 12.70 -24.48
N ILE C 101 -35.30 11.73 -25.30
CA ILE C 101 -36.15 10.64 -24.81
C ILE C 101 -35.28 9.45 -24.44
N LEU C 102 -34.06 9.43 -24.94
CA LEU C 102 -33.13 8.36 -24.57
C LEU C 102 -32.36 8.77 -23.33
N LYS C 103 -32.11 7.80 -22.45
CA LYS C 103 -31.37 8.03 -21.21
C LYS C 103 -30.26 7.00 -21.11
N PRO C 104 -29.03 7.37 -21.44
CA PRO C 104 -27.92 6.41 -21.36
C PRO C 104 -27.55 6.11 -19.92
N LYS C 105 -27.08 4.88 -19.70
CA LYS C 105 -26.74 4.42 -18.36
C LYS C 105 -25.38 3.73 -18.40
N LEU C 106 -24.45 4.21 -17.58
CA LEU C 106 -23.14 3.58 -17.47
C LEU C 106 -23.27 2.25 -16.72
N ILE C 107 -22.87 1.16 -17.37
CA ILE C 107 -22.84 -0.14 -16.70
C ILE C 107 -21.45 -0.75 -16.84
N SER C 108 -20.46 0.09 -17.12
CA SER C 108 -19.09 -0.36 -17.33
C SER C 108 -18.37 -0.70 -16.04
N TYR C 109 -18.96 -0.39 -14.89
CA TYR C 109 -18.28 -0.52 -13.61
C TYR C 109 -18.15 -1.97 -13.15
N THR C 110 -18.96 -2.88 -13.67
CA THR C 110 -18.89 -4.28 -13.25
C THR C 110 -17.80 -5.08 -13.96
N LEU C 111 -17.06 -4.47 -14.87
CA LEU C 111 -16.06 -5.15 -15.66
C LEU C 111 -14.67 -4.70 -15.24
N PRO C 112 -13.58 -5.39 -15.71
CA PRO C 112 -12.23 -4.83 -15.62
C PRO C 112 -11.91 -3.78 -16.69
N VAL C 113 -12.83 -2.83 -16.87
CA VAL C 113 -12.58 -1.70 -17.75
C VAL C 113 -11.56 -0.76 -17.13
N VAL C 114 -11.81 -0.33 -15.90
CA VAL C 114 -11.05 0.76 -15.29
C VAL C 114 -9.77 0.17 -14.71
N GLY C 115 -8.68 0.29 -15.46
CA GLY C 115 -7.35 0.04 -14.94
C GLY C 115 -6.80 1.28 -14.26
N GLN C 116 -5.48 1.30 -14.11
CA GLN C 116 -4.83 2.48 -13.56
C GLN C 116 -4.64 3.54 -14.65
N SER C 117 -4.01 4.65 -14.29
CA SER C 117 -3.89 5.79 -15.18
C SER C 117 -2.82 5.61 -16.26
N GLY C 118 -2.02 4.55 -16.19
CA GLY C 118 -0.97 4.33 -17.15
C GLY C 118 -1.20 3.24 -18.16
N THR C 119 -2.43 2.73 -18.26
CA THR C 119 -2.76 1.66 -19.19
C THR C 119 -3.83 2.14 -20.15
N CYS C 120 -3.60 1.91 -21.45
CA CYS C 120 -4.61 2.17 -22.46
C CYS C 120 -5.22 0.83 -22.88
N ILE C 121 -6.54 0.81 -22.98
CA ILE C 121 -7.31 -0.42 -23.18
C ILE C 121 -7.80 -0.42 -24.61
N THR C 122 -7.11 -1.14 -25.49
CA THR C 122 -7.45 -1.15 -26.90
C THR C 122 -7.92 -2.53 -27.32
N ASP C 123 -8.29 -2.63 -28.60
CA ASP C 123 -8.69 -3.86 -29.27
C ASP C 123 -9.81 -4.59 -28.54
N PRO C 124 -11.00 -4.00 -28.42
CA PRO C 124 -12.02 -4.60 -27.56
C PRO C 124 -12.90 -5.57 -28.32
N LEU C 125 -13.92 -6.08 -27.63
CA LEU C 125 -14.86 -7.04 -28.18
C LEU C 125 -16.07 -7.01 -27.27
N LEU C 126 -17.25 -7.23 -27.86
CA LEU C 126 -18.47 -7.37 -27.09
C LEU C 126 -19.45 -8.11 -27.98
N ALA C 127 -19.90 -9.28 -27.55
CA ALA C 127 -20.55 -10.23 -28.45
C ALA C 127 -21.62 -11.03 -27.71
N MET C 128 -22.88 -10.62 -27.87
CA MET C 128 -23.97 -11.15 -27.06
C MET C 128 -24.88 -12.03 -27.90
N ASP C 129 -25.31 -13.15 -27.32
CA ASP C 129 -26.31 -14.01 -27.96
C ASP C 129 -26.93 -14.86 -26.87
N GLU C 130 -28.26 -14.73 -26.69
CA GLU C 130 -29.05 -15.46 -25.71
C GLU C 130 -28.57 -15.21 -24.28
N GLY C 131 -28.15 -13.98 -24.01
CA GLY C 131 -27.87 -13.56 -22.66
C GLY C 131 -26.44 -13.77 -22.19
N TYR C 132 -25.60 -14.42 -22.98
CA TYR C 132 -24.25 -14.76 -22.55
C TYR C 132 -23.25 -14.04 -23.44
N PHE C 133 -22.60 -13.03 -22.89
CA PHE C 133 -21.79 -12.15 -23.70
C PHE C 133 -20.37 -12.69 -23.86
N ALA C 134 -19.52 -11.86 -24.45
CA ALA C 134 -18.09 -12.05 -24.39
C ALA C 134 -17.47 -10.67 -24.28
N TYR C 135 -16.23 -10.64 -23.82
CA TYR C 135 -15.53 -9.38 -23.64
C TYR C 135 -14.05 -9.67 -23.65
N SER C 136 -13.34 -9.06 -24.58
CA SER C 136 -11.89 -9.13 -24.55
C SER C 136 -11.36 -7.72 -24.69
N HIS C 137 -10.13 -7.52 -24.24
CA HIS C 137 -9.46 -6.25 -24.43
C HIS C 137 -7.97 -6.47 -24.28
N LEU C 138 -7.19 -5.72 -25.05
CA LEU C 138 -5.74 -5.80 -25.01
C LEU C 138 -5.24 -4.64 -24.17
N GLU C 139 -4.86 -4.93 -22.94
CA GLU C 139 -4.40 -3.91 -22.01
C GLU C 139 -2.95 -3.57 -22.34
N ARG C 140 -2.69 -2.31 -22.68
CA ARG C 140 -1.35 -1.87 -23.01
C ARG C 140 -0.74 -1.09 -21.86
N ILE C 141 0.47 -0.60 -22.08
CA ILE C 141 1.22 0.15 -21.07
C ILE C 141 1.58 1.49 -21.68
N GLY C 142 1.01 2.57 -21.12
CA GLY C 142 1.36 3.90 -21.56
C GLY C 142 0.52 4.42 -22.71
N SER C 143 1.16 4.62 -23.86
CA SER C 143 0.45 5.15 -25.01
C SER C 143 -0.36 4.04 -25.67
N CYS C 144 -1.41 4.45 -26.39
CA CYS C 144 -2.36 3.49 -26.95
C CYS C 144 -1.81 2.77 -28.17
N SER C 145 -0.76 3.29 -28.80
CA SER C 145 -0.26 2.72 -30.04
C SER C 145 1.05 1.97 -29.86
N ARG C 146 2.07 2.62 -29.29
CA ARG C 146 3.38 2.01 -29.19
C ARG C 146 3.63 1.34 -27.85
N GLY C 147 2.59 1.20 -27.03
CA GLY C 147 2.77 0.58 -25.73
C GLY C 147 3.05 -0.91 -25.83
N VAL C 148 3.47 -1.45 -24.71
CA VAL C 148 3.72 -2.89 -24.60
C VAL C 148 2.44 -3.55 -24.11
N SER C 149 2.06 -4.65 -24.77
CA SER C 149 0.85 -5.37 -24.41
C SER C 149 1.03 -6.05 -23.06
N LYS C 150 0.28 -5.59 -22.05
CA LYS C 150 0.40 -6.11 -20.70
C LYS C 150 -0.27 -7.48 -20.58
N GLN C 151 -1.56 -7.56 -20.88
CA GLN C 151 -2.27 -8.82 -20.90
C GLN C 151 -3.41 -8.72 -21.90
N ARG C 152 -4.09 -9.84 -22.12
CA ARG C 152 -5.31 -9.87 -22.92
C ARG C 152 -6.35 -10.71 -22.21
N ILE C 153 -7.23 -10.06 -21.45
CA ILE C 153 -8.41 -10.73 -20.93
C ILE C 153 -9.28 -11.14 -22.11
N ILE C 154 -9.80 -12.37 -22.08
CA ILE C 154 -10.84 -12.83 -23.00
C ILE C 154 -11.86 -13.53 -22.13
N GLY C 155 -12.96 -12.86 -21.84
CA GLY C 155 -13.83 -13.42 -20.83
C GLY C 155 -15.31 -13.35 -21.08
N VAL C 156 -15.97 -14.49 -21.02
CA VAL C 156 -17.40 -14.59 -21.26
C VAL C 156 -18.13 -14.41 -19.94
N GLY C 157 -19.44 -14.23 -19.99
CA GLY C 157 -20.18 -14.03 -18.77
C GLY C 157 -21.67 -14.17 -18.91
N GLU C 158 -22.43 -13.35 -18.19
CA GLU C 158 -23.88 -13.35 -18.26
C GLU C 158 -24.39 -11.92 -18.23
N VAL C 159 -25.35 -11.63 -19.09
CA VAL C 159 -26.05 -10.35 -19.04
C VAL C 159 -27.21 -10.53 -18.08
N LEU C 160 -27.36 -9.60 -17.15
CA LEU C 160 -28.25 -9.76 -16.02
C LEU C 160 -29.26 -8.63 -15.97
N ASP C 161 -29.91 -8.52 -14.82
CA ASP C 161 -30.68 -7.35 -14.44
C ASP C 161 -30.28 -6.99 -13.01
N ARG C 162 -29.92 -5.74 -12.79
CA ARG C 162 -29.70 -5.23 -11.44
C ARG C 162 -31.06 -4.87 -10.84
N GLY C 163 -31.06 -4.24 -9.66
CA GLY C 163 -32.31 -4.01 -8.97
C GLY C 163 -33.18 -2.88 -9.49
N ASP C 164 -32.95 -2.38 -10.71
CA ASP C 164 -33.69 -1.25 -11.23
C ASP C 164 -34.23 -1.50 -12.64
N GLU C 165 -34.47 -2.77 -12.99
CA GLU C 165 -34.89 -3.20 -14.34
C GLU C 165 -33.88 -2.78 -15.42
N VAL C 166 -32.60 -2.76 -15.08
CA VAL C 166 -31.54 -2.23 -15.93
C VAL C 166 -30.49 -3.33 -16.10
N PRO C 167 -30.08 -3.66 -17.33
CA PRO C 167 -29.10 -4.74 -17.50
C PRO C 167 -27.70 -4.31 -17.10
N SER C 168 -26.86 -5.30 -16.87
CA SER C 168 -25.48 -5.11 -16.44
C SER C 168 -24.74 -6.43 -16.64
N LEU C 169 -23.45 -6.33 -16.90
CA LEU C 169 -22.69 -7.52 -17.23
C LEU C 169 -22.15 -8.19 -15.98
N PHE C 170 -21.80 -9.46 -16.13
CA PHE C 170 -21.34 -10.26 -15.00
C PHE C 170 -20.44 -11.35 -15.56
N MET C 171 -19.13 -11.13 -15.52
CA MET C 171 -18.19 -12.08 -16.10
C MET C 171 -18.05 -13.29 -15.19
N THR C 172 -18.33 -14.47 -15.74
CA THR C 172 -18.13 -15.70 -15.00
C THR C 172 -16.77 -16.31 -15.28
N ASN C 173 -16.43 -16.52 -16.55
CA ASN C 173 -15.22 -17.22 -16.95
C ASN C 173 -14.29 -16.22 -17.61
N VAL C 174 -13.04 -16.15 -17.16
CA VAL C 174 -12.05 -15.23 -17.68
C VAL C 174 -10.79 -16.02 -18.01
N TRP C 175 -10.28 -15.85 -19.22
CA TRP C 175 -9.08 -16.53 -19.68
C TRP C 175 -8.13 -15.52 -20.30
N THR C 176 -6.84 -15.76 -20.13
CA THR C 176 -5.80 -14.98 -20.79
C THR C 176 -4.84 -15.92 -21.52
N PRO C 177 -4.45 -15.59 -22.75
CA PRO C 177 -3.48 -16.43 -23.44
C PRO C 177 -2.10 -16.27 -22.82
N PRO C 178 -1.23 -17.27 -22.97
CA PRO C 178 0.10 -17.15 -22.35
C PRO C 178 1.01 -16.13 -23.02
N ASN C 179 0.77 -15.81 -24.29
CA ASN C 179 1.64 -14.90 -25.04
C ASN C 179 0.76 -13.78 -25.61
N PRO C 180 0.60 -12.68 -24.88
CA PRO C 180 -0.38 -11.66 -25.28
C PRO C 180 0.00 -10.88 -26.52
N ASN C 181 1.25 -10.95 -26.96
CA ASN C 181 1.66 -10.26 -28.17
C ASN C 181 1.29 -11.02 -29.44
N THR C 182 0.77 -12.25 -29.32
CA THR C 182 0.51 -13.08 -30.49
C THR C 182 -0.95 -13.48 -30.60
N VAL C 183 -1.86 -12.66 -30.09
CA VAL C 183 -3.29 -12.92 -30.21
C VAL C 183 -3.94 -11.66 -30.77
N TYR C 184 -4.37 -11.73 -32.03
CA TYR C 184 -4.90 -10.58 -32.73
C TYR C 184 -6.25 -10.91 -33.35
N HIS C 185 -7.17 -9.93 -33.28
CA HIS C 185 -8.42 -9.90 -34.04
C HIS C 185 -9.31 -11.11 -33.71
N CYS C 186 -9.78 -11.13 -32.47
CA CYS C 186 -10.63 -12.22 -32.01
C CYS C 186 -12.08 -12.00 -32.45
N SER C 187 -12.76 -13.09 -32.78
CA SER C 187 -14.18 -13.07 -33.07
C SER C 187 -14.86 -14.15 -32.26
N ALA C 188 -16.07 -13.89 -31.77
CA ALA C 188 -16.58 -14.59 -30.60
C ALA C 188 -18.06 -14.90 -30.73
N VAL C 189 -18.40 -16.16 -30.88
CA VAL C 189 -19.76 -16.59 -31.14
C VAL C 189 -20.23 -17.51 -30.03
N TYR C 190 -21.41 -17.23 -29.49
CA TYR C 190 -22.06 -18.11 -28.53
C TYR C 190 -22.51 -19.38 -29.22
N ASN C 191 -22.36 -20.51 -28.52
CA ASN C 191 -22.83 -21.78 -29.06
C ASN C 191 -23.18 -22.73 -27.91
N ASN C 192 -24.47 -22.75 -27.56
CA ASN C 192 -25.13 -23.81 -26.79
C ASN C 192 -24.47 -24.01 -25.43
N GLU C 193 -24.53 -22.96 -24.62
CA GLU C 193 -23.95 -22.89 -23.27
C GLU C 193 -22.45 -23.09 -23.26
N PHE C 194 -21.81 -22.82 -24.39
CA PHE C 194 -20.37 -22.64 -24.46
C PHE C 194 -20.14 -21.38 -25.24
N TYR C 195 -18.88 -21.00 -25.38
CA TYR C 195 -18.60 -19.77 -26.11
C TYR C 195 -17.30 -19.96 -26.86
N TYR C 196 -17.35 -19.81 -28.17
CA TYR C 196 -16.24 -20.19 -29.03
C TYR C 196 -15.63 -18.91 -29.60
N VAL C 197 -14.39 -18.62 -29.23
CA VAL C 197 -13.72 -17.37 -29.58
C VAL C 197 -12.53 -17.70 -30.47
N LEU C 198 -12.51 -17.15 -31.68
CA LEU C 198 -11.50 -17.47 -32.69
C LEU C 198 -10.62 -16.25 -32.93
N CYS C 199 -9.31 -16.43 -32.80
CA CYS C 199 -8.34 -15.35 -32.92
C CYS C 199 -7.32 -15.70 -33.99
N ALA C 200 -6.26 -14.90 -34.10
CA ALA C 200 -5.20 -15.12 -35.06
C ALA C 200 -3.84 -15.10 -34.38
N VAL C 201 -3.15 -16.23 -34.40
CA VAL C 201 -1.77 -16.30 -33.91
C VAL C 201 -0.88 -15.55 -34.88
N SER C 202 -0.06 -14.66 -34.36
CA SER C 202 0.81 -13.85 -35.21
C SER C 202 2.06 -13.48 -34.43
N THR C 203 3.18 -14.04 -34.82
CA THR C 203 4.45 -13.68 -34.17
C THR C 203 5.12 -12.49 -34.84
N VAL C 204 4.58 -11.99 -35.94
CA VAL C 204 5.25 -10.96 -36.74
C VAL C 204 4.41 -9.71 -36.80
N GLY C 205 3.61 -9.47 -35.77
CA GLY C 205 2.81 -8.26 -35.72
C GLY C 205 1.43 -8.49 -36.26
N ASP C 206 0.73 -7.38 -36.46
CA ASP C 206 -0.68 -7.41 -36.84
C ASP C 206 -0.83 -7.90 -38.27
N PRO C 207 -1.57 -8.99 -38.52
CA PRO C 207 -1.56 -9.61 -39.85
C PRO C 207 -2.21 -8.78 -40.95
N ILE C 208 -2.99 -7.77 -40.60
CA ILE C 208 -3.40 -6.79 -41.60
C ILE C 208 -2.19 -6.03 -42.13
N LEU C 209 -1.26 -5.71 -41.23
CA LEU C 209 -0.14 -4.84 -41.56
C LEU C 209 1.03 -5.63 -42.14
N ASN C 210 1.54 -6.61 -41.40
CA ASN C 210 2.64 -7.44 -41.86
C ASN C 210 2.08 -8.71 -42.49
N SER C 211 1.35 -8.51 -43.59
CA SER C 211 0.55 -9.55 -44.20
C SER C 211 1.37 -10.53 -45.03
N THR C 212 2.46 -10.07 -45.64
CA THR C 212 3.28 -10.97 -46.45
C THR C 212 4.08 -11.94 -45.60
N TYR C 213 4.36 -11.59 -44.35
CA TYR C 213 5.15 -12.43 -43.48
C TYR C 213 4.32 -13.11 -42.39
N TRP C 214 3.00 -12.96 -42.41
CA TRP C 214 2.18 -13.59 -41.39
C TRP C 214 2.15 -15.09 -41.61
N SER C 215 2.25 -15.83 -40.50
CA SER C 215 2.42 -17.28 -40.59
C SER C 215 1.17 -18.00 -41.10
N GLY C 216 0.02 -17.34 -41.10
CA GLY C 216 -1.20 -17.96 -41.57
C GLY C 216 -1.68 -19.03 -40.63
N SER C 217 -1.84 -18.71 -39.35
CA SER C 217 -2.22 -19.69 -38.35
C SER C 217 -3.25 -19.06 -37.42
N LEU C 218 -4.29 -19.82 -37.11
CA LEU C 218 -5.33 -19.35 -36.21
C LEU C 218 -5.33 -20.21 -34.96
N MET C 219 -6.09 -19.76 -33.97
CA MET C 219 -6.38 -20.62 -32.83
C MET C 219 -7.76 -20.27 -32.30
N MET C 220 -8.52 -21.30 -31.94
CA MET C 220 -9.84 -21.13 -31.36
C MET C 220 -9.79 -21.51 -29.89
N THR C 221 -10.39 -20.69 -29.05
CA THR C 221 -10.44 -20.93 -27.61
C THR C 221 -11.89 -21.05 -27.19
N ARG C 222 -12.33 -22.26 -26.85
CA ARG C 222 -13.67 -22.40 -26.32
C ARG C 222 -13.70 -21.90 -24.89
N LEU C 223 -14.77 -21.21 -24.53
CA LEU C 223 -15.04 -20.86 -23.15
C LEU C 223 -16.42 -21.36 -22.80
N ALA C 224 -16.67 -21.55 -21.51
CA ALA C 224 -17.97 -21.94 -21.03
C ALA C 224 -18.57 -20.76 -20.28
N VAL C 225 -19.78 -20.36 -20.68
CA VAL C 225 -20.46 -19.26 -20.04
C VAL C 225 -20.99 -19.64 -18.68
N LYS C 226 -21.04 -20.93 -18.36
CA LYS C 226 -21.34 -21.41 -17.01
C LYS C 226 -20.22 -22.35 -16.59
N PRO C 227 -19.10 -21.82 -16.10
CA PRO C 227 -17.99 -22.67 -15.70
C PRO C 227 -18.29 -23.42 -14.41
N LYS C 228 -17.42 -24.38 -14.12
CA LYS C 228 -17.57 -25.27 -13.00
C LYS C 228 -16.33 -25.19 -12.11
N SER C 229 -16.34 -25.96 -11.03
CA SER C 229 -15.29 -25.87 -10.02
C SER C 229 -13.97 -26.41 -10.55
N ASN C 230 -13.98 -27.63 -11.06
CA ASN C 230 -12.77 -28.26 -11.57
C ASN C 230 -12.90 -28.58 -13.05
N GLY C 231 -13.53 -27.70 -13.81
CA GLY C 231 -13.66 -27.89 -15.23
C GLY C 231 -12.42 -27.45 -15.97
N GLY C 232 -11.37 -28.26 -15.91
CA GLY C 232 -10.12 -27.95 -16.58
C GLY C 232 -10.26 -27.98 -18.09
N GLY C 233 -10.47 -29.17 -18.64
CA GLY C 233 -10.71 -29.30 -20.06
C GLY C 233 -12.10 -28.93 -20.50
N TYR C 234 -12.96 -28.55 -19.56
CA TYR C 234 -14.32 -28.11 -19.83
C TYR C 234 -14.40 -26.62 -20.14
N ASN C 235 -13.72 -25.80 -19.35
CA ASN C 235 -13.85 -24.34 -19.51
C ASN C 235 -13.03 -23.86 -20.69
N GLN C 236 -11.71 -24.01 -20.63
CA GLN C 236 -10.84 -23.51 -21.69
C GLN C 236 -10.16 -24.69 -22.38
N HIS C 237 -10.79 -25.20 -23.44
CA HIS C 237 -10.17 -26.24 -24.26
C HIS C 237 -9.83 -25.60 -25.60
N GLN C 238 -8.68 -24.95 -25.65
CA GLN C 238 -8.23 -24.19 -26.82
C GLN C 238 -7.94 -25.15 -27.95
N LEU C 239 -8.86 -25.21 -28.92
CA LEU C 239 -8.79 -26.19 -29.99
C LEU C 239 -7.68 -25.82 -30.97
N ALA C 240 -7.22 -26.83 -31.70
CA ALA C 240 -6.34 -26.60 -32.83
C ALA C 240 -7.18 -26.51 -34.10
N LEU C 241 -6.59 -25.91 -35.13
CA LEU C 241 -7.21 -25.78 -36.45
C LEU C 241 -6.20 -26.27 -37.47
N ARG C 242 -6.29 -27.56 -37.80
CA ARG C 242 -5.34 -28.18 -38.71
C ARG C 242 -5.83 -28.20 -40.15
N SER C 243 -6.96 -27.55 -40.45
CA SER C 243 -7.49 -27.53 -41.81
C SER C 243 -8.37 -26.29 -41.96
N ILE C 244 -7.94 -25.35 -42.79
CA ILE C 244 -8.69 -24.12 -43.07
C ILE C 244 -9.04 -24.15 -44.55
N GLU C 245 -10.34 -24.16 -44.87
CA GLU C 245 -10.77 -24.10 -46.26
C GLU C 245 -10.76 -22.64 -46.69
N LYS C 246 -9.73 -22.27 -47.44
CA LYS C 246 -9.55 -20.90 -47.90
C LYS C 246 -10.14 -20.70 -49.30
N GLY C 247 -9.64 -21.44 -50.28
CA GLY C 247 -10.08 -21.28 -51.65
C GLY C 247 -9.08 -20.55 -52.50
N ARG C 248 -9.51 -19.43 -53.10
CA ARG C 248 -8.57 -18.58 -53.83
C ARG C 248 -7.64 -17.84 -52.89
N TYR C 249 -8.09 -17.61 -51.67
CA TYR C 249 -7.44 -16.68 -50.77
C TYR C 249 -6.18 -17.28 -50.18
N ASP C 250 -5.13 -16.48 -50.10
CA ASP C 250 -3.85 -17.00 -49.63
C ASP C 250 -3.89 -17.24 -48.13
N LYS C 251 -4.45 -16.29 -47.38
CA LYS C 251 -4.54 -16.38 -45.93
C LYS C 251 -5.95 -15.99 -45.52
N VAL C 252 -6.39 -16.46 -44.35
CA VAL C 252 -7.70 -16.12 -43.81
C VAL C 252 -7.55 -15.77 -42.34
N MET C 253 -8.10 -14.63 -41.93
CA MET C 253 -8.06 -14.14 -40.56
C MET C 253 -9.45 -13.70 -40.13
N PRO C 254 -9.87 -14.06 -38.91
CA PRO C 254 -11.15 -13.56 -38.41
C PRO C 254 -11.02 -12.11 -38.00
N TYR C 255 -12.08 -11.34 -38.24
CA TYR C 255 -11.93 -9.89 -38.24
C TYR C 255 -13.29 -9.28 -37.96
N GLY C 256 -13.52 -8.89 -36.71
CA GLY C 256 -14.81 -8.38 -36.30
C GLY C 256 -15.24 -8.96 -34.97
N PRO C 257 -16.09 -8.25 -34.23
CA PRO C 257 -16.43 -8.71 -32.87
C PRO C 257 -17.33 -9.93 -32.73
N SER C 258 -18.50 -9.98 -33.36
CA SER C 258 -19.47 -11.02 -33.02
C SER C 258 -19.91 -11.78 -34.25
N GLY C 259 -20.61 -12.88 -34.00
CA GLY C 259 -21.14 -13.72 -35.07
C GLY C 259 -22.45 -14.37 -34.73
N ILE C 260 -22.87 -15.34 -35.54
CA ILE C 260 -24.11 -16.07 -35.35
C ILE C 260 -23.81 -17.55 -35.26
N LYS C 261 -24.80 -18.31 -34.83
CA LYS C 261 -24.79 -19.75 -34.97
C LYS C 261 -26.01 -20.20 -35.75
N GLN C 262 -25.82 -21.19 -36.61
CA GLN C 262 -26.92 -21.88 -37.29
C GLN C 262 -26.87 -23.32 -36.80
N GLY C 263 -27.52 -23.57 -35.66
CA GLY C 263 -27.48 -24.87 -35.04
C GLY C 263 -26.11 -25.22 -34.50
N ASP C 264 -25.44 -26.15 -35.17
CA ASP C 264 -24.07 -26.50 -34.80
C ASP C 264 -23.03 -25.73 -35.58
N THR C 265 -23.46 -24.81 -36.44
CA THR C 265 -22.55 -24.14 -37.36
C THR C 265 -22.34 -22.70 -36.94
N LEU C 266 -21.08 -22.33 -36.71
CA LEU C 266 -20.71 -20.98 -36.31
C LEU C 266 -20.36 -20.14 -37.52
N TYR C 267 -20.44 -18.82 -37.37
CA TYR C 267 -20.07 -17.93 -38.46
C TYR C 267 -19.26 -16.76 -37.91
N PHE C 268 -17.96 -16.95 -37.85
CA PHE C 268 -17.07 -15.88 -37.42
C PHE C 268 -16.87 -14.90 -38.57
N PRO C 269 -16.97 -13.60 -38.33
CA PRO C 269 -16.67 -12.62 -39.37
C PRO C 269 -15.18 -12.59 -39.65
N ALA C 270 -14.82 -12.35 -40.91
CA ALA C 270 -13.44 -12.59 -41.29
C ALA C 270 -13.00 -11.68 -42.41
N VAL C 271 -11.82 -11.99 -42.94
CA VAL C 271 -11.25 -11.31 -44.09
C VAL C 271 -10.29 -12.30 -44.73
N GLY C 272 -10.09 -12.18 -46.03
CA GLY C 272 -9.26 -13.14 -46.74
C GLY C 272 -8.23 -12.48 -47.60
N PHE C 273 -6.96 -12.81 -47.38
CA PHE C 273 -5.86 -12.07 -48.01
C PHE C 273 -5.68 -12.61 -49.43
N LEU C 274 -6.32 -11.95 -50.38
CA LEU C 274 -6.19 -12.35 -51.78
C LEU C 274 -5.02 -11.63 -52.42
N VAL C 275 -4.20 -12.39 -53.15
CA VAL C 275 -3.10 -11.81 -53.92
C VAL C 275 -3.68 -10.90 -54.99
N ARG C 276 -3.07 -9.71 -55.16
CA ARG C 276 -3.65 -8.69 -56.02
C ARG C 276 -3.63 -9.09 -57.49
N THR C 277 -2.63 -9.86 -57.91
CA THR C 277 -2.57 -10.32 -59.29
C THR C 277 -3.68 -11.31 -59.62
N GLU C 278 -4.22 -12.00 -58.62
CA GLU C 278 -5.37 -12.88 -58.82
C GLU C 278 -6.69 -12.13 -58.75
N PHE C 279 -6.73 -10.98 -58.08
CA PHE C 279 -7.96 -10.22 -57.91
C PHE C 279 -8.43 -9.64 -59.23
N LYS C 280 -9.62 -10.02 -59.65
CA LYS C 280 -10.19 -9.64 -60.94
C LYS C 280 -11.40 -8.77 -60.68
N TYR C 281 -11.37 -7.54 -61.17
CA TYR C 281 -12.43 -6.58 -60.89
C TYR C 281 -12.69 -5.74 -62.14
N ASN C 282 -13.95 -5.50 -62.41
CA ASN C 282 -14.37 -4.74 -63.59
C ASN C 282 -14.45 -3.27 -63.18
N ASP C 283 -13.59 -2.44 -63.77
CA ASP C 283 -13.49 -1.04 -63.40
C ASP C 283 -14.69 -0.21 -63.83
N SER C 284 -15.54 -0.73 -64.72
CA SER C 284 -16.78 -0.04 -65.07
C SER C 284 -17.77 -0.01 -63.92
N ASN C 285 -17.64 -0.91 -62.96
CA ASN C 285 -18.53 -0.95 -61.81
C ASN C 285 -18.20 0.09 -60.75
N CYS C 286 -17.10 0.81 -60.89
CA CYS C 286 -16.71 1.81 -59.90
C CYS C 286 -17.56 3.06 -60.07
N PRO C 287 -18.41 3.41 -59.10
CA PRO C 287 -19.42 4.46 -59.34
C PRO C 287 -18.86 5.88 -59.38
N ILE C 288 -18.34 6.26 -60.54
CA ILE C 288 -17.81 7.59 -60.76
C ILE C 288 -18.83 8.51 -61.44
N THR C 289 -20.11 8.17 -61.34
CA THR C 289 -21.13 8.89 -62.12
C THR C 289 -21.35 10.30 -61.60
N LYS C 290 -21.63 10.42 -60.30
CA LYS C 290 -21.95 11.71 -59.70
C LYS C 290 -20.71 12.47 -59.25
N CYS C 291 -19.52 11.89 -59.40
CA CYS C 291 -18.31 12.44 -58.81
C CYS C 291 -17.25 12.62 -59.88
N GLN C 292 -16.52 13.73 -59.82
CA GLN C 292 -15.54 14.05 -60.85
C GLN C 292 -14.10 13.87 -60.42
N TYR C 293 -13.82 13.86 -59.12
CA TYR C 293 -12.45 13.72 -58.64
C TYR C 293 -12.03 12.27 -58.44
N SER C 294 -12.66 11.34 -59.16
CA SER C 294 -12.43 9.92 -58.95
C SER C 294 -12.25 9.23 -60.29
N LYS C 295 -11.10 8.59 -60.48
CA LYS C 295 -10.92 7.70 -61.60
C LYS C 295 -11.78 6.45 -61.40
N PRO C 296 -12.05 5.69 -62.46
CA PRO C 296 -12.62 4.35 -62.27
C PRO C 296 -11.59 3.29 -61.89
N GLU C 297 -10.39 3.71 -61.48
CA GLU C 297 -9.30 2.83 -61.12
C GLU C 297 -9.03 2.88 -59.63
N ASN C 298 -9.86 3.62 -58.87
CA ASN C 298 -9.73 3.70 -57.43
C ASN C 298 -10.42 2.57 -56.70
N CYS C 299 -11.54 2.07 -57.22
CA CYS C 299 -12.30 1.02 -56.56
C CYS C 299 -11.55 -0.30 -56.50
N ARG C 300 -10.62 -0.54 -57.41
CA ARG C 300 -9.77 -1.72 -57.31
C ARG C 300 -8.63 -1.50 -56.33
N LEU C 301 -8.02 -0.31 -56.37
CA LEU C 301 -6.82 -0.08 -55.59
C LEU C 301 -7.11 0.19 -54.12
N SER C 302 -8.32 0.63 -53.78
CA SER C 302 -8.67 0.81 -52.37
C SER C 302 -9.14 -0.47 -51.71
N MET C 303 -9.07 -1.60 -52.41
CA MET C 303 -9.36 -2.90 -51.82
C MET C 303 -8.24 -3.42 -50.95
N GLY C 304 -7.05 -2.83 -51.04
CA GLY C 304 -5.97 -3.10 -50.12
C GLY C 304 -5.70 -1.85 -49.31
N ILE C 305 -4.89 -2.02 -48.27
CA ILE C 305 -4.63 -0.89 -47.37
C ILE C 305 -3.71 0.13 -48.00
N ARG C 306 -3.03 -0.22 -49.10
CA ARG C 306 -2.10 0.63 -49.78
C ARG C 306 -2.16 0.19 -51.23
N PRO C 307 -2.25 1.11 -52.19
CA PRO C 307 -2.54 0.71 -53.58
C PRO C 307 -1.43 -0.04 -54.30
N ASN C 308 -0.31 -0.33 -53.65
CA ASN C 308 0.65 -1.29 -54.21
C ASN C 308 0.87 -2.47 -53.27
N SER C 309 -0.08 -2.75 -52.38
CA SER C 309 0.11 -3.84 -51.44
C SER C 309 -0.04 -5.19 -52.14
N HIS C 310 0.61 -6.19 -51.56
CA HIS C 310 0.60 -7.52 -52.15
C HIS C 310 -0.72 -8.23 -51.95
N TYR C 311 -1.47 -7.91 -50.89
CA TYR C 311 -2.72 -8.59 -50.60
C TYR C 311 -3.89 -7.62 -50.62
N ILE C 312 -5.09 -8.19 -50.68
CA ILE C 312 -6.35 -7.46 -50.78
C ILE C 312 -7.34 -8.03 -49.77
N LEU C 313 -7.95 -7.14 -48.99
CA LEU C 313 -8.80 -7.53 -47.87
C LEU C 313 -10.22 -7.74 -48.39
N ARG C 314 -10.70 -8.96 -48.32
CA ARG C 314 -12.04 -9.31 -48.80
C ARG C 314 -12.81 -9.90 -47.63
N SER C 315 -13.73 -9.12 -47.07
CA SER C 315 -14.45 -9.53 -45.86
C SER C 315 -15.39 -10.70 -46.16
N GLY C 316 -15.82 -11.38 -45.11
CA GLY C 316 -16.65 -12.55 -45.31
C GLY C 316 -17.11 -13.23 -44.04
N LEU C 317 -17.10 -14.55 -44.02
CA LEU C 317 -17.51 -15.32 -42.86
C LEU C 317 -16.63 -16.55 -42.70
N LEU C 318 -16.73 -17.19 -41.54
CA LEU C 318 -16.04 -18.45 -41.25
C LEU C 318 -17.07 -19.48 -40.79
N LYS C 319 -17.56 -20.27 -41.75
CA LYS C 319 -18.44 -21.39 -41.45
C LYS C 319 -17.69 -22.43 -40.64
N TYR C 320 -18.03 -22.55 -39.37
CA TYR C 320 -17.43 -23.53 -38.48
C TYR C 320 -18.55 -24.42 -37.97
N ASN C 321 -18.78 -25.53 -38.68
CA ASN C 321 -19.77 -26.51 -38.29
C ASN C 321 -19.11 -27.47 -37.29
N LEU C 322 -19.76 -27.68 -36.15
CA LEU C 322 -19.21 -28.59 -35.16
C LEU C 322 -19.44 -30.06 -35.50
N SER C 323 -20.21 -30.35 -36.54
CA SER C 323 -20.54 -31.71 -36.91
C SER C 323 -19.48 -32.38 -37.79
N ASP C 324 -18.26 -31.85 -37.84
CA ASP C 324 -17.21 -32.45 -38.65
C ASP C 324 -16.34 -33.42 -37.89
N GLY C 325 -16.59 -33.63 -36.61
CA GLY C 325 -15.81 -34.55 -35.81
C GLY C 325 -14.94 -33.86 -34.79
N GLU C 326 -13.84 -34.52 -34.45
CA GLU C 326 -12.93 -33.97 -33.45
C GLU C 326 -12.11 -32.80 -33.99
N ASN C 327 -11.80 -32.82 -35.28
CA ASN C 327 -10.97 -31.79 -35.91
C ASN C 327 -11.78 -31.16 -37.04
N PRO C 328 -12.57 -30.14 -36.74
CA PRO C 328 -13.42 -29.51 -37.77
C PRO C 328 -12.58 -28.64 -38.70
N LYS C 329 -13.25 -28.06 -39.69
CA LYS C 329 -12.59 -27.23 -40.68
C LYS C 329 -13.23 -25.84 -40.70
N VAL C 330 -12.38 -24.82 -40.64
CA VAL C 330 -12.82 -23.44 -40.71
C VAL C 330 -12.86 -23.05 -42.18
N VAL C 331 -14.07 -22.86 -42.71
CA VAL C 331 -14.29 -22.62 -44.13
C VAL C 331 -14.49 -21.14 -44.32
N PHE C 332 -13.75 -20.52 -45.23
CA PHE C 332 -13.93 -19.11 -45.50
C PHE C 332 -14.96 -18.91 -46.59
N ILE C 333 -16.04 -18.22 -46.25
CA ILE C 333 -17.04 -17.78 -47.20
C ILE C 333 -16.74 -16.33 -47.56
N GLU C 334 -16.57 -16.04 -48.84
CA GLU C 334 -16.34 -14.67 -49.23
C GLU C 334 -17.66 -13.91 -49.31
N ILE C 335 -17.57 -12.61 -49.43
CA ILE C 335 -18.76 -11.77 -49.52
C ILE C 335 -19.11 -11.59 -50.99
N SER C 336 -20.39 -11.29 -51.25
CA SER C 336 -20.81 -10.91 -52.59
C SER C 336 -20.21 -9.56 -52.95
N ASP C 337 -19.93 -9.39 -54.24
CA ASP C 337 -19.27 -8.20 -54.74
C ASP C 337 -20.19 -7.01 -54.92
N GLN C 338 -21.44 -7.08 -54.48
CA GLN C 338 -22.33 -5.93 -54.60
C GLN C 338 -22.06 -4.96 -53.46
N ARG C 339 -21.76 -3.71 -53.82
CA ARG C 339 -21.26 -2.67 -52.91
C ARG C 339 -20.03 -3.19 -52.16
N LEU C 340 -19.01 -3.49 -52.94
CA LEU C 340 -17.79 -4.09 -52.45
C LEU C 340 -16.75 -3.03 -52.13
N SER C 341 -16.22 -3.07 -50.91
CA SER C 341 -15.06 -2.28 -50.54
C SER C 341 -14.16 -3.17 -49.71
N ILE C 342 -13.21 -2.53 -49.01
CA ILE C 342 -12.13 -3.24 -48.35
C ILE C 342 -12.66 -4.01 -47.15
N GLY C 343 -11.94 -5.06 -46.77
CA GLY C 343 -12.24 -5.83 -45.58
C GLY C 343 -12.25 -5.02 -44.31
N SER C 344 -13.38 -5.03 -43.65
CA SER C 344 -13.66 -4.30 -42.43
C SER C 344 -13.96 -5.31 -41.35
N PRO C 345 -13.97 -4.90 -40.06
CA PRO C 345 -14.56 -5.78 -39.06
C PRO C 345 -16.01 -5.95 -39.39
N SER C 346 -16.33 -7.14 -39.80
CA SER C 346 -17.70 -7.49 -40.07
C SER C 346 -18.35 -7.89 -38.77
N LYS C 347 -19.67 -7.89 -38.76
CA LYS C 347 -20.40 -8.27 -37.55
C LYS C 347 -21.73 -8.85 -38.01
N ILE C 348 -21.82 -10.15 -38.11
CA ILE C 348 -23.10 -10.77 -38.40
C ILE C 348 -23.80 -11.02 -37.08
N TYR C 349 -25.09 -10.73 -37.02
CA TYR C 349 -25.78 -10.86 -35.76
C TYR C 349 -27.22 -11.28 -35.99
N ASP C 350 -27.67 -12.26 -35.23
CA ASP C 350 -29.00 -12.82 -35.39
C ASP C 350 -29.96 -11.87 -34.70
N SER C 351 -30.63 -11.02 -35.47
CA SER C 351 -31.62 -10.09 -34.93
C SER C 351 -32.96 -10.33 -35.59
N LEU C 352 -33.99 -10.57 -34.77
CA LEU C 352 -35.36 -10.86 -35.19
C LEU C 352 -35.44 -12.06 -36.13
N GLY C 353 -34.57 -13.05 -35.91
CA GLY C 353 -34.63 -14.29 -36.65
C GLY C 353 -33.67 -14.38 -37.81
N GLN C 354 -33.53 -13.31 -38.58
CA GLN C 354 -32.66 -13.40 -39.74
C GLN C 354 -31.37 -12.64 -39.49
N PRO C 355 -30.22 -13.20 -39.88
CA PRO C 355 -28.95 -12.51 -39.63
C PRO C 355 -28.83 -11.19 -40.39
N VAL C 356 -28.26 -10.21 -39.71
CA VAL C 356 -28.03 -8.88 -40.25
C VAL C 356 -26.53 -8.64 -40.21
N PHE C 357 -25.97 -8.10 -41.29
CA PHE C 357 -24.53 -8.12 -41.50
C PHE C 357 -24.01 -6.70 -41.54
N TYR C 358 -23.48 -6.21 -40.44
CA TYR C 358 -22.73 -4.97 -40.48
C TYR C 358 -21.36 -5.24 -41.07
N GLN C 359 -20.85 -4.27 -41.83
CA GLN C 359 -19.50 -4.39 -42.38
C GLN C 359 -18.99 -2.97 -42.57
N ALA C 360 -17.99 -2.59 -41.76
CA ALA C 360 -17.65 -1.20 -41.52
C ALA C 360 -17.09 -0.51 -42.76
N SER C 361 -16.93 0.80 -42.65
CA SER C 361 -16.50 1.62 -43.77
C SER C 361 -15.05 2.02 -43.56
N PHE C 362 -14.15 1.14 -43.99
CA PHE C 362 -12.72 1.44 -43.97
C PHE C 362 -12.21 1.92 -45.32
N SER C 363 -13.07 2.51 -46.14
CA SER C 363 -12.68 2.82 -47.51
C SER C 363 -13.47 4.03 -47.95
N TRP C 364 -13.60 4.19 -49.27
CA TRP C 364 -14.25 5.36 -49.85
C TRP C 364 -15.74 5.42 -49.54
N ASP C 365 -16.38 4.27 -49.32
CA ASP C 365 -17.83 4.21 -49.12
C ASP C 365 -18.12 4.53 -47.66
N THR C 366 -18.11 5.81 -47.34
CA THR C 366 -18.20 6.24 -45.96
C THR C 366 -19.58 6.17 -45.37
N MET C 367 -20.62 5.89 -46.15
CA MET C 367 -21.92 5.64 -45.57
C MET C 367 -21.89 4.34 -44.78
N ILE C 368 -22.90 4.14 -43.94
CA ILE C 368 -22.97 2.90 -43.19
C ILE C 368 -23.32 1.79 -44.16
N LYS C 369 -22.72 0.63 -43.94
CA LYS C 369 -22.81 -0.49 -44.85
C LYS C 369 -23.19 -1.70 -44.03
N PHE C 370 -24.49 -1.82 -43.77
CA PHE C 370 -25.04 -2.93 -43.00
C PHE C 370 -26.36 -3.30 -43.63
N GLY C 371 -26.72 -4.57 -43.52
CA GLY C 371 -27.97 -4.99 -44.09
C GLY C 371 -28.32 -6.39 -43.69
N ASP C 372 -29.56 -6.75 -44.00
CA ASP C 372 -30.05 -8.10 -43.85
C ASP C 372 -29.26 -9.06 -44.73
N VAL C 373 -29.09 -10.30 -44.27
CA VAL C 373 -28.42 -11.32 -45.05
C VAL C 373 -29.47 -12.07 -45.86
N LEU C 374 -29.27 -12.15 -47.17
CA LEU C 374 -30.21 -12.89 -48.01
C LEU C 374 -29.89 -14.36 -48.01
N THR C 375 -28.60 -14.71 -48.00
CA THR C 375 -28.15 -16.08 -47.87
C THR C 375 -26.75 -16.08 -47.28
N VAL C 376 -26.48 -17.06 -46.43
CA VAL C 376 -25.24 -17.07 -45.67
C VAL C 376 -24.12 -17.73 -46.44
N ASN C 377 -24.39 -18.86 -47.10
CA ASN C 377 -23.38 -19.54 -47.91
C ASN C 377 -23.93 -19.70 -49.31
N PRO C 378 -23.49 -18.91 -50.30
CA PRO C 378 -22.47 -17.84 -50.21
C PRO C 378 -23.03 -16.54 -49.66
N LEU C 379 -22.17 -15.69 -49.13
CA LEU C 379 -22.62 -14.50 -48.42
C LEU C 379 -23.06 -13.44 -49.40
N VAL C 380 -24.35 -13.16 -49.44
CA VAL C 380 -24.94 -12.09 -50.25
C VAL C 380 -25.78 -11.25 -49.31
N VAL C 381 -25.38 -10.00 -49.09
CA VAL C 381 -25.99 -9.14 -48.10
C VAL C 381 -26.77 -8.04 -48.80
N ASN C 382 -28.07 -7.95 -48.52
CA ASN C 382 -28.89 -6.86 -49.06
C ASN C 382 -28.54 -5.60 -48.29
N TRP C 383 -27.60 -4.84 -48.83
CA TRP C 383 -27.10 -3.65 -48.15
C TRP C 383 -28.16 -2.56 -48.12
N ARG C 384 -28.42 -2.01 -46.95
CA ARG C 384 -29.46 -1.01 -46.82
C ARG C 384 -28.98 0.30 -47.42
N ASN C 385 -29.82 0.90 -48.27
CA ASN C 385 -29.48 2.13 -48.97
C ASN C 385 -29.66 3.29 -47.99
N ASN C 386 -28.64 3.52 -47.17
CA ASN C 386 -28.70 4.53 -46.14
C ASN C 386 -27.90 5.74 -46.55
N THR C 387 -28.41 6.92 -46.19
CA THR C 387 -27.78 8.19 -46.53
C THR C 387 -27.80 9.20 -45.39
N VAL C 388 -27.96 8.78 -44.14
CA VAL C 388 -27.92 9.74 -43.04
C VAL C 388 -26.91 9.33 -41.99
N ILE C 389 -26.39 8.12 -42.10
CA ILE C 389 -25.46 7.59 -41.10
C ILE C 389 -24.13 7.31 -41.76
N SER C 390 -23.09 8.00 -41.29
CA SER C 390 -21.75 7.79 -41.80
C SER C 390 -20.78 7.86 -40.63
N ARG C 391 -19.55 7.54 -40.91
CA ARG C 391 -18.52 7.44 -39.91
C ARG C 391 -17.42 8.47 -40.17
N PRO C 392 -16.73 8.95 -39.15
CA PRO C 392 -15.66 9.93 -39.38
C PRO C 392 -14.40 9.29 -39.93
N GLY C 393 -14.06 9.63 -41.16
CA GLY C 393 -12.79 9.26 -41.73
C GLY C 393 -11.80 10.40 -41.55
N GLN C 394 -10.52 10.07 -41.59
CA GLN C 394 -9.53 11.04 -41.16
C GLN C 394 -9.19 12.07 -42.24
N SER C 395 -8.61 11.63 -43.34
CA SER C 395 -7.93 12.53 -44.25
C SER C 395 -8.69 12.71 -45.56
N GLN C 396 -8.88 11.62 -46.28
CA GLN C 396 -9.37 11.70 -47.64
C GLN C 396 -10.85 11.35 -47.74
N CYS C 397 -11.35 10.52 -46.82
CA CYS C 397 -12.69 9.96 -46.92
C CYS C 397 -13.49 10.30 -45.66
N PRO C 398 -13.94 11.55 -45.49
CA PRO C 398 -14.60 11.95 -44.24
C PRO C 398 -16.03 11.43 -44.12
N ARG C 399 -16.73 11.87 -43.08
CA ARG C 399 -18.15 11.55 -42.92
C ARG C 399 -18.93 12.16 -44.09
N PHE C 400 -19.81 11.34 -44.67
CA PHE C 400 -20.55 11.64 -45.91
C PHE C 400 -19.61 11.89 -47.09
N ASN C 401 -18.88 10.86 -47.47
CA ASN C 401 -18.15 10.81 -48.73
C ASN C 401 -18.58 9.55 -49.47
N THR C 402 -19.00 9.70 -50.71
CA THR C 402 -19.28 8.55 -51.55
C THR C 402 -18.41 8.51 -52.79
N CYS C 403 -17.55 9.50 -52.99
CA CYS C 403 -16.64 9.50 -54.13
C CYS C 403 -15.59 8.42 -53.95
N PRO C 404 -15.37 7.57 -54.94
CA PRO C 404 -14.37 6.51 -54.81
C PRO C 404 -12.94 7.03 -54.82
N GLU C 405 -12.34 7.08 -53.62
CA GLU C 405 -11.00 7.59 -53.41
C GLU C 405 -10.21 6.53 -52.67
N ILE C 406 -8.89 6.53 -52.89
CA ILE C 406 -8.02 5.51 -52.32
C ILE C 406 -7.70 5.90 -50.89
N CYS C 407 -8.31 5.21 -49.95
CA CYS C 407 -8.08 5.44 -48.54
C CYS C 407 -8.33 4.16 -47.79
N TRP C 408 -7.63 3.99 -46.69
CA TRP C 408 -7.97 3.00 -45.68
C TRP C 408 -8.08 3.78 -44.39
N GLU C 409 -9.23 4.42 -44.21
CA GLU C 409 -9.47 5.35 -43.13
C GLU C 409 -10.85 5.08 -42.57
N GLY C 410 -11.05 5.44 -41.32
CA GLY C 410 -12.35 5.31 -40.73
C GLY C 410 -12.27 4.64 -39.39
N VAL C 411 -13.44 4.37 -38.81
CA VAL C 411 -13.56 3.69 -37.52
C VAL C 411 -14.74 2.73 -37.61
N TYR C 412 -14.87 1.89 -36.57
CA TYR C 412 -15.90 0.89 -36.49
C TYR C 412 -17.07 1.43 -35.69
N ASN C 413 -18.23 1.57 -36.33
CA ASN C 413 -19.43 2.02 -35.64
C ASN C 413 -20.59 1.15 -36.12
N ASP C 414 -20.86 0.08 -35.39
CA ASP C 414 -21.82 -0.89 -35.86
C ASP C 414 -23.24 -0.43 -35.58
N ALA C 415 -24.19 -1.25 -35.98
CA ALA C 415 -25.60 -0.93 -35.79
C ALA C 415 -26.36 -2.23 -35.66
N PHE C 416 -27.19 -2.32 -34.63
CA PHE C 416 -28.00 -3.49 -34.36
C PHE C 416 -29.42 -3.23 -34.85
N LEU C 417 -29.98 -4.19 -35.59
CA LEU C 417 -31.35 -4.09 -36.08
C LEU C 417 -32.31 -4.30 -34.92
N ILE C 418 -32.99 -3.23 -34.49
CA ILE C 418 -33.95 -3.32 -33.39
C ILE C 418 -35.38 -3.37 -33.86
N ASP C 419 -35.64 -3.17 -35.15
CA ASP C 419 -37.00 -3.24 -35.67
C ASP C 419 -36.86 -3.55 -37.15
N ARG C 420 -37.46 -4.64 -37.61
CA ARG C 420 -37.39 -5.00 -39.02
C ARG C 420 -38.65 -4.62 -39.77
N ILE C 421 -39.77 -4.50 -39.05
CA ILE C 421 -41.04 -4.11 -39.67
C ILE C 421 -40.95 -2.69 -40.21
N ASN C 422 -40.27 -1.81 -39.49
CA ASN C 422 -40.06 -0.45 -39.96
C ASN C 422 -38.60 -0.19 -40.34
N TRP C 423 -37.77 -1.25 -40.30
CA TRP C 423 -36.34 -1.23 -40.69
C TRP C 423 -35.53 -0.23 -39.89
N ILE C 424 -35.82 -0.17 -38.60
CA ILE C 424 -35.12 0.74 -37.70
C ILE C 424 -33.98 -0.03 -37.08
N SER C 425 -32.82 0.62 -36.98
CA SER C 425 -31.68 0.01 -36.30
C SER C 425 -31.12 1.02 -35.31
N ALA C 426 -30.05 0.64 -34.62
CA ALA C 426 -29.56 1.46 -33.53
C ALA C 426 -28.09 1.20 -33.28
N GLY C 427 -27.35 2.25 -32.94
CA GLY C 427 -25.94 2.13 -32.63
C GLY C 427 -25.38 3.47 -32.23
N VAL C 428 -24.11 3.46 -31.84
CA VAL C 428 -23.41 4.67 -31.41
C VAL C 428 -22.51 5.14 -32.56
N PHE C 429 -22.69 6.41 -32.95
CA PHE C 429 -22.04 6.97 -34.12
C PHE C 429 -21.42 8.30 -33.75
N LEU C 430 -20.31 8.61 -34.40
CA LEU C 430 -19.45 9.71 -33.98
C LEU C 430 -19.78 10.92 -34.84
N ASP C 431 -20.64 11.81 -34.34
CA ASP C 431 -21.14 12.93 -35.13
C ASP C 431 -20.08 14.04 -35.24
N SER C 432 -19.10 13.78 -36.09
CA SER C 432 -18.22 14.82 -36.62
C SER C 432 -17.61 14.32 -37.92
N ASN C 433 -17.18 15.26 -38.77
CA ASN C 433 -16.74 14.92 -40.12
C ASN C 433 -15.42 14.16 -40.12
N GLN C 434 -14.41 14.71 -39.47
CA GLN C 434 -13.09 14.08 -39.50
C GLN C 434 -12.54 13.72 -38.14
N THR C 435 -12.67 14.59 -37.16
CA THR C 435 -12.22 14.29 -35.81
C THR C 435 -13.16 13.26 -35.19
N ALA C 436 -12.63 12.07 -34.90
CA ALA C 436 -13.44 10.97 -34.38
C ALA C 436 -13.81 11.28 -32.94
N GLU C 437 -14.87 12.09 -32.80
CA GLU C 437 -15.30 12.56 -31.49
C GLU C 437 -16.82 12.51 -31.44
N ASN C 438 -17.36 12.89 -30.28
CA ASN C 438 -18.78 13.03 -29.95
C ASN C 438 -19.55 11.75 -30.26
N PRO C 439 -19.43 10.71 -29.45
CA PRO C 439 -20.20 9.48 -29.71
C PRO C 439 -21.67 9.71 -29.40
N VAL C 440 -22.53 9.42 -30.36
CA VAL C 440 -23.96 9.69 -30.26
C VAL C 440 -24.70 8.39 -30.52
N PHE C 441 -25.46 7.93 -29.53
CA PHE C 441 -26.32 6.77 -29.66
C PHE C 441 -27.50 7.17 -30.52
N THR C 442 -27.47 6.86 -31.81
CA THR C 442 -28.61 7.18 -32.65
C THR C 442 -29.46 5.94 -32.89
N VAL C 443 -30.74 6.17 -33.09
CA VAL C 443 -31.70 5.16 -33.51
C VAL C 443 -32.32 5.70 -34.78
N PHE C 444 -32.06 5.07 -35.91
CA PHE C 444 -32.28 5.72 -37.20
C PHE C 444 -33.03 4.81 -38.16
N LYS C 445 -33.84 5.44 -39.03
CA LYS C 445 -34.37 4.79 -40.20
C LYS C 445 -33.34 4.96 -41.32
N ASP C 446 -33.58 4.35 -42.48
CA ASP C 446 -32.60 4.38 -43.56
C ASP C 446 -32.50 5.73 -44.26
N ASN C 447 -33.42 6.64 -44.00
CA ASN C 447 -33.36 7.94 -44.65
C ASN C 447 -33.54 9.09 -43.66
N GLU C 448 -33.71 8.81 -42.39
CA GLU C 448 -33.86 9.87 -41.38
C GLU C 448 -33.47 9.31 -40.02
N ILE C 449 -32.62 10.04 -39.31
CA ILE C 449 -32.33 9.69 -37.92
C ILE C 449 -33.53 10.08 -37.07
N LEU C 450 -34.10 9.10 -36.36
CA LEU C 450 -35.30 9.36 -35.58
C LEU C 450 -34.97 10.16 -34.32
N TYR C 451 -34.16 9.60 -33.44
CA TYR C 451 -33.78 10.28 -32.22
C TYR C 451 -32.41 9.78 -31.80
N ARG C 452 -31.82 10.47 -30.84
CA ARG C 452 -30.42 10.26 -30.56
C ARG C 452 -30.09 10.74 -29.15
N ALA C 453 -29.01 10.20 -28.60
CA ALA C 453 -28.53 10.54 -27.27
C ALA C 453 -27.05 10.86 -27.35
N GLN C 454 -26.67 12.05 -26.91
CA GLN C 454 -25.27 12.41 -26.84
C GLN C 454 -24.69 11.79 -25.59
N LEU C 455 -23.81 10.80 -25.76
CA LEU C 455 -23.33 10.01 -24.64
C LEU C 455 -22.39 10.81 -23.75
N ALA C 456 -21.67 11.76 -24.33
CA ALA C 456 -20.65 12.48 -23.59
C ALA C 456 -20.61 13.94 -24.02
N SER C 457 -19.53 14.64 -23.69
CA SER C 457 -19.36 16.01 -24.13
C SER C 457 -19.08 16.07 -25.63
N GLU C 458 -19.00 17.30 -26.14
CA GLU C 458 -18.94 17.50 -27.59
C GLU C 458 -17.60 17.09 -28.18
N ASP C 459 -16.51 17.38 -27.49
CA ASP C 459 -15.18 17.04 -27.98
C ASP C 459 -14.62 15.82 -27.27
N THR C 460 -15.49 14.87 -26.94
CA THR C 460 -15.08 13.63 -26.32
C THR C 460 -14.60 12.70 -27.42
N ASN C 461 -13.28 12.57 -27.55
CA ASN C 461 -12.70 11.75 -28.59
C ASN C 461 -13.00 10.28 -28.34
N ALA C 462 -13.36 9.57 -29.41
CA ALA C 462 -13.76 8.18 -29.28
C ALA C 462 -13.20 7.39 -30.45
N GLN C 463 -13.55 6.11 -30.46
CA GLN C 463 -13.07 5.12 -31.43
C GLN C 463 -14.19 4.12 -31.65
N LYS C 464 -13.79 2.90 -32.00
CA LYS C 464 -14.63 1.71 -32.18
C LYS C 464 -15.75 1.60 -31.17
N THR C 465 -16.98 1.54 -31.65
CA THR C 465 -18.15 1.30 -30.81
C THR C 465 -18.84 0.03 -31.27
N ILE C 466 -19.24 -0.81 -30.31
CA ILE C 466 -19.84 -2.10 -30.59
C ILE C 466 -21.19 -2.14 -29.87
N THR C 467 -22.27 -2.14 -30.64
CA THR C 467 -23.63 -2.10 -30.10
C THR C 467 -24.28 -3.47 -30.26
N ASN C 468 -24.73 -4.05 -29.15
CA ASN C 468 -25.51 -5.27 -29.14
C ASN C 468 -26.81 -5.01 -28.40
N CYS C 469 -27.92 -5.49 -28.94
CA CYS C 469 -29.22 -5.30 -28.31
C CYS C 469 -29.87 -6.65 -28.05
N PHE C 470 -30.90 -6.62 -27.22
CA PHE C 470 -31.52 -7.82 -26.66
C PHE C 470 -32.83 -7.41 -26.02
N LEU C 471 -33.51 -8.39 -25.41
CA LEU C 471 -34.76 -8.17 -24.70
C LEU C 471 -34.58 -8.45 -23.23
N LEU C 472 -34.84 -7.44 -22.40
CA LEU C 472 -34.96 -7.60 -20.95
C LEU C 472 -36.42 -7.38 -20.60
N LYS C 473 -37.15 -8.49 -20.44
CA LYS C 473 -38.57 -8.51 -20.05
C LYS C 473 -39.43 -7.73 -21.04
N ASN C 474 -39.31 -8.12 -22.32
CA ASN C 474 -39.99 -7.51 -23.47
C ASN C 474 -39.72 -6.02 -23.57
N LYS C 475 -38.50 -5.63 -23.24
CA LYS C 475 -38.02 -4.28 -23.45
C LYS C 475 -36.71 -4.39 -24.20
N ILE C 476 -36.56 -3.62 -25.27
CA ILE C 476 -35.34 -3.66 -26.07
C ILE C 476 -34.31 -2.75 -25.40
N TRP C 477 -33.32 -3.36 -24.76
CA TRP C 477 -32.14 -2.67 -24.27
C TRP C 477 -30.99 -2.94 -25.22
N CYS C 478 -29.97 -2.08 -25.15
CA CYS C 478 -28.84 -2.15 -26.06
C CYS C 478 -27.55 -1.80 -25.33
N ILE C 479 -26.51 -2.61 -25.52
CA ILE C 479 -25.23 -2.40 -24.84
C ILE C 479 -24.22 -1.95 -25.88
N SER C 480 -23.80 -0.71 -25.78
CA SER C 480 -22.89 -0.12 -26.75
C SER C 480 -21.55 0.13 -26.08
N LEU C 481 -20.59 -0.73 -26.36
CA LEU C 481 -19.24 -0.57 -25.82
C LEU C 481 -18.58 0.57 -26.56
N VAL C 482 -18.48 1.73 -25.94
CA VAL C 482 -17.96 2.92 -26.60
C VAL C 482 -16.59 3.24 -26.00
N GLU C 483 -15.55 3.14 -26.82
CA GLU C 483 -14.21 3.51 -26.35
C GLU C 483 -14.10 5.02 -26.25
N ILE C 484 -14.35 5.54 -25.08
CA ILE C 484 -14.22 6.97 -24.80
C ILE C 484 -12.82 7.26 -24.27
N TYR C 485 -12.14 8.21 -24.91
CA TYR C 485 -10.89 8.74 -24.38
C TYR C 485 -11.19 9.60 -23.17
N ASP C 486 -10.76 9.15 -21.99
CA ASP C 486 -10.93 9.93 -20.77
C ASP C 486 -9.95 11.08 -20.77
N THR C 487 -10.46 12.31 -20.66
CA THR C 487 -9.61 13.48 -20.63
C THR C 487 -8.89 13.65 -19.30
N GLY C 488 -9.36 12.98 -18.25
CA GLY C 488 -8.75 13.08 -16.94
C GLY C 488 -7.37 12.45 -16.88
N ASP C 489 -7.30 11.13 -17.01
CA ASP C 489 -6.03 10.42 -16.95
C ASP C 489 -5.54 9.95 -18.32
N ASN C 490 -6.10 10.50 -19.40
CA ASN C 490 -5.48 10.57 -20.72
C ASN C 490 -5.28 9.21 -21.39
N VAL C 491 -6.15 8.24 -21.12
CA VAL C 491 -6.12 6.95 -21.82
C VAL C 491 -7.52 6.57 -22.24
N ILE C 492 -7.60 5.62 -23.18
CA ILE C 492 -8.86 5.16 -23.74
C ILE C 492 -9.41 4.00 -22.92
N ARG C 493 -10.67 4.15 -22.48
CA ARG C 493 -11.39 3.13 -21.74
C ARG C 493 -12.67 2.77 -22.46
N PRO C 494 -13.01 1.50 -22.53
CA PRO C 494 -14.29 1.10 -23.12
C PRO C 494 -15.44 1.31 -22.17
N LYS C 495 -16.25 2.33 -22.37
CA LYS C 495 -17.40 2.56 -21.50
C LYS C 495 -18.66 1.98 -22.11
N LEU C 496 -19.29 1.05 -21.40
CA LEU C 496 -20.56 0.49 -21.85
C LEU C 496 -21.68 1.48 -21.61
N PHE C 497 -22.76 1.32 -22.37
CA PHE C 497 -23.91 2.21 -22.25
C PHE C 497 -25.18 1.41 -22.50
N ALA C 498 -25.79 0.92 -21.43
CA ALA C 498 -27.09 0.27 -21.53
C ALA C 498 -28.14 1.33 -21.81
N VAL C 499 -28.64 1.37 -23.03
CA VAL C 499 -29.61 2.39 -23.43
C VAL C 499 -30.91 1.70 -23.80
N LYS C 500 -31.97 2.05 -23.09
CA LYS C 500 -33.30 1.50 -23.36
C LYS C 500 -33.93 2.20 -24.54
N ILE C 501 -34.35 1.44 -25.53
CA ILE C 501 -35.08 2.00 -26.66
C ILE C 501 -36.48 2.31 -26.16
N PRO C 502 -36.90 3.58 -26.11
CA PRO C 502 -38.17 3.91 -25.47
C PRO C 502 -39.35 3.65 -26.38
N GLU C 503 -40.50 3.42 -25.75
CA GLU C 503 -41.75 3.27 -26.48
C GLU C 503 -42.55 4.56 -26.56
N GLN C 504 -42.60 5.33 -25.48
CA GLN C 504 -43.31 6.60 -25.49
C GLN C 504 -42.39 7.71 -25.97
N CYS C 505 -42.86 8.46 -26.96
CA CYS C 505 -42.06 9.47 -27.64
C CYS C 505 -42.19 10.83 -26.96
N GLY D 1 15.59 5.15 -6.01
CA GLY D 1 14.96 3.88 -6.35
C GLY D 1 13.69 3.62 -5.56
N LEU D 2 13.47 4.42 -4.53
CA LEU D 2 12.29 4.23 -3.69
C LEU D 2 11.07 4.87 -4.35
N ALA D 3 11.27 6.00 -5.03
CA ALA D 3 10.17 6.64 -5.75
C ALA D 3 9.74 5.84 -6.96
N ASP D 4 10.69 5.24 -7.68
CA ASP D 4 10.35 4.37 -8.80
C ASP D 4 9.62 3.12 -8.33
N LYS D 5 10.00 2.60 -7.16
CA LYS D 5 9.31 1.46 -6.59
C LYS D 5 7.90 1.82 -6.17
N ILE D 6 7.71 3.01 -5.58
CA ILE D 6 6.40 3.37 -5.07
C ILE D 6 5.51 3.95 -6.17
N GLY D 7 6.07 4.28 -7.33
CA GLY D 7 5.25 4.67 -8.45
C GLY D 7 5.18 3.59 -9.51
N THR D 8 5.80 2.45 -9.24
CA THR D 8 5.75 1.30 -10.13
C THR D 8 5.01 0.12 -9.50
N GLU D 9 5.44 -0.33 -8.33
CA GLU D 9 4.90 -1.53 -7.72
C GLU D 9 3.96 -1.22 -6.55
N ILE D 10 3.74 0.05 -6.25
CA ILE D 10 2.77 0.37 -5.21
C ILE D 10 1.64 1.23 -5.76
N GLY D 11 1.97 2.43 -6.25
CA GLY D 11 1.02 3.43 -6.67
C GLY D 11 -0.06 3.02 -7.66
N PRO D 12 0.34 2.57 -8.86
CA PRO D 12 -0.66 2.00 -9.79
C PRO D 12 -1.31 0.74 -9.26
N LYS D 13 -0.58 -0.04 -8.48
CA LYS D 13 -1.15 -1.29 -7.98
C LYS D 13 -2.13 -1.05 -6.84
N VAL D 14 -1.84 -0.08 -5.97
CA VAL D 14 -2.84 0.30 -4.95
C VAL D 14 -4.05 0.96 -5.60
N SER D 15 -3.85 1.73 -6.68
CA SER D 15 -5.00 2.31 -7.38
C SER D 15 -5.83 1.22 -8.06
N LEU D 16 -5.17 0.18 -8.58
CA LEU D 16 -5.85 -0.96 -9.17
C LEU D 16 -6.65 -1.73 -8.13
N ILE D 17 -6.07 -1.95 -6.95
CA ILE D 17 -6.78 -2.65 -5.88
C ILE D 17 -7.95 -1.80 -5.38
N ASP D 18 -7.80 -0.47 -5.34
CA ASP D 18 -8.90 0.40 -4.91
C ASP D 18 -10.06 0.36 -5.90
N THR D 19 -9.74 0.43 -7.20
CA THR D 19 -10.78 0.30 -8.23
C THR D 19 -11.45 -1.07 -8.17
N SER D 20 -10.66 -2.11 -7.98
CA SER D 20 -11.19 -3.46 -7.87
C SER D 20 -11.90 -3.73 -6.56
N SER D 21 -11.74 -2.90 -5.54
CA SER D 21 -12.28 -3.22 -4.24
C SER D 21 -13.40 -2.31 -3.75
N THR D 22 -13.58 -1.12 -4.33
CA THR D 22 -14.75 -0.34 -3.98
C THR D 22 -15.64 -0.03 -5.18
N ILE D 23 -15.31 -0.52 -6.36
CA ILE D 23 -16.15 -0.32 -7.53
C ILE D 23 -16.52 -1.67 -8.15
N THR D 24 -15.54 -2.54 -8.36
CA THR D 24 -15.76 -3.75 -9.14
C THR D 24 -16.39 -4.87 -8.33
N ILE D 25 -15.69 -5.34 -7.30
CA ILE D 25 -16.11 -6.48 -6.48
C ILE D 25 -17.36 -6.17 -5.66
N PRO D 26 -17.58 -4.98 -5.05
CA PRO D 26 -18.92 -4.72 -4.49
C PRO D 26 -20.04 -4.71 -5.52
N ALA D 27 -19.78 -4.28 -6.76
CA ALA D 27 -20.83 -4.33 -7.76
C ALA D 27 -21.11 -5.77 -8.20
N ASN D 28 -20.09 -6.61 -8.27
CA ASN D 28 -20.34 -8.02 -8.56
C ASN D 28 -21.07 -8.72 -7.42
N ILE D 29 -20.82 -8.33 -6.18
CA ILE D 29 -21.56 -8.91 -5.08
C ILE D 29 -23.01 -8.40 -5.06
N GLY D 30 -23.23 -7.14 -5.44
CA GLY D 30 -24.59 -6.65 -5.56
C GLY D 30 -25.37 -7.30 -6.70
N LEU D 31 -24.73 -7.47 -7.85
CA LEU D 31 -25.36 -8.20 -8.94
C LEU D 31 -25.50 -9.68 -8.63
N LEU D 32 -24.68 -10.22 -7.74
CA LEU D 32 -24.88 -11.60 -7.33
C LEU D 32 -26.05 -11.71 -6.37
N GLY D 33 -26.28 -10.69 -5.56
CA GLY D 33 -27.52 -10.62 -4.80
C GLY D 33 -28.74 -10.50 -5.70
N SER D 34 -28.60 -9.70 -6.77
CA SER D 34 -29.66 -9.65 -7.76
C SER D 34 -29.84 -10.99 -8.47
N LYS D 35 -28.76 -11.75 -8.68
CA LYS D 35 -28.90 -13.09 -9.24
C LYS D 35 -29.62 -14.04 -8.31
N ILE D 36 -29.37 -13.93 -7.00
CA ILE D 36 -30.09 -14.74 -6.04
C ILE D 36 -31.57 -14.41 -6.07
N SER D 37 -31.91 -13.12 -6.15
CA SER D 37 -33.31 -12.73 -6.19
C SER D 37 -33.98 -13.15 -7.50
N GLN D 38 -33.26 -13.04 -8.62
CA GLN D 38 -33.79 -13.49 -9.91
C GLN D 38 -34.01 -14.98 -9.92
N SER D 39 -33.02 -15.73 -9.44
CA SER D 39 -33.10 -17.18 -9.40
C SER D 39 -34.22 -17.66 -8.50
N THR D 40 -34.42 -16.98 -7.38
CA THR D 40 -35.48 -17.32 -6.45
C THR D 40 -36.86 -17.04 -7.05
N ALA D 41 -37.03 -15.87 -7.68
CA ALA D 41 -38.32 -15.57 -8.29
C ALA D 41 -38.58 -16.44 -9.51
N SER D 42 -37.52 -16.83 -10.23
CA SER D 42 -37.68 -17.73 -11.36
C SER D 42 -38.10 -19.12 -10.90
N ILE D 43 -37.48 -19.64 -9.85
CA ILE D 43 -37.85 -20.98 -9.42
C ILE D 43 -39.17 -20.98 -8.68
N ASN D 44 -39.53 -19.85 -8.05
CA ASN D 44 -40.86 -19.74 -7.47
C ASN D 44 -41.94 -19.68 -8.53
N GLU D 45 -41.73 -18.97 -9.64
CA GLU D 45 -42.76 -18.98 -10.66
C GLU D 45 -42.78 -20.30 -11.41
N ASN D 46 -41.65 -21.02 -11.45
CA ASN D 46 -41.67 -22.37 -12.00
C ASN D 46 -42.48 -23.31 -11.11
N VAL D 47 -42.40 -23.14 -9.79
CA VAL D 47 -43.19 -23.98 -8.89
C VAL D 47 -44.66 -23.57 -8.92
N ASN D 48 -44.94 -22.26 -8.97
CA ASN D 48 -46.31 -21.79 -9.08
C ASN D 48 -46.97 -22.17 -10.40
N GLU D 49 -46.18 -22.43 -11.44
CA GLU D 49 -46.75 -22.85 -12.71
C GLU D 49 -46.82 -24.38 -12.81
N LYS D 50 -45.68 -25.05 -12.72
CA LYS D 50 -45.58 -26.46 -13.06
C LYS D 50 -45.82 -27.40 -11.88
N CYS D 51 -46.33 -26.90 -10.77
CA CYS D 51 -46.81 -27.73 -9.66
C CYS D 51 -48.20 -27.23 -9.34
N LYS D 52 -49.19 -27.74 -10.06
CA LYS D 52 -50.56 -27.25 -9.92
C LYS D 52 -51.50 -28.37 -10.34
N PHE D 53 -52.33 -28.82 -9.41
CA PHE D 53 -53.23 -29.95 -9.63
C PHE D 53 -54.68 -29.50 -9.54
N THR D 54 -55.48 -29.89 -10.52
CA THR D 54 -56.92 -29.72 -10.46
C THR D 54 -57.58 -30.83 -11.26
N LEU D 55 -58.67 -31.36 -10.72
CA LEU D 55 -59.41 -32.46 -11.34
C LEU D 55 -60.80 -32.55 -10.74
N PRO D 56 -61.86 -32.57 -11.56
CA PRO D 56 -63.21 -32.77 -11.03
C PRO D 56 -63.46 -34.22 -10.69
N PRO D 57 -64.38 -34.49 -9.76
CA PRO D 57 -64.70 -35.90 -9.44
C PRO D 57 -65.50 -36.54 -10.57
N LEU D 58 -65.17 -37.80 -10.85
CA LEU D 58 -65.84 -38.56 -11.91
C LEU D 58 -67.26 -38.93 -11.51
N GLN E 1 0.57 7.91 52.51
CA GLN E 1 1.07 6.74 51.82
C GLN E 1 1.48 5.68 52.83
N VAL E 2 1.24 4.41 52.50
CA VAL E 2 1.64 3.31 53.35
C VAL E 2 3.16 3.23 53.38
N GLN E 3 3.72 3.24 54.59
CA GLN E 3 5.17 3.27 54.80
C GLN E 3 5.57 2.07 55.63
N LEU E 4 6.41 1.21 55.07
CA LEU E 4 6.84 0.00 55.74
C LEU E 4 8.14 0.24 56.50
N GLN E 5 8.42 -0.67 57.43
CA GLN E 5 9.63 -0.55 58.26
C GLN E 5 9.95 -1.93 58.83
N GLU E 6 11.07 -2.50 58.41
CA GLU E 6 11.50 -3.76 58.99
C GLU E 6 12.08 -3.53 60.39
N SER E 7 12.17 -4.63 61.14
CA SER E 7 12.79 -4.65 62.46
C SER E 7 13.13 -6.10 62.80
N GLY E 8 14.26 -6.31 63.44
CA GLY E 8 14.67 -7.63 63.81
C GLY E 8 16.17 -7.74 64.00
N PRO E 9 16.63 -8.91 64.46
CA PRO E 9 18.05 -9.08 64.73
C PRO E 9 18.87 -9.27 63.46
N GLY E 10 19.93 -8.49 63.33
CA GLY E 10 20.93 -8.79 62.32
C GLY E 10 21.91 -9.87 62.74
N VAL E 11 21.85 -10.29 64.00
CA VAL E 11 22.70 -11.33 64.55
C VAL E 11 21.81 -12.51 64.85
N VAL E 12 21.90 -13.56 64.04
CA VAL E 12 21.23 -14.83 64.27
C VAL E 12 22.25 -15.94 64.08
N LYS E 13 22.50 -16.71 65.14
CA LYS E 13 23.39 -17.84 65.05
C LYS E 13 22.76 -18.93 64.17
N PRO E 14 23.57 -19.75 63.49
CA PRO E 14 23.02 -20.76 62.58
C PRO E 14 22.20 -21.82 63.31
N SER E 15 21.34 -22.48 62.53
CA SER E 15 20.34 -23.44 63.01
C SER E 15 19.43 -22.85 64.09
N GLU E 16 18.95 -21.63 63.87
CA GLU E 16 18.03 -20.97 64.78
C GLU E 16 16.87 -20.36 64.02
N THR E 17 16.03 -19.60 64.73
CA THR E 17 14.81 -19.02 64.19
C THR E 17 14.98 -17.51 64.04
N LEU E 18 15.00 -17.05 62.79
CA LEU E 18 14.97 -15.62 62.52
C LEU E 18 13.61 -15.05 62.91
N SER E 19 13.62 -13.88 63.55
CA SER E 19 12.40 -13.29 64.08
C SER E 19 12.31 -11.83 63.62
N LEU E 20 11.80 -11.64 62.41
CA LEU E 20 11.67 -10.30 61.85
C LEU E 20 10.27 -9.76 62.07
N THR E 21 10.09 -8.49 61.73
CA THR E 21 8.80 -7.82 61.87
C THR E 21 8.80 -6.62 60.95
N CYS E 22 7.81 -6.54 60.07
CA CYS E 22 7.58 -5.37 59.22
C CYS E 22 6.30 -4.70 59.69
N ALA E 23 6.40 -3.82 60.68
CA ALA E 23 5.25 -3.08 61.14
C ALA E 23 4.86 -2.03 60.10
N VAL E 24 3.56 -1.84 59.91
CA VAL E 24 3.04 -1.05 58.80
C VAL E 24 2.52 0.26 59.35
N SER E 25 3.00 1.37 58.79
CA SER E 25 2.53 2.69 59.12
C SER E 25 1.88 3.33 57.91
N GLY E 26 0.87 4.16 58.15
CA GLY E 26 0.15 4.79 57.07
C GLY E 26 -0.94 3.97 56.44
N GLY E 27 -1.18 2.76 56.93
CA GLY E 27 -2.23 1.93 56.38
C GLY E 27 -2.41 0.69 57.22
N SER E 28 -3.62 0.13 57.14
CA SER E 28 -3.97 -1.08 57.84
C SER E 28 -3.75 -2.29 56.95
N ILE E 29 -3.43 -3.42 57.57
CA ILE E 29 -3.31 -4.67 56.84
C ILE E 29 -4.65 -5.39 56.72
N SER E 30 -5.72 -4.79 57.24
CA SER E 30 -7.06 -5.22 56.87
C SER E 30 -7.39 -4.84 55.44
N ASP E 31 -6.66 -3.87 54.90
CA ASP E 31 -6.63 -3.55 53.48
C ASP E 31 -5.66 -4.55 52.82
N THR E 32 -5.31 -4.31 51.54
CA THR E 32 -4.12 -4.88 50.91
C THR E 32 -4.11 -6.41 50.83
N TYR E 33 -4.80 -6.95 49.82
CA TYR E 33 -4.97 -8.37 49.53
C TYR E 33 -3.77 -9.28 49.79
N ARG E 34 -2.53 -8.84 49.56
CA ARG E 34 -1.38 -9.65 49.90
C ARG E 34 -0.26 -8.82 50.51
N TRP E 35 0.53 -9.44 51.37
CA TRP E 35 1.75 -8.86 51.93
C TRP E 35 2.87 -9.88 51.84
N SER E 36 4.02 -9.50 51.31
CA SER E 36 5.05 -10.47 50.96
C SER E 36 6.31 -10.29 51.80
N TRP E 37 7.33 -11.07 51.45
CA TRP E 37 8.69 -10.94 51.96
C TRP E 37 9.66 -11.28 50.84
N ILE E 38 10.70 -10.48 50.69
CA ILE E 38 11.72 -10.72 49.66
C ILE E 38 13.08 -10.59 50.33
N ARG E 39 13.95 -11.56 50.10
CA ARG E 39 15.34 -11.41 50.51
C ARG E 39 16.24 -11.23 49.30
N GLN E 40 17.45 -10.74 49.56
CA GLN E 40 18.43 -10.48 48.51
C GLN E 40 19.81 -10.82 49.04
N PRO E 41 20.38 -11.96 48.65
CA PRO E 41 21.74 -12.29 49.06
C PRO E 41 22.73 -11.33 48.42
N PRO E 42 23.61 -10.72 49.23
CA PRO E 42 24.61 -9.81 48.65
C PRO E 42 25.59 -10.57 47.78
N GLY E 43 25.80 -10.06 46.57
CA GLY E 43 26.51 -10.77 45.54
C GLY E 43 25.63 -11.61 44.65
N LYS E 44 24.34 -11.73 44.97
CA LYS E 44 23.39 -12.50 44.18
C LYS E 44 22.14 -11.66 43.96
N GLY E 45 21.19 -12.23 43.22
CA GLY E 45 20.00 -11.50 42.85
C GLY E 45 18.88 -11.63 43.85
N LEU E 46 17.83 -10.85 43.62
CA LEU E 46 16.63 -10.90 44.45
C LEU E 46 15.92 -12.25 44.27
N GLU E 47 15.29 -12.71 45.34
CA GLU E 47 14.41 -13.86 45.23
C GLU E 47 13.33 -13.74 46.30
N TRP E 48 12.13 -14.16 45.93
CA TRP E 48 10.91 -13.92 46.70
C TRP E 48 10.65 -15.09 47.62
N ILE E 49 9.99 -14.82 48.76
CA ILE E 49 9.82 -15.87 49.76
C ILE E 49 8.40 -16.37 49.79
N GLY E 50 7.47 -15.52 50.19
CA GLY E 50 6.11 -15.96 50.37
C GLY E 50 5.24 -14.82 50.83
N TYR E 51 3.94 -14.96 50.61
CA TYR E 51 3.01 -13.91 50.97
C TYR E 51 2.07 -14.33 52.10
N ILE E 52 1.39 -13.33 52.63
CA ILE E 52 0.30 -13.52 53.57
C ILE E 52 -0.79 -12.53 53.20
N TYR E 53 -2.04 -12.90 53.44
CA TYR E 53 -3.17 -12.17 52.90
C TYR E 53 -3.53 -10.91 53.67
N GLY E 54 -3.04 -10.73 54.89
CA GLY E 54 -3.51 -9.58 55.64
C GLY E 54 -4.83 -9.88 56.32
N SER E 55 -5.93 -9.91 55.56
CA SER E 55 -7.23 -10.22 56.14
C SER E 55 -7.36 -11.68 56.54
N ALA E 56 -6.68 -12.58 55.83
CA ALA E 56 -6.72 -14.00 56.13
C ALA E 56 -5.43 -14.44 56.81
N THR E 57 -5.28 -15.74 56.97
CA THR E 57 -4.02 -16.33 57.41
C THR E 57 -3.46 -17.33 56.41
N SER E 58 -4.02 -17.43 55.22
CA SER E 58 -3.52 -18.37 54.24
C SER E 58 -2.24 -17.84 53.62
N THR E 59 -1.25 -18.73 53.47
CA THR E 59 0.09 -18.38 53.04
C THR E 59 0.38 -19.05 51.70
N TYR E 60 1.41 -18.57 51.05
CA TYR E 60 2.12 -19.34 50.05
C TYR E 60 3.59 -19.22 50.40
N TYR E 61 4.40 -20.19 49.99
CA TYR E 61 5.84 -20.11 50.21
C TYR E 61 6.57 -20.59 48.98
N ASN E 62 7.78 -20.09 48.81
CA ASN E 62 8.64 -20.52 47.72
C ASN E 62 9.02 -21.98 47.94
N PRO E 63 8.85 -22.87 46.94
CA PRO E 63 9.19 -24.28 47.15
C PRO E 63 10.66 -24.57 47.38
N SER E 64 11.56 -23.62 47.13
CA SER E 64 12.92 -23.78 47.57
C SER E 64 13.09 -23.47 49.05
N LEU E 65 12.06 -22.89 49.69
CA LEU E 65 12.06 -22.54 51.10
C LEU E 65 10.75 -22.98 51.76
N SER E 66 10.15 -24.06 51.26
CA SER E 66 8.78 -24.39 51.64
C SER E 66 8.69 -24.96 53.04
N SER E 67 9.65 -25.80 53.42
CA SER E 67 9.60 -26.51 54.69
C SER E 67 10.12 -25.69 55.87
N ARG E 68 10.48 -24.43 55.65
CA ARG E 68 11.16 -23.64 56.67
C ARG E 68 10.41 -22.38 57.05
N VAL E 69 9.89 -21.65 56.08
CA VAL E 69 9.44 -20.29 56.28
C VAL E 69 8.05 -20.29 56.92
N THR E 70 7.92 -19.56 58.02
CA THR E 70 6.62 -19.30 58.64
C THR E 70 6.40 -17.80 58.66
N ILE E 71 5.27 -17.35 58.15
CA ILE E 71 4.90 -15.94 58.17
C ILE E 71 3.70 -15.80 59.09
N SER E 72 3.91 -15.21 60.26
CA SER E 72 2.84 -15.04 61.23
C SER E 72 2.28 -13.62 61.10
N LYS E 73 1.30 -13.32 61.95
CA LYS E 73 0.47 -12.13 61.79
C LYS E 73 0.20 -11.48 63.14
N ASP E 74 -0.19 -10.21 63.08
CA ASP E 74 -0.73 -9.50 64.24
C ASP E 74 -1.61 -8.38 63.68
N MET E 75 -2.93 -8.60 63.71
CA MET E 75 -3.86 -7.60 63.20
C MET E 75 -3.92 -6.37 64.08
N SER E 76 -3.69 -6.52 65.38
CA SER E 76 -3.86 -5.41 66.30
C SER E 76 -2.72 -4.42 66.18
N LYS E 77 -1.48 -4.90 66.24
CA LYS E 77 -0.32 -4.05 66.22
C LYS E 77 0.19 -3.79 64.79
N ASN E 78 -0.58 -4.19 63.77
CA ASN E 78 -0.40 -3.80 62.38
C ASN E 78 0.93 -4.28 61.83
N GLN E 79 1.36 -5.46 62.28
CA GLN E 79 2.67 -5.98 61.95
C GLN E 79 2.55 -7.43 61.48
N PHE E 80 3.48 -7.84 60.63
CA PHE E 80 3.53 -9.21 60.18
C PHE E 80 4.98 -9.66 60.16
N SER E 81 5.22 -10.89 60.59
CA SER E 81 6.54 -11.35 60.97
C SER E 81 7.12 -12.25 59.89
N LEU E 82 8.26 -12.86 60.21
CA LEU E 82 8.92 -13.84 59.36
C LEU E 82 9.69 -14.79 60.25
N ASN E 83 9.58 -16.08 59.98
CA ASN E 83 10.25 -17.09 60.82
C ASN E 83 10.93 -18.09 59.91
N LEU E 84 12.17 -17.77 59.52
CA LEU E 84 13.01 -18.69 58.76
C LEU E 84 13.72 -19.61 59.75
N ASN E 85 13.39 -20.90 59.69
CA ASN E 85 13.94 -21.87 60.62
C ASN E 85 15.12 -22.61 59.99
N SER E 86 16.04 -23.06 60.86
CA SER E 86 17.28 -23.75 60.51
C SER E 86 18.11 -22.93 59.52
N VAL E 87 18.49 -21.73 59.98
CA VAL E 87 19.21 -20.79 59.13
C VAL E 87 20.62 -21.28 58.86
N THR E 88 21.10 -21.05 57.64
CA THR E 88 22.47 -21.34 57.26
C THR E 88 23.15 -20.06 56.84
N ALA E 89 24.46 -20.15 56.60
CA ALA E 89 25.23 -18.99 56.19
C ALA E 89 24.85 -18.51 54.79
N ALA E 90 24.29 -19.38 53.96
CA ALA E 90 23.83 -18.98 52.63
C ALA E 90 22.51 -18.22 52.69
N ASP E 91 21.87 -18.12 53.85
CA ASP E 91 20.67 -17.31 53.98
C ASP E 91 20.99 -15.87 54.39
N THR E 92 22.26 -15.48 54.36
CA THR E 92 22.63 -14.10 54.58
C THR E 92 22.11 -13.22 53.46
N ALA E 93 21.22 -12.30 53.79
CA ALA E 93 20.52 -11.52 52.79
C ALA E 93 19.98 -10.24 53.41
N VAL E 94 19.30 -9.46 52.59
CA VAL E 94 18.57 -8.29 53.04
C VAL E 94 17.10 -8.59 52.88
N TYR E 95 16.41 -8.79 54.00
CA TYR E 95 15.03 -9.26 54.00
C TYR E 95 14.08 -8.07 53.88
N TYR E 96 13.66 -7.78 52.66
CA TYR E 96 12.68 -6.72 52.43
C TYR E 96 11.28 -7.25 52.69
N CYS E 97 10.47 -6.46 53.37
CA CYS E 97 9.03 -6.66 53.36
C CYS E 97 8.44 -5.79 52.28
N ALA E 98 7.39 -6.27 51.63
CA ALA E 98 6.89 -5.57 50.46
C ALA E 98 5.37 -5.63 50.40
N ARG E 99 4.76 -4.49 50.11
CA ARG E 99 3.35 -4.45 49.82
C ARG E 99 3.11 -4.98 48.42
N ASP E 100 2.22 -5.93 48.30
CA ASP E 100 1.97 -6.59 47.04
C ASP E 100 0.84 -5.87 46.32
N TYR E 101 0.87 -5.91 44.99
CA TYR E 101 -0.15 -5.22 44.20
C TYR E 101 -0.56 -6.09 43.04
N GLN E 102 -1.85 -6.03 42.68
CA GLN E 102 -2.43 -6.87 41.65
C GLN E 102 -3.08 -5.98 40.61
N TYR E 103 -2.86 -6.28 39.34
CA TYR E 103 -3.52 -5.56 38.25
C TYR E 103 -4.43 -6.53 37.53
N TYR E 104 -5.70 -6.53 37.90
CA TYR E 104 -6.70 -7.31 37.20
C TYR E 104 -7.15 -6.52 35.98
N TYR E 105 -6.89 -7.07 34.80
CA TYR E 105 -7.51 -6.59 33.58
C TYR E 105 -8.67 -7.51 33.26
N SER E 106 -9.81 -6.92 32.86
CA SER E 106 -10.93 -7.65 32.28
C SER E 106 -11.47 -8.76 33.18
N GLY E 107 -12.22 -8.42 34.22
CA GLY E 107 -12.56 -9.34 35.29
C GLY E 107 -13.37 -10.60 34.99
N SER E 108 -13.45 -11.00 33.73
CA SER E 108 -13.62 -12.40 33.37
C SER E 108 -12.27 -13.08 33.14
N TYR E 109 -11.17 -12.42 33.50
CA TYR E 109 -9.83 -12.99 33.49
C TYR E 109 -9.20 -12.73 34.86
N PRO E 110 -9.19 -13.71 35.74
CA PRO E 110 -8.71 -13.47 37.11
C PRO E 110 -7.23 -13.68 37.29
N THR E 111 -6.44 -13.66 36.23
CA THR E 111 -5.01 -13.78 36.38
C THR E 111 -4.42 -12.39 36.40
N PRO E 112 -4.10 -11.82 37.56
CA PRO E 112 -3.62 -10.45 37.58
C PRO E 112 -2.16 -10.36 37.22
N HIS E 113 -1.76 -9.17 36.81
CA HIS E 113 -0.35 -8.84 36.79
C HIS E 113 0.10 -8.55 38.21
N ASN E 114 1.17 -9.19 38.63
CA ASN E 114 1.64 -9.07 40.00
C ASN E 114 2.96 -8.32 40.04
N TRP E 115 3.06 -7.37 40.96
CA TRP E 115 4.30 -6.69 41.26
C TRP E 115 4.21 -6.14 42.67
N PHE E 116 5.29 -5.49 43.09
CA PHE E 116 5.38 -4.93 44.43
C PHE E 116 5.61 -3.43 44.30
N ASP E 117 4.77 -2.64 44.95
CA ASP E 117 4.86 -1.19 44.81
C ASP E 117 5.58 -0.52 45.98
N VAL E 118 5.22 -0.86 47.21
CA VAL E 118 5.79 -0.24 48.39
C VAL E 118 6.69 -1.27 49.07
N TRP E 119 7.97 -0.96 49.13
CA TRP E 119 8.98 -1.78 49.76
C TRP E 119 9.39 -1.15 51.08
N GLY E 120 9.83 -1.99 52.00
CA GLY E 120 10.44 -1.48 53.20
C GLY E 120 11.85 -1.02 52.94
N PRO E 121 12.43 -0.31 53.91
CA PRO E 121 13.83 0.14 53.76
C PRO E 121 14.84 -0.98 53.87
N GLY E 122 14.44 -2.20 54.22
CA GLY E 122 15.36 -3.32 54.26
C GLY E 122 16.09 -3.42 55.58
N VAL E 123 16.61 -4.62 55.83
CA VAL E 123 17.44 -4.86 57.00
C VAL E 123 18.45 -5.93 56.64
N LEU E 124 19.72 -5.69 56.98
CA LEU E 124 20.80 -6.64 56.71
C LEU E 124 20.84 -7.65 57.84
N VAL E 125 20.52 -8.91 57.53
CA VAL E 125 20.55 -9.98 58.51
C VAL E 125 21.56 -11.01 58.04
N THR E 126 22.66 -11.13 58.77
CA THR E 126 23.72 -12.07 58.46
C THR E 126 23.68 -13.20 59.47
N VAL E 127 23.58 -14.43 58.97
CA VAL E 127 23.62 -15.60 59.83
C VAL E 127 25.07 -15.87 60.19
N SER E 128 25.44 -15.63 61.44
CA SER E 128 26.81 -15.79 61.89
C SER E 128 26.82 -16.33 63.31
N SER E 129 27.76 -17.24 63.57
CA SER E 129 27.93 -17.80 64.90
C SER E 129 28.85 -16.98 65.79
N ALA E 130 29.39 -15.88 65.27
CA ALA E 130 30.32 -15.06 66.03
C ALA E 130 29.57 -14.19 67.04
N SER E 131 30.27 -13.83 68.11
CA SER E 131 29.72 -12.96 69.13
C SER E 131 30.04 -11.50 68.82
N THR E 132 29.31 -10.60 69.47
CA THR E 132 29.47 -9.17 69.24
C THR E 132 30.80 -8.70 69.82
N LYS E 133 31.61 -8.06 68.97
CA LYS E 133 32.96 -7.65 69.34
C LYS E 133 33.27 -6.29 68.74
N GLY E 134 33.90 -5.42 69.53
CA GLY E 134 34.34 -4.13 69.06
C GLY E 134 35.56 -4.24 68.15
N PRO E 135 35.77 -3.22 67.32
CA PRO E 135 36.89 -3.28 66.37
C PRO E 135 38.23 -2.93 66.99
N SER E 136 39.28 -3.40 66.32
CA SER E 136 40.65 -2.98 66.59
C SER E 136 41.12 -2.12 65.43
N VAL E 137 41.54 -0.89 65.72
CA VAL E 137 41.87 0.09 64.70
C VAL E 137 43.37 0.37 64.76
N PHE E 138 44.03 0.20 63.62
CA PHE E 138 45.44 0.52 63.46
C PHE E 138 45.62 1.36 62.20
N PRO E 139 46.39 2.44 62.26
CA PRO E 139 46.46 3.36 61.13
C PRO E 139 47.31 2.83 59.98
N LEU E 140 46.89 3.16 58.77
CA LEU E 140 47.67 2.90 57.56
C LEU E 140 48.59 4.11 57.36
N ALA E 141 49.79 4.01 57.93
CA ALA E 141 50.68 5.15 58.00
C ALA E 141 51.30 5.44 56.63
N PRO E 142 51.44 6.71 56.26
CA PRO E 142 52.05 7.04 54.97
C PRO E 142 53.57 6.86 55.01
N SER E 143 54.12 6.43 53.86
CA SER E 143 55.54 6.20 53.72
C SER E 143 56.04 6.90 52.46
N SER E 144 57.32 6.69 52.15
CA SER E 144 57.87 7.21 50.91
C SER E 144 57.33 6.46 49.70
N LYS E 145 56.92 5.21 49.88
CA LYS E 145 56.29 4.42 48.83
C LYS E 145 54.79 4.67 48.71
N SER E 146 54.24 5.54 49.57
CA SER E 146 52.83 5.90 49.52
C SER E 146 52.60 7.23 48.81
N THR E 147 53.40 7.52 47.79
CA THR E 147 53.26 8.73 47.01
C THR E 147 53.00 8.38 45.55
N SER E 148 52.16 9.17 44.88
CA SER E 148 51.88 8.95 43.47
C SER E 148 51.48 10.30 42.85
N GLY E 149 52.44 10.96 42.21
CA GLY E 149 52.19 12.20 41.48
C GLY E 149 51.73 13.36 42.33
N GLY E 150 52.43 13.62 43.43
CA GLY E 150 52.06 14.68 44.35
C GLY E 150 50.94 14.33 45.31
N THR E 151 50.41 13.12 45.25
CA THR E 151 49.35 12.67 46.13
C THR E 151 49.92 11.64 47.10
N ALA E 152 49.69 11.86 48.39
CA ALA E 152 50.11 10.92 49.42
C ALA E 152 48.89 10.49 50.22
N ALA E 153 48.68 9.18 50.32
CA ALA E 153 47.49 8.62 50.93
C ALA E 153 47.78 8.14 52.34
N LEU E 154 46.71 8.06 53.14
CA LEU E 154 46.80 7.61 54.52
C LEU E 154 45.41 7.14 54.95
N GLY E 155 45.37 6.27 55.96
CA GLY E 155 44.10 5.78 56.40
C GLY E 155 44.20 4.97 57.67
N CYS E 156 43.09 4.30 57.99
CA CYS E 156 42.99 3.42 59.16
C CYS E 156 42.58 2.03 58.71
N LEU E 157 43.13 1.02 59.37
CA LEU E 157 42.83 -0.38 59.08
C LEU E 157 41.98 -0.94 60.23
N VAL E 158 40.69 -1.10 59.97
CA VAL E 158 39.74 -1.61 60.96
C VAL E 158 39.76 -3.13 60.89
N LYS E 159 39.79 -3.80 62.04
CA LYS E 159 39.97 -5.23 62.08
C LYS E 159 39.19 -5.83 63.25
N ASP E 160 38.62 -7.03 63.01
CA ASP E 160 38.09 -7.93 64.04
C ASP E 160 36.94 -7.31 64.83
N TYR E 161 35.82 -7.09 64.13
CA TYR E 161 34.60 -6.66 64.80
C TYR E 161 33.41 -7.47 64.30
N PHE E 162 32.27 -7.27 64.98
CA PHE E 162 30.99 -7.88 64.73
C PHE E 162 29.93 -7.18 65.57
N PRO E 163 28.73 -6.93 65.04
CA PRO E 163 28.28 -7.10 63.65
C PRO E 163 28.48 -5.86 62.80
N GLU E 164 27.76 -5.83 61.68
CA GLU E 164 27.67 -4.68 60.81
C GLU E 164 26.61 -3.70 61.31
N PRO E 165 26.77 -2.40 61.03
CA PRO E 165 27.94 -1.72 60.45
C PRO E 165 28.71 -0.85 61.45
N VAL E 166 29.89 -0.40 61.03
CA VAL E 166 30.61 0.68 61.70
C VAL E 166 30.45 1.94 60.86
N THR E 167 30.54 3.09 61.52
CA THR E 167 30.51 4.38 60.85
C THR E 167 31.84 5.07 61.12
N VAL E 168 32.73 5.06 60.13
CA VAL E 168 34.09 5.57 60.28
C VAL E 168 34.13 6.93 59.59
N SER E 169 34.02 8.00 60.38
CA SER E 169 34.13 9.36 59.88
C SER E 169 35.52 9.92 60.18
N TRP E 170 35.87 10.99 59.48
CA TRP E 170 37.22 11.54 59.52
C TRP E 170 37.20 12.95 60.10
N ASN E 171 37.91 13.12 61.23
CA ASN E 171 38.09 14.40 61.92
C ASN E 171 36.74 15.01 62.33
N SER E 172 35.94 14.20 63.04
CA SER E 172 34.63 14.57 63.58
C SER E 172 33.65 15.01 62.49
N GLY E 173 33.73 14.39 61.32
CA GLY E 173 32.82 14.68 60.24
C GLY E 173 33.16 15.89 59.40
N ALA E 174 34.36 16.43 59.54
CA ALA E 174 34.75 17.61 58.76
C ALA E 174 35.39 17.27 57.43
N LEU E 175 36.11 16.14 57.36
CA LEU E 175 36.80 15.73 56.15
C LEU E 175 35.86 14.88 55.29
N THR E 176 35.56 15.35 54.09
CA THR E 176 34.68 14.65 53.17
C THR E 176 35.31 14.33 51.82
N SER E 177 36.12 15.23 51.27
CA SER E 177 36.74 14.98 49.97
C SER E 177 37.91 14.03 50.11
N GLY E 178 37.98 13.05 49.20
CA GLY E 178 38.98 12.00 49.28
C GLY E 178 38.64 10.85 50.20
N VAL E 179 37.52 10.93 50.91
CA VAL E 179 37.14 9.90 51.87
C VAL E 179 36.59 8.70 51.12
N HIS E 180 37.14 7.52 51.41
CA HIS E 180 36.68 6.26 50.82
C HIS E 180 36.64 5.20 51.92
N THR E 181 35.46 4.99 52.50
CA THR E 181 35.25 3.95 53.49
C THR E 181 34.83 2.68 52.76
N PHE E 182 35.69 1.67 52.79
CA PHE E 182 35.46 0.47 52.01
C PHE E 182 34.44 -0.43 52.69
N PRO E 183 33.68 -1.21 51.91
CA PRO E 183 32.80 -2.22 52.52
C PRO E 183 33.62 -3.33 53.15
N ALA E 184 33.08 -3.89 54.22
CA ALA E 184 33.79 -4.91 54.98
C ALA E 184 33.69 -6.27 54.32
N VAL E 185 34.69 -7.11 54.58
CA VAL E 185 34.68 -8.50 54.15
C VAL E 185 34.64 -9.37 55.40
N LEU E 186 34.13 -10.59 55.23
CA LEU E 186 34.11 -11.55 56.31
C LEU E 186 35.40 -12.35 56.28
N GLN E 187 36.13 -12.34 57.40
CA GLN E 187 37.39 -13.06 57.48
C GLN E 187 37.16 -14.56 57.56
N SER E 188 38.25 -15.32 57.51
CA SER E 188 38.18 -16.76 57.75
C SER E 188 37.88 -17.05 59.21
N SER E 189 38.28 -16.16 60.11
CA SER E 189 38.01 -16.32 61.54
C SER E 189 36.56 -16.01 61.89
N GLY E 190 35.80 -15.35 61.01
CA GLY E 190 34.42 -15.04 61.26
C GLY E 190 34.14 -13.61 61.68
N LEU E 191 35.15 -12.76 61.77
CA LEU E 191 34.98 -11.38 62.18
C LEU E 191 35.09 -10.44 60.99
N TYR E 192 34.48 -9.27 61.12
CA TYR E 192 34.52 -8.30 60.03
C TYR E 192 35.76 -7.43 60.12
N SER E 193 36.12 -6.86 58.97
CA SER E 193 37.24 -5.94 58.86
C SER E 193 37.07 -5.15 57.58
N LEU E 194 37.13 -3.83 57.68
CA LEU E 194 37.14 -2.97 56.50
C LEU E 194 38.35 -2.04 56.57
N SER E 195 38.61 -1.38 55.46
CA SER E 195 39.61 -0.32 55.39
C SER E 195 38.92 1.01 55.12
N SER E 196 39.64 2.09 55.43
CA SER E 196 39.14 3.44 55.18
C SER E 196 40.34 4.36 55.06
N VAL E 197 40.48 5.02 53.91
CA VAL E 197 41.62 5.88 53.64
C VAL E 197 41.13 7.23 53.14
N VAL E 198 42.05 8.20 53.12
CA VAL E 198 41.85 9.48 52.47
C VAL E 198 43.14 9.83 51.74
N THR E 199 43.00 10.36 50.52
CA THR E 199 44.14 10.71 49.68
C THR E 199 44.26 12.23 49.65
N VAL E 200 45.30 12.73 50.28
CA VAL E 200 45.48 14.17 50.50
C VAL E 200 46.68 14.59 49.66
N PRO E 201 46.85 15.90 49.41
CA PRO E 201 48.10 16.37 48.80
C PRO E 201 49.30 16.07 49.67
N SER E 202 50.42 15.73 49.01
CA SER E 202 51.62 15.30 49.71
C SER E 202 52.31 16.45 50.44
N SER E 203 52.01 17.69 50.09
CA SER E 203 52.56 18.84 50.80
C SER E 203 51.84 19.12 52.11
N GLY E 204 50.70 18.48 52.36
CA GLY E 204 49.94 18.66 53.57
C GLY E 204 50.24 17.65 54.67
N LEU E 205 51.27 16.83 54.51
CA LEU E 205 51.65 15.84 55.52
C LEU E 205 52.60 16.51 56.50
N GLY E 206 52.20 16.55 57.77
CA GLY E 206 52.94 17.24 58.80
C GLY E 206 52.28 18.51 59.30
N THR E 207 51.22 18.96 58.63
CA THR E 207 50.51 20.17 59.02
C THR E 207 49.07 19.94 59.44
N GLN E 208 48.44 18.85 58.98
CA GLN E 208 47.03 18.61 59.20
C GLN E 208 46.83 17.33 60.01
N THR E 209 45.88 17.38 60.94
CA THR E 209 45.55 16.23 61.77
C THR E 209 44.45 15.41 61.12
N TYR E 210 44.68 14.11 60.98
CA TYR E 210 43.74 13.17 60.38
C TYR E 210 43.44 12.06 61.38
N ILE E 211 42.22 12.04 61.90
CA ILE E 211 41.80 11.05 62.89
C ILE E 211 40.53 10.39 62.39
N CYS E 212 40.54 9.06 62.29
CA CYS E 212 39.34 8.31 61.92
C CYS E 212 38.48 8.05 63.17
N ASN E 213 37.18 8.31 63.04
CA ASN E 213 36.24 8.26 64.15
C ASN E 213 35.34 7.04 63.96
N VAL E 214 35.71 5.93 64.57
CA VAL E 214 34.99 4.67 64.44
C VAL E 214 33.89 4.62 65.49
N ASN E 215 32.69 4.21 65.08
CA ASN E 215 31.56 4.08 65.99
C ASN E 215 30.83 2.77 65.69
N HIS E 216 30.86 1.84 66.63
CA HIS E 216 30.16 0.55 66.53
C HIS E 216 29.18 0.47 67.70
N LYS E 217 27.89 0.67 67.40
CA LYS E 217 26.82 0.72 68.39
C LYS E 217 26.41 -0.62 69.02
N PRO E 218 26.35 -1.78 68.32
CA PRO E 218 26.01 -3.03 69.03
C PRO E 218 27.05 -3.51 70.03
N SER E 219 28.31 -3.08 69.91
CA SER E 219 29.30 -3.39 70.94
C SER E 219 29.62 -2.20 71.82
N ASN E 220 29.09 -1.01 71.48
CA ASN E 220 29.36 0.27 72.15
C ASN E 220 30.86 0.56 72.20
N THR E 221 31.45 0.71 71.02
CA THR E 221 32.88 0.93 70.88
C THR E 221 33.11 2.17 70.03
N LYS E 222 33.80 3.16 70.60
CA LYS E 222 34.18 4.37 69.88
C LYS E 222 35.68 4.53 69.94
N VAL E 223 36.33 4.46 68.77
CA VAL E 223 37.79 4.50 68.66
C VAL E 223 38.17 5.71 67.81
N ASP E 224 39.10 6.52 68.31
CA ASP E 224 39.65 7.65 67.58
C ASP E 224 41.15 7.44 67.49
N LYS E 225 41.65 7.15 66.29
CA LYS E 225 43.06 6.87 66.07
C LYS E 225 43.63 7.88 65.10
N LYS E 226 44.73 8.52 65.49
CA LYS E 226 45.41 9.49 64.65
C LYS E 226 46.38 8.77 63.72
N VAL E 227 46.48 9.27 62.49
CA VAL E 227 47.36 8.71 61.47
C VAL E 227 48.57 9.64 61.34
N GLU E 228 49.76 9.11 61.59
CA GLU E 228 51.00 9.84 61.56
C GLU E 228 52.02 9.15 60.68
N PRO E 229 52.96 9.89 60.09
CA PRO E 229 54.05 9.24 59.35
C PRO E 229 54.97 8.47 60.28
N LYS E 230 55.67 7.50 59.68
CA LYS E 230 56.57 6.65 60.44
C LYS E 230 57.90 7.36 60.70
N SER E 231 58.32 7.34 61.96
CA SER E 231 59.62 7.88 62.33
C SER E 231 60.73 6.96 61.86
N CYS E 232 61.83 7.55 61.38
CA CYS E 232 62.92 6.79 60.77
C CYS E 232 64.27 7.03 61.41
N ASP E 233 64.41 8.00 62.32
CA ASP E 233 65.70 8.38 62.87
C ASP E 233 65.93 7.91 64.29
N LYS E 234 64.88 7.51 65.02
CA LYS E 234 65.00 7.27 66.45
C LYS E 234 65.65 5.92 66.79
N THR E 235 65.98 5.11 65.80
CA THR E 235 66.50 3.77 66.07
C THR E 235 68.01 3.66 65.87
N HIS E 236 68.60 4.51 65.04
CA HIS E 236 70.00 4.38 64.65
C HIS E 236 70.95 5.22 65.49
N HIS E 237 70.50 5.73 66.63
CA HIS E 237 71.39 6.46 67.54
C HIS E 237 71.87 5.52 68.65
N HIS E 238 72.81 4.65 68.27
CA HIS E 238 73.46 3.77 69.23
C HIS E 238 74.71 4.47 69.76
N HIS E 239 74.77 4.64 71.08
CA HIS E 239 75.79 5.47 71.70
C HIS E 239 77.09 4.69 71.85
N HIS E 240 78.19 5.29 71.39
CA HIS E 240 79.52 4.70 71.53
C HIS E 240 80.14 5.25 72.81
N HIS E 241 80.18 4.42 73.85
CA HIS E 241 80.68 4.84 75.16
C HIS E 241 82.17 4.56 75.22
N HIS E 242 82.97 5.62 75.11
CA HIS E 242 84.43 5.50 75.20
C HIS E 242 84.91 5.75 76.63
N ASP F 1 10.60 -24.17 38.45
CA ASP F 1 9.98 -22.85 38.42
C ASP F 1 10.36 -22.11 37.15
N ILE F 2 9.93 -20.86 37.05
CA ILE F 2 10.33 -20.02 35.93
C ILE F 2 11.66 -19.36 36.28
N GLN F 3 12.68 -19.61 35.47
CA GLN F 3 13.98 -18.97 35.64
C GLN F 3 14.04 -17.71 34.78
N MET F 4 14.56 -16.63 35.36
CA MET F 4 14.62 -15.35 34.67
C MET F 4 16.10 -15.02 34.47
N THR F 5 16.58 -15.23 33.25
CA THR F 5 17.98 -14.98 32.90
C THR F 5 18.08 -13.64 32.20
N GLN F 6 18.85 -12.73 32.77
CA GLN F 6 19.10 -11.44 32.18
C GLN F 6 20.42 -11.46 31.40
N SER F 7 20.52 -10.55 30.43
CA SER F 7 21.71 -10.40 29.63
C SER F 7 21.83 -8.92 29.29
N PRO F 8 22.98 -8.29 29.57
CA PRO F 8 24.12 -8.86 30.29
C PRO F 8 23.98 -8.70 31.78
N SER F 9 24.83 -9.37 32.56
CA SER F 9 24.74 -9.28 34.00
C SER F 9 25.25 -7.93 34.51
N SER F 10 26.15 -7.28 33.78
CA SER F 10 26.67 -5.98 34.16
C SER F 10 27.04 -5.21 32.91
N LEU F 11 26.27 -4.17 32.60
CA LEU F 11 26.47 -3.37 31.41
C LEU F 11 27.03 -2.00 31.81
N SER F 12 27.85 -1.42 30.95
CA SER F 12 28.51 -0.16 31.22
C SER F 12 28.32 0.78 30.03
N ALA F 13 27.85 1.99 30.31
CA ALA F 13 27.56 2.96 29.26
C ALA F 13 27.68 4.38 29.80
N SER F 14 28.05 5.30 28.92
CA SER F 14 28.22 6.69 29.30
C SER F 14 26.85 7.38 29.44
N VAL F 15 26.89 8.63 29.89
CA VAL F 15 25.69 9.42 30.08
C VAL F 15 25.11 9.80 28.72
N GLY F 16 23.87 9.42 28.49
CA GLY F 16 23.22 9.68 27.22
C GLY F 16 23.24 8.53 26.24
N ASP F 17 23.58 7.32 26.69
CA ASP F 17 23.59 6.17 25.80
C ASP F 17 22.24 5.48 25.78
N ARG F 18 22.04 4.67 24.75
CA ARG F 18 20.84 3.84 24.62
C ARG F 18 21.13 2.48 25.23
N VAL F 19 20.52 2.21 26.39
CA VAL F 19 20.79 1.01 27.16
C VAL F 19 19.61 0.06 27.01
N THR F 20 19.88 -1.14 26.50
CA THR F 20 18.86 -2.18 26.37
C THR F 20 19.23 -3.33 27.29
N ILE F 21 18.38 -3.56 28.29
CA ILE F 21 18.54 -4.64 29.25
C ILE F 21 17.49 -5.70 28.96
N THR F 22 17.93 -6.96 28.88
CA THR F 22 17.04 -8.07 28.61
C THR F 22 16.79 -8.89 29.86
N CYS F 23 15.74 -9.70 29.81
CA CYS F 23 15.43 -10.68 30.85
C CYS F 23 14.68 -11.83 30.19
N ARG F 24 15.39 -12.90 29.87
CA ARG F 24 14.79 -14.01 29.17
C ARG F 24 14.25 -15.04 30.17
N ALA F 25 13.04 -15.51 29.92
CA ALA F 25 12.36 -16.46 30.80
C ALA F 25 12.42 -17.87 30.23
N SER F 26 12.27 -18.84 31.13
CA SER F 26 12.28 -20.25 30.74
C SER F 26 10.95 -20.72 30.19
N GLN F 27 9.88 -20.56 30.95
CA GLN F 27 8.53 -20.78 30.44
C GLN F 27 8.00 -19.44 29.93
N GLY F 28 7.16 -19.51 28.92
CA GLY F 28 6.71 -18.28 28.31
C GLY F 28 5.66 -17.57 29.14
N ILE F 29 6.03 -16.47 29.78
CA ILE F 29 5.05 -15.61 30.43
C ILE F 29 4.49 -14.70 29.35
N ILE F 30 3.23 -14.31 29.48
CA ILE F 30 2.59 -13.63 28.38
C ILE F 30 3.09 -12.18 28.29
N ASP F 31 2.74 -11.36 29.27
CA ASP F 31 3.42 -10.07 29.44
C ASP F 31 3.50 -9.72 30.91
N TYR F 32 3.47 -10.71 31.79
CA TYR F 32 3.32 -10.52 33.23
C TYR F 32 4.65 -10.16 33.86
N LEU F 33 5.18 -9.00 33.48
CA LEU F 33 6.54 -8.68 33.88
C LEU F 33 6.66 -7.25 34.37
N SER F 34 7.54 -7.06 35.34
CA SER F 34 7.79 -5.77 35.94
C SER F 34 9.30 -5.54 36.03
N TRP F 35 9.70 -4.28 35.96
CA TRP F 35 11.10 -3.90 36.02
C TRP F 35 11.36 -3.09 37.27
N TYR F 36 12.44 -3.42 37.98
CA TYR F 36 12.76 -2.79 39.25
C TYR F 36 14.13 -2.14 39.21
N GLN F 37 14.20 -0.88 39.60
CA GLN F 37 15.47 -0.16 39.75
C GLN F 37 15.83 -0.13 41.23
N GLN F 38 16.83 -0.90 41.60
CA GLN F 38 17.30 -0.97 42.98
C GLN F 38 18.54 -0.08 43.10
N LYS F 39 18.37 1.07 43.72
CA LYS F 39 19.51 1.93 44.00
C LYS F 39 20.30 1.38 45.19
N PRO F 40 21.61 1.61 45.23
CA PRO F 40 22.44 1.03 46.30
C PRO F 40 22.09 1.61 47.66
N GLY F 41 21.83 0.73 48.61
CA GLY F 41 21.41 1.15 49.93
C GLY F 41 19.96 1.58 50.03
N LYS F 42 19.18 1.44 48.96
CA LYS F 42 17.80 1.85 48.94
C LYS F 42 16.90 0.66 48.62
N ALA F 43 15.61 0.87 48.80
CA ALA F 43 14.63 -0.13 48.40
C ALA F 43 14.49 -0.14 46.88
N PRO F 44 14.10 -1.27 46.30
CA PRO F 44 13.79 -1.28 44.87
C PRO F 44 12.56 -0.44 44.55
N LYS F 45 12.50 0.00 43.30
CA LYS F 45 11.47 0.91 42.83
C LYS F 45 10.91 0.35 41.53
N LEU F 46 9.58 0.28 41.43
CA LEU F 46 8.91 -0.20 40.24
C LEU F 46 9.11 0.78 39.10
N LEU F 47 9.64 0.30 37.97
CA LEU F 47 9.80 1.14 36.79
C LEU F 47 8.74 0.89 35.73
N ILE F 48 8.70 -0.31 35.18
CA ILE F 48 7.95 -0.62 33.98
C ILE F 48 7.15 -1.88 34.29
N SER F 49 5.85 -1.72 34.52
CA SER F 49 4.98 -2.86 34.79
C SER F 49 4.31 -3.31 33.50
N THR F 50 3.87 -4.58 33.49
CA THR F 50 3.23 -5.27 32.36
C THR F 50 4.07 -5.23 31.09
N ALA F 51 5.38 -5.05 31.22
CA ALA F 51 6.41 -5.01 30.18
C ALA F 51 6.24 -3.90 29.14
N SER F 52 5.23 -3.04 29.28
CA SER F 52 5.09 -1.94 28.34
C SER F 52 4.57 -0.65 28.96
N ASN F 53 4.34 -0.58 30.27
CA ASN F 53 3.75 0.60 30.87
C ASN F 53 4.80 1.43 31.57
N LEU F 54 4.79 2.73 31.30
CA LEU F 54 5.61 3.69 32.03
C LEU F 54 4.84 4.10 33.28
N GLU F 55 5.39 3.77 34.45
CA GLU F 55 4.67 4.02 35.69
C GLU F 55 4.69 5.49 36.09
N SER F 56 3.74 5.86 36.92
CA SER F 56 3.55 7.24 37.36
C SER F 56 4.70 7.63 38.28
N GLY F 57 5.61 8.46 37.77
CA GLY F 57 6.79 8.87 38.48
C GLY F 57 8.09 8.45 37.83
N VAL F 58 8.03 7.51 36.89
CA VAL F 58 9.23 7.06 36.18
C VAL F 58 9.35 7.89 34.91
N PRO F 59 10.49 8.52 34.65
CA PRO F 59 10.60 9.45 33.52
C PRO F 59 10.58 8.73 32.18
N SER F 60 10.37 9.53 31.12
CA SER F 60 10.09 9.01 29.79
C SER F 60 11.28 8.37 29.11
N ARG F 61 12.49 8.55 29.64
CA ARG F 61 13.66 7.89 29.08
C ARG F 61 13.65 6.39 29.30
N PHE F 62 12.91 5.90 30.29
CA PHE F 62 12.70 4.48 30.49
C PHE F 62 11.53 4.01 29.63
N SER F 63 11.77 2.98 28.83
CA SER F 63 10.70 2.38 28.04
C SER F 63 10.92 0.89 28.00
N GLY F 64 9.83 0.14 27.86
CA GLY F 64 9.90 -1.29 27.82
C GLY F 64 9.03 -1.88 26.76
N SER F 65 9.50 -2.94 26.12
CA SER F 65 8.71 -3.66 25.12
C SER F 65 9.19 -5.10 25.08
N GLY F 66 8.45 -5.91 24.36
CA GLY F 66 8.76 -7.33 24.32
C GLY F 66 7.78 -8.12 25.18
N SER F 67 7.49 -9.33 24.73
CA SER F 67 6.60 -10.21 25.46
C SER F 67 6.94 -11.64 25.07
N GLY F 68 6.37 -12.58 25.81
CA GLY F 68 6.68 -13.98 25.55
C GLY F 68 7.90 -14.42 26.34
N THR F 69 9.01 -14.66 25.66
CA THR F 69 10.21 -15.10 26.34
C THR F 69 11.33 -14.07 26.32
N GLU F 70 11.30 -13.11 25.41
CA GLU F 70 12.33 -12.09 25.31
C GLU F 70 11.75 -10.74 25.69
N PHE F 71 12.44 -10.01 26.55
CA PHE F 71 11.98 -8.74 27.08
C PHE F 71 13.07 -7.70 26.91
N THR F 72 12.66 -6.44 26.72
CA THR F 72 13.60 -5.35 26.51
C THR F 72 13.30 -4.24 27.50
N LEU F 73 14.28 -3.88 28.31
CA LEU F 73 14.24 -2.65 29.11
C LEU F 73 15.13 -1.63 28.43
N THR F 74 14.51 -0.63 27.81
CA THR F 74 15.21 0.34 26.99
C THR F 74 15.34 1.66 27.74
N ILE F 75 16.57 2.10 27.94
CA ILE F 75 16.86 3.42 28.50
C ILE F 75 17.38 4.27 27.36
N SER F 76 16.57 5.25 26.92
CA SER F 76 16.89 5.99 25.71
C SER F 76 18.05 6.95 25.93
N SER F 77 17.88 7.92 26.82
CA SER F 77 18.90 8.92 27.13
C SER F 77 19.34 8.68 28.58
N LEU F 78 20.47 8.00 28.74
CA LEU F 78 20.92 7.60 30.07
C LEU F 78 21.40 8.80 30.87
N GLN F 79 21.00 8.86 32.13
CA GLN F 79 21.22 9.99 33.01
C GLN F 79 22.00 9.56 34.25
N PRO F 80 22.68 10.49 34.93
CA PRO F 80 23.46 10.10 36.12
C PRO F 80 22.63 9.67 37.32
N GLU F 81 21.30 9.80 37.31
CA GLU F 81 20.48 9.25 38.37
C GLU F 81 19.92 7.86 38.02
N ASP F 82 20.56 7.17 37.08
CA ASP F 82 20.06 5.89 36.57
C ASP F 82 21.08 4.78 36.67
N PHE F 83 22.22 5.01 37.33
CA PHE F 83 23.28 4.01 37.39
C PHE F 83 23.08 3.20 38.66
N ALA F 84 22.30 2.13 38.55
CA ALA F 84 21.93 1.31 39.69
C ALA F 84 21.66 -0.10 39.22
N THR F 85 21.04 -0.90 40.08
CA THR F 85 20.74 -2.29 39.77
C THR F 85 19.34 -2.41 39.18
N TYR F 86 19.25 -3.03 38.01
CA TYR F 86 17.97 -3.24 37.34
C TYR F 86 17.60 -4.70 37.40
N SER F 87 16.39 -4.99 37.88
CA SER F 87 15.89 -6.35 38.01
C SER F 87 14.55 -6.49 37.32
N CYS F 88 14.31 -7.67 36.77
CA CYS F 88 13.02 -8.07 36.23
C CYS F 88 12.29 -8.92 37.24
N LEU F 89 10.98 -9.05 37.04
CA LEU F 89 10.12 -9.86 37.90
C LEU F 89 9.01 -10.44 37.05
N GLN F 90 8.74 -11.73 37.17
CA GLN F 90 7.61 -12.32 36.49
C GLN F 90 6.45 -12.47 37.46
N GLY F 91 5.26 -12.11 37.01
CA GLY F 91 4.06 -12.28 37.81
C GLY F 91 3.09 -13.31 37.27
N TYR F 92 3.49 -14.12 36.29
CA TYR F 92 2.55 -15.01 35.63
C TYR F 92 2.16 -16.18 36.51
N THR F 93 3.08 -16.65 37.34
CA THR F 93 2.76 -17.71 38.28
C THR F 93 3.62 -17.52 39.51
N THR F 94 3.36 -18.36 40.50
CA THR F 94 3.94 -18.21 41.80
C THR F 94 4.67 -19.50 42.15
N PRO F 95 5.92 -19.45 42.63
CA PRO F 95 6.80 -18.38 43.12
C PRO F 95 7.24 -17.34 42.12
N TYR F 96 7.03 -16.09 42.51
CA TYR F 96 7.49 -14.94 41.77
C TYR F 96 9.00 -14.99 41.74
N THR F 97 9.60 -15.03 40.56
CA THR F 97 11.04 -15.13 40.46
C THR F 97 11.59 -13.89 39.81
N PHE F 98 12.54 -13.26 40.50
CA PHE F 98 13.29 -12.15 39.96
C PHE F 98 14.44 -12.65 39.10
N GLY F 99 14.97 -11.75 38.28
CA GLY F 99 16.21 -12.02 37.59
C GLY F 99 17.39 -11.87 38.51
N GLN F 100 18.58 -12.17 37.98
CA GLN F 100 19.78 -12.05 38.78
C GLN F 100 20.20 -10.60 38.97
N GLY F 101 19.70 -9.69 38.17
CA GLY F 101 20.04 -8.31 38.33
C GLY F 101 21.03 -7.83 37.26
N THR F 102 20.95 -6.54 36.96
CA THR F 102 21.82 -5.91 35.96
C THR F 102 22.46 -4.69 36.58
N LYS F 103 23.78 -4.68 36.64
CA LYS F 103 24.54 -3.57 37.18
C LYS F 103 24.90 -2.60 36.06
N VAL F 104 24.68 -1.30 36.30
CA VAL F 104 24.86 -0.28 35.28
C VAL F 104 25.88 0.73 35.78
N GLU F 105 26.91 0.98 34.95
CA GLU F 105 28.06 1.78 35.33
C GLU F 105 28.31 2.87 34.29
N ILE F 106 29.09 3.87 34.69
CA ILE F 106 29.37 5.04 33.85
C ILE F 106 30.66 4.77 33.09
N LYS F 107 30.62 4.87 31.77
CA LYS F 107 31.80 4.59 30.95
C LYS F 107 32.65 5.85 30.87
N THR F 108 33.47 6.05 31.90
CA THR F 108 34.49 7.12 31.93
C THR F 108 35.78 6.48 32.42
N VAL F 109 36.72 6.24 31.51
CA VAL F 109 37.94 5.52 31.83
C VAL F 109 38.92 6.44 32.55
N ALA F 110 39.42 5.98 33.70
CA ALA F 110 40.45 6.70 34.45
C ALA F 110 41.43 5.69 35.04
N ALA F 111 42.69 6.11 35.17
CA ALA F 111 43.82 5.30 35.62
C ALA F 111 44.05 5.47 37.12
N PRO F 112 44.36 4.39 37.84
CA PRO F 112 44.52 4.50 39.29
C PRO F 112 45.88 5.04 39.69
N SER F 113 45.89 5.77 40.81
CA SER F 113 47.12 6.12 41.51
C SER F 113 47.30 5.12 42.65
N VAL F 114 48.23 4.20 42.48
CA VAL F 114 48.33 3.02 43.35
C VAL F 114 49.14 3.38 44.59
N PHE F 115 48.63 3.00 45.76
CA PHE F 115 49.32 3.22 47.02
C PHE F 115 49.52 1.88 47.71
N ILE F 116 50.42 1.87 48.70
CA ILE F 116 50.69 0.68 49.50
C ILE F 116 51.01 1.14 50.92
N PHE F 117 50.64 0.33 51.90
CA PHE F 117 50.76 0.70 53.31
C PHE F 117 51.41 -0.42 54.09
N PRO F 118 52.51 -0.16 54.81
CA PRO F 118 53.08 -1.16 55.71
C PRO F 118 52.25 -1.26 56.98
N PRO F 119 52.31 -2.40 57.68
CA PRO F 119 51.56 -2.52 58.93
C PRO F 119 52.18 -1.68 60.04
N SER F 120 51.32 -1.16 60.90
CA SER F 120 51.79 -0.32 62.01
C SER F 120 52.45 -1.17 63.08
N ASP F 121 53.19 -0.49 63.96
CA ASP F 121 53.92 -1.20 65.02
C ASP F 121 52.97 -1.72 66.09
N GLU F 122 51.87 -1.03 66.34
CA GLU F 122 50.86 -1.54 67.27
C GLU F 122 50.15 -2.76 66.70
N GLN F 123 49.97 -2.81 65.38
CA GLN F 123 49.44 -4.01 64.75
C GLN F 123 50.42 -5.16 64.86
N LEU F 124 51.73 -4.89 64.76
CA LEU F 124 52.74 -5.90 65.01
C LEU F 124 52.74 -6.36 66.46
N LYS F 125 52.39 -5.46 67.39
CA LYS F 125 52.18 -5.85 68.77
C LYS F 125 50.94 -6.71 68.92
N SER F 126 49.92 -6.52 68.08
CA SER F 126 48.68 -7.29 68.16
C SER F 126 48.85 -8.74 67.72
N GLY F 127 49.88 -9.05 66.94
CA GLY F 127 50.19 -10.42 66.58
C GLY F 127 50.13 -10.73 65.09
N THR F 128 49.43 -9.92 64.31
CA THR F 128 49.31 -10.13 62.87
C THR F 128 49.85 -8.93 62.12
N ALA F 129 50.06 -9.11 60.81
CA ALA F 129 50.56 -8.05 59.96
C ALA F 129 49.82 -8.09 58.64
N SER F 130 49.01 -7.07 58.38
CA SER F 130 48.21 -6.99 57.16
C SER F 130 48.79 -5.90 56.27
N VAL F 131 49.36 -6.29 55.15
CA VAL F 131 49.80 -5.37 54.12
C VAL F 131 48.57 -4.95 53.32
N VAL F 132 48.43 -3.64 53.11
CA VAL F 132 47.27 -3.09 52.40
C VAL F 132 47.76 -2.39 51.15
N CYS F 133 47.25 -2.81 49.99
CA CYS F 133 47.55 -2.18 48.72
C CYS F 133 46.33 -1.40 48.24
N LEU F 134 46.53 -0.13 47.91
CA LEU F 134 45.45 0.80 47.63
C LEU F 134 45.45 1.17 46.15
N LEU F 135 44.25 1.24 45.57
CA LEU F 135 44.06 1.63 44.18
C LEU F 135 42.87 2.60 44.13
N ASN F 136 43.15 3.88 43.94
CA ASN F 136 42.12 4.91 44.01
C ASN F 136 41.80 5.43 42.61
N ASN F 137 40.51 5.67 42.37
CA ASN F 137 39.98 6.40 41.22
C ASN F 137 40.35 5.75 39.89
N PHE F 138 39.81 4.53 39.69
CA PHE F 138 40.06 3.76 38.49
C PHE F 138 38.74 3.36 37.83
N TYR F 139 38.85 2.93 36.58
CA TYR F 139 37.77 2.39 35.78
C TYR F 139 38.36 1.61 34.62
N PRO F 140 37.92 0.36 34.36
CA PRO F 140 36.80 -0.39 34.94
C PRO F 140 37.08 -1.00 36.32
N ARG F 141 36.01 -1.40 37.00
CA ARG F 141 36.14 -2.00 38.33
C ARG F 141 36.79 -3.37 38.27
N GLU F 142 36.54 -4.12 37.20
CA GLU F 142 37.15 -5.44 37.03
C GLU F 142 38.63 -5.28 36.75
N ALA F 143 39.46 -5.56 37.75
CA ALA F 143 40.91 -5.41 37.63
C ALA F 143 41.58 -6.66 38.20
N LYS F 144 42.90 -6.63 38.28
CA LYS F 144 43.70 -7.79 38.67
C LYS F 144 44.77 -7.37 39.66
N VAL F 145 44.81 -8.05 40.80
CA VAL F 145 45.75 -7.76 41.88
C VAL F 145 46.52 -9.04 42.23
N GLN F 146 47.85 -8.96 42.18
CA GLN F 146 48.71 -10.08 42.57
C GLN F 146 49.58 -9.66 43.75
N TRP F 147 49.49 -10.41 44.84
CA TRP F 147 50.36 -10.20 45.98
C TRP F 147 51.71 -10.88 45.74
N LYS F 148 52.78 -10.11 45.79
CA LYS F 148 54.13 -10.62 45.60
C LYS F 148 54.92 -10.43 46.88
N VAL F 149 55.48 -11.53 47.39
CA VAL F 149 56.29 -11.53 48.61
C VAL F 149 57.66 -12.06 48.23
N ASP F 150 58.67 -11.17 48.25
CA ASP F 150 60.03 -11.42 47.75
C ASP F 150 60.02 -11.95 46.33
N ASN F 151 59.27 -11.24 45.47
CA ASN F 151 59.07 -11.56 44.05
C ASN F 151 58.48 -12.96 43.85
N ALA F 152 57.55 -13.35 44.71
CA ALA F 152 56.88 -14.64 44.60
C ALA F 152 55.39 -14.43 44.86
N LEU F 153 54.56 -14.93 43.94
CA LEU F 153 53.12 -14.78 44.05
C LEU F 153 52.58 -15.61 45.22
N GLN F 154 51.75 -14.99 46.05
CA GLN F 154 51.06 -15.65 47.14
C GLN F 154 49.57 -15.67 46.87
N SER F 155 48.95 -16.84 47.00
CA SER F 155 47.52 -17.00 46.78
C SER F 155 46.93 -17.79 47.95
N GLY F 156 45.74 -17.39 48.37
CA GLY F 156 45.10 -17.97 49.53
C GLY F 156 45.15 -17.12 50.78
N ASN F 157 45.66 -15.89 50.68
CA ASN F 157 45.71 -14.99 51.83
C ASN F 157 45.27 -13.58 51.45
N SER F 158 44.39 -13.44 50.46
CA SER F 158 44.00 -12.15 49.92
C SER F 158 42.51 -11.92 50.12
N GLN F 159 42.15 -10.75 50.65
CA GLN F 159 40.77 -10.33 50.81
C GLN F 159 40.64 -8.94 50.22
N GLU F 160 39.84 -8.81 49.16
CA GLU F 160 39.70 -7.57 48.42
C GLU F 160 38.35 -6.92 48.72
N SER F 161 38.33 -5.59 48.65
CA SER F 161 37.11 -4.84 48.91
C SER F 161 37.12 -3.59 48.03
N VAL F 162 36.19 -3.52 47.09
CA VAL F 162 36.08 -2.38 46.17
C VAL F 162 34.77 -1.68 46.43
N THR F 163 34.81 -0.35 46.57
CA THR F 163 33.60 0.41 46.84
C THR F 163 32.69 0.46 45.62
N GLU F 164 31.43 0.80 45.87
CA GLU F 164 30.49 1.15 44.83
C GLU F 164 30.86 2.51 44.26
N GLN F 165 30.47 2.74 43.00
CA GLN F 165 30.91 3.89 42.23
C GLN F 165 30.45 5.21 42.84
N ASP F 166 31.40 6.14 43.00
CA ASP F 166 31.12 7.43 43.58
C ASP F 166 30.33 8.29 42.61
N SER F 167 29.52 9.19 43.15
CA SER F 167 28.73 10.10 42.33
C SER F 167 29.45 11.42 42.07
N LYS F 168 30.73 11.53 42.42
CA LYS F 168 31.49 12.76 42.25
C LYS F 168 32.40 12.69 41.03
N ASP F 169 33.29 11.70 40.97
CA ASP F 169 34.20 11.53 39.85
C ASP F 169 33.99 10.21 39.13
N SER F 170 32.96 9.45 39.51
CA SER F 170 32.43 8.30 38.75
C SER F 170 33.45 7.18 38.60
N THR F 171 34.33 7.00 39.58
CA THR F 171 35.35 5.97 39.54
C THR F 171 35.27 5.12 40.80
N TYR F 172 36.24 4.22 40.93
CA TYR F 172 36.23 3.19 41.96
C TYR F 172 37.48 3.25 42.83
N SER F 173 37.37 2.69 44.03
CA SER F 173 38.49 2.59 44.95
C SER F 173 38.62 1.13 45.41
N LEU F 174 39.82 0.60 45.34
CA LEU F 174 40.08 -0.79 45.69
C LEU F 174 40.84 -0.86 47.01
N SER F 175 40.64 -1.97 47.72
CA SER F 175 41.37 -2.24 48.96
C SER F 175 41.54 -3.75 49.09
N SER F 176 42.78 -4.21 48.95
CA SER F 176 43.11 -5.62 49.11
C SER F 176 43.97 -5.79 50.36
N THR F 177 43.74 -6.87 51.10
CA THR F 177 44.39 -7.11 52.37
C THR F 177 45.12 -8.45 52.32
N LEU F 178 46.42 -8.43 52.62
CA LEU F 178 47.22 -9.64 52.73
C LEU F 178 47.41 -9.93 54.22
N THR F 179 46.52 -10.74 54.77
CA THR F 179 46.53 -11.05 56.21
C THR F 179 47.59 -12.10 56.49
N LEU F 180 48.64 -11.72 57.20
CA LEU F 180 49.72 -12.63 57.53
C LEU F 180 50.12 -12.44 58.99
N SER F 181 50.79 -13.47 59.52
CA SER F 181 51.21 -13.46 60.91
C SER F 181 52.45 -12.60 61.10
N LYS F 182 52.86 -12.46 62.37
CA LYS F 182 54.02 -11.62 62.70
C LYS F 182 55.32 -12.30 62.32
N ALA F 183 55.44 -13.59 62.62
CA ALA F 183 56.66 -14.32 62.30
C ALA F 183 56.84 -14.46 60.78
N ASP F 184 55.76 -14.76 60.06
CA ASP F 184 55.81 -14.81 58.61
C ASP F 184 56.00 -13.42 58.00
N TYR F 185 55.66 -12.35 58.72
CA TYR F 185 56.03 -11.01 58.28
C TYR F 185 57.53 -10.79 58.43
N GLU F 186 58.11 -11.29 59.53
CA GLU F 186 59.55 -11.14 59.74
C GLU F 186 60.39 -12.10 58.91
N LYS F 187 59.77 -13.12 58.31
CA LYS F 187 60.49 -14.07 57.46
C LYS F 187 60.78 -13.53 56.06
N HIS F 188 60.31 -12.33 55.72
CA HIS F 188 60.47 -11.82 54.37
C HIS F 188 60.82 -10.34 54.41
N LYS F 189 61.22 -9.82 53.25
CA LYS F 189 61.68 -8.44 53.11
C LYS F 189 60.77 -7.59 52.27
N VAL F 190 60.49 -8.00 51.03
CA VAL F 190 59.81 -7.16 50.04
C VAL F 190 58.38 -7.65 49.89
N TYR F 191 57.42 -6.72 49.96
CA TYR F 191 56.00 -7.01 49.80
C TYR F 191 55.46 -6.14 48.68
N ALA F 192 55.09 -6.76 47.57
CA ALA F 192 54.69 -6.05 46.36
C ALA F 192 53.26 -6.38 45.98
N CYS F 193 52.61 -5.46 45.27
CA CYS F 193 51.28 -5.66 44.73
C CYS F 193 51.23 -5.18 43.30
N GLU F 194 50.85 -6.07 42.38
CA GLU F 194 50.83 -5.77 40.96
C GLU F 194 49.44 -5.34 40.53
N VAL F 195 49.38 -4.27 39.74
CA VAL F 195 48.12 -3.72 39.26
C VAL F 195 48.06 -3.89 37.75
N THR F 196 47.10 -4.68 37.28
CA THR F 196 46.79 -4.81 35.86
C THR F 196 45.49 -4.05 35.60
N HIS F 197 45.56 -3.06 34.72
CA HIS F 197 44.45 -2.14 34.53
C HIS F 197 44.38 -1.76 33.06
N GLN F 198 43.20 -1.34 32.62
CA GLN F 198 43.00 -1.01 31.21
C GLN F 198 43.71 0.29 30.83
N GLY F 199 43.54 1.33 31.65
CA GLY F 199 44.20 2.60 31.41
C GLY F 199 45.69 2.60 31.68
N LEU F 200 46.21 1.57 32.35
CA LEU F 200 47.64 1.44 32.60
C LEU F 200 48.24 0.48 31.58
N SER F 201 49.18 0.99 30.78
CA SER F 201 49.78 0.16 29.75
C SER F 201 50.72 -0.89 30.34
N SER F 202 51.50 -0.51 31.36
CA SER F 202 52.42 -1.41 32.03
C SER F 202 51.86 -1.78 33.40
N PRO F 203 52.17 -2.99 33.90
CA PRO F 203 51.71 -3.38 35.24
C PRO F 203 52.40 -2.60 36.34
N VAL F 204 51.68 -1.67 36.96
CA VAL F 204 52.25 -0.81 37.99
C VAL F 204 52.32 -1.60 39.29
N THR F 205 53.53 -1.73 39.83
CA THR F 205 53.77 -2.55 41.02
C THR F 205 54.38 -1.67 42.10
N LYS F 206 53.64 -1.45 43.19
CA LYS F 206 54.13 -0.76 44.37
C LYS F 206 54.65 -1.78 45.37
N SER F 207 55.79 -1.47 45.99
CA SER F 207 56.43 -2.39 46.91
C SER F 207 57.12 -1.58 48.01
N PHE F 208 57.52 -2.29 49.07
CA PHE F 208 58.29 -1.68 50.15
C PHE F 208 59.10 -2.78 50.82
N ASN F 209 60.20 -2.37 51.45
CA ASN F 209 61.07 -3.29 52.19
C ASN F 209 60.79 -3.16 53.67
N ARG F 210 60.98 -4.27 54.40
CA ARG F 210 60.72 -4.27 55.84
C ARG F 210 61.77 -3.47 56.60
N GLY F 211 63.04 -3.61 56.21
CA GLY F 211 64.11 -2.87 56.86
C GLY F 211 64.24 -1.42 56.44
N GLU F 212 63.50 -1.01 55.41
CA GLU F 212 63.53 0.37 54.94
C GLU F 212 62.37 1.16 55.51
N CYS F 213 62.65 2.37 55.95
CA CYS F 213 61.65 3.23 56.58
C CYS F 213 61.24 4.37 55.64
N LEU G 1 8.31 12.68 -1.32
CA LEU G 1 7.42 11.53 -1.36
C LEU G 1 6.45 11.54 -0.19
N ALA G 2 6.41 12.68 0.51
CA ALA G 2 5.39 12.85 1.55
C ALA G 2 4.03 13.11 0.93
N ASP G 3 4.01 13.78 -0.22
CA ASP G 3 2.76 14.11 -0.87
C ASP G 3 2.07 12.90 -1.48
N LYS G 4 2.84 11.98 -2.08
CA LYS G 4 2.26 10.80 -2.70
C LYS G 4 1.66 9.86 -1.65
N ILE G 5 2.41 9.58 -0.60
CA ILE G 5 1.91 8.75 0.50
C ILE G 5 0.77 9.43 1.23
N GLY G 6 0.83 10.75 1.38
CA GLY G 6 -0.23 11.44 2.09
C GLY G 6 -1.51 11.58 1.31
N THR G 7 -1.43 11.55 -0.03
CA THR G 7 -2.61 11.80 -0.85
C THR G 7 -3.03 10.60 -1.70
N GLU G 8 -2.14 10.07 -2.53
CA GLU G 8 -2.53 9.06 -3.50
C GLU G 8 -2.49 7.65 -2.94
N ILE G 9 -1.86 7.41 -1.80
CA ILE G 9 -1.75 6.05 -1.30
C ILE G 9 -2.46 5.91 0.03
N GLY G 10 -2.28 6.89 0.92
CA GLY G 10 -2.84 6.86 2.26
C GLY G 10 -4.35 6.75 2.35
N PRO G 11 -5.07 7.76 1.84
CA PRO G 11 -6.55 7.66 1.84
C PRO G 11 -7.09 6.53 0.98
N LYS G 12 -6.37 6.12 -0.08
CA LYS G 12 -6.84 4.99 -0.85
C LYS G 12 -6.69 3.69 -0.09
N VAL G 13 -5.59 3.52 0.66
CA VAL G 13 -5.45 2.34 1.51
C VAL G 13 -6.46 2.39 2.66
N SER G 14 -6.83 3.59 3.12
CA SER G 14 -7.92 3.70 4.10
C SER G 14 -9.25 3.26 3.51
N LEU G 15 -9.51 3.59 2.24
CA LEU G 15 -10.72 3.15 1.57
C LEU G 15 -10.71 1.63 1.34
N ILE G 16 -9.55 1.06 1.03
CA ILE G 16 -9.48 -0.39 0.84
C ILE G 16 -9.64 -1.12 2.17
N ASP G 17 -9.13 -0.53 3.26
CA ASP G 17 -9.41 -1.02 4.61
C ASP G 17 -10.90 -1.06 4.89
N THR G 18 -11.57 0.09 4.73
CA THR G 18 -13.00 0.19 5.01
C THR G 18 -13.80 -0.76 4.14
N SER G 19 -13.49 -0.83 2.84
CA SER G 19 -14.18 -1.74 1.93
C SER G 19 -13.95 -3.20 2.31
N SER G 20 -12.72 -3.69 2.21
CA SER G 20 -12.45 -5.11 2.34
C SER G 20 -12.35 -5.59 3.78
N THR G 21 -12.63 -4.76 4.78
CA THR G 21 -12.82 -5.27 6.13
C THR G 21 -14.14 -4.87 6.76
N ILE G 22 -14.94 -4.03 6.10
CA ILE G 22 -16.24 -3.70 6.66
C ILE G 22 -17.30 -4.08 5.65
N THR G 23 -17.27 -3.48 4.45
CA THR G 23 -18.44 -3.53 3.59
C THR G 23 -18.42 -4.68 2.60
N ILE G 24 -17.26 -5.25 2.28
CA ILE G 24 -17.25 -6.48 1.49
C ILE G 24 -17.56 -7.70 2.34
N PRO G 25 -17.01 -7.91 3.57
CA PRO G 25 -17.49 -9.06 4.34
C PRO G 25 -18.92 -8.93 4.82
N ALA G 26 -19.41 -7.71 5.10
CA ALA G 26 -20.82 -7.56 5.44
C ALA G 26 -21.72 -7.86 4.26
N ASN G 27 -21.27 -7.56 3.04
CA ASN G 27 -22.10 -7.88 1.89
C ASN G 27 -21.99 -9.35 1.49
N ILE G 28 -20.86 -10.01 1.72
CA ILE G 28 -20.81 -11.46 1.51
C ILE G 28 -21.65 -12.17 2.57
N GLY G 29 -21.67 -11.65 3.79
CA GLY G 29 -22.52 -12.22 4.81
C GLY G 29 -23.99 -11.99 4.54
N LEU G 30 -24.36 -10.80 4.09
CA LEU G 30 -25.73 -10.53 3.69
C LEU G 30 -26.11 -11.30 2.43
N LEU G 31 -25.12 -11.64 1.61
CA LEU G 31 -25.35 -12.50 0.45
C LEU G 31 -25.69 -13.92 0.88
N GLY G 32 -24.96 -14.45 1.86
CA GLY G 32 -25.30 -15.76 2.41
C GLY G 32 -26.62 -15.75 3.14
N SER G 33 -26.95 -14.62 3.75
CA SER G 33 -28.27 -14.43 4.33
C SER G 33 -29.36 -14.51 3.28
N LYS G 34 -29.12 -13.92 2.11
CA LYS G 34 -30.12 -13.99 1.05
C LYS G 34 -30.18 -15.39 0.43
N ILE G 35 -29.06 -16.11 0.38
CA ILE G 35 -29.07 -17.54 0.02
C ILE G 35 -30.03 -18.31 0.93
N SER G 36 -29.86 -18.16 2.24
CA SER G 36 -30.66 -18.97 3.16
C SER G 36 -32.10 -18.50 3.27
N GLN G 37 -32.35 -17.19 3.25
CA GLN G 37 -33.72 -16.68 3.23
C GLN G 37 -34.44 -17.09 1.97
N SER G 38 -33.74 -17.08 0.83
CA SER G 38 -34.33 -17.54 -0.42
C SER G 38 -34.67 -19.01 -0.35
N THR G 39 -33.77 -19.84 0.19
CA THR G 39 -34.03 -21.27 0.26
C THR G 39 -35.19 -21.60 1.20
N ALA G 40 -35.30 -20.88 2.31
CA ALA G 40 -36.46 -21.03 3.18
C ALA G 40 -37.74 -20.59 2.48
N SER G 41 -37.67 -19.53 1.68
CA SER G 41 -38.87 -19.04 0.98
C SER G 41 -39.32 -20.01 -0.11
N ILE G 42 -38.39 -20.60 -0.85
CA ILE G 42 -38.79 -21.53 -1.90
C ILE G 42 -39.23 -22.85 -1.30
N ASN G 43 -38.67 -23.24 -0.15
CA ASN G 43 -39.14 -24.46 0.48
C ASN G 43 -40.54 -24.28 1.05
N GLU G 44 -40.85 -23.08 1.54
CA GLU G 44 -42.22 -22.80 1.96
C GLU G 44 -43.15 -22.75 0.76
N ASN G 45 -42.67 -22.24 -0.38
CA ASN G 45 -43.47 -22.20 -1.59
C ASN G 45 -43.74 -23.59 -2.13
N VAL G 46 -42.78 -24.51 -1.99
CA VAL G 46 -43.01 -25.89 -2.41
C VAL G 46 -43.96 -26.59 -1.44
N ASN G 47 -43.78 -26.37 -0.14
CA ASN G 47 -44.67 -26.96 0.85
C ASN G 47 -46.09 -26.40 0.78
N GLU G 48 -46.30 -25.23 0.17
CA GLU G 48 -47.66 -24.79 -0.13
C GLU G 48 -48.14 -25.32 -1.47
N LYS G 49 -47.44 -24.96 -2.54
CA LYS G 49 -47.93 -25.14 -3.90
C LYS G 49 -47.59 -26.48 -4.51
N CYS G 50 -47.12 -27.43 -3.71
CA CYS G 50 -46.99 -28.79 -4.20
C CYS G 50 -47.61 -29.79 -3.22
N LYS G 51 -48.08 -29.33 -2.07
CA LYS G 51 -48.85 -30.17 -1.17
C LYS G 51 -50.21 -30.40 -1.81
N PHE G 52 -50.34 -31.49 -2.56
CA PHE G 52 -51.52 -31.71 -3.36
C PHE G 52 -52.65 -32.32 -2.54
N THR G 53 -53.85 -32.23 -3.08
CA THR G 53 -55.03 -32.88 -2.56
C THR G 53 -55.52 -33.90 -3.57
N LEU G 54 -56.63 -34.57 -3.22
CA LEU G 54 -57.18 -35.63 -4.05
C LEU G 54 -58.64 -35.31 -4.36
N PRO G 55 -59.07 -35.45 -5.62
CA PRO G 55 -60.46 -35.14 -6.01
C PRO G 55 -61.46 -36.16 -5.49
N GLY G 81 -28.16 -30.42 7.39
CA GLY G 81 -27.79 -29.12 7.92
C GLY G 81 -27.07 -29.19 9.25
N VAL G 82 -27.09 -28.09 10.00
CA VAL G 82 -26.49 -28.02 11.33
C VAL G 82 -27.58 -27.83 12.35
N SER G 83 -27.68 -28.75 13.31
CA SER G 83 -28.56 -28.55 14.45
C SER G 83 -27.82 -29.02 15.70
N ASN G 84 -28.30 -28.57 16.85
CA ASN G 84 -27.69 -28.92 18.12
C ASN G 84 -27.97 -30.38 18.48
N LEU G 85 -27.33 -30.84 19.56
CA LEU G 85 -27.51 -32.20 20.05
C LEU G 85 -28.95 -32.47 20.48
N VAL G 86 -29.62 -33.35 19.74
CA VAL G 86 -30.99 -33.73 20.03
C VAL G 86 -31.00 -35.22 20.36
N GLY G 87 -32.15 -35.68 20.84
CA GLY G 87 -32.26 -37.04 21.34
C GLY G 87 -32.26 -38.11 20.28
N LEU G 88 -31.13 -38.31 19.62
CA LEU G 88 -30.91 -39.44 18.74
C LEU G 88 -29.63 -40.14 19.17
N PRO G 89 -29.61 -41.47 19.23
CA PRO G 89 -28.40 -42.17 19.66
C PRO G 89 -27.25 -42.09 18.66
N ASN G 90 -26.57 -40.94 18.66
CA ASN G 90 -25.40 -40.71 17.82
C ASN G 90 -24.21 -41.34 18.54
N ASN G 91 -23.80 -42.53 18.10
CA ASN G 91 -22.82 -43.29 18.85
C ASN G 91 -21.42 -42.71 18.67
N ILE G 92 -20.69 -42.61 19.79
CA ILE G 92 -19.34 -42.07 19.82
C ILE G 92 -18.45 -43.06 20.58
N CYS G 93 -17.17 -42.74 20.67
CA CYS G 93 -16.22 -43.60 21.36
C CYS G 93 -16.38 -43.44 22.87
N LEU G 94 -16.78 -44.52 23.54
CA LEU G 94 -17.03 -44.50 24.97
C LEU G 94 -15.98 -45.25 25.77
N GLN G 95 -14.86 -45.60 25.14
CA GLN G 95 -13.81 -46.37 25.80
C GLN G 95 -12.53 -45.58 25.80
N LYS G 96 -11.80 -45.66 26.93
CA LYS G 96 -10.56 -44.92 27.08
C LYS G 96 -9.48 -45.50 26.18
N THR G 97 -8.86 -44.64 25.37
CA THR G 97 -7.72 -45.02 24.57
C THR G 97 -6.58 -44.03 24.79
N SER G 98 -5.38 -44.45 24.39
CA SER G 98 -4.24 -43.56 24.36
C SER G 98 -3.86 -43.16 22.95
N ASN G 99 -4.49 -43.76 21.94
CA ASN G 99 -4.19 -43.43 20.57
C ASN G 99 -4.82 -42.09 20.20
N GLN G 100 -4.16 -41.37 19.30
CA GLN G 100 -4.64 -40.06 18.85
C GLN G 100 -5.79 -40.31 17.88
N ILE G 101 -7.00 -40.43 18.44
CA ILE G 101 -8.17 -40.72 17.63
C ILE G 101 -8.89 -39.42 17.29
N LEU G 102 -8.59 -38.37 18.04
CA LEU G 102 -9.16 -37.06 17.72
C LEU G 102 -8.25 -36.33 16.75
N LYS G 103 -8.86 -35.60 15.81
CA LYS G 103 -8.12 -34.84 14.82
C LYS G 103 -8.66 -33.41 14.81
N PRO G 104 -7.97 -32.48 15.45
CA PRO G 104 -8.44 -31.09 15.46
C PRO G 104 -8.28 -30.42 14.11
N LYS G 105 -9.19 -29.49 13.82
CA LYS G 105 -9.20 -28.80 12.54
C LYS G 105 -9.37 -27.31 12.77
N LEU G 106 -8.43 -26.52 12.25
CA LEU G 106 -8.53 -25.07 12.33
C LEU G 106 -9.62 -24.57 11.39
N ILE G 107 -10.63 -23.88 11.94
CA ILE G 107 -11.66 -23.26 11.11
C ILE G 107 -11.76 -21.79 11.46
N SER G 108 -10.72 -21.24 12.07
CA SER G 108 -10.70 -19.85 12.50
C SER G 108 -10.48 -18.88 11.36
N TYR G 109 -10.15 -19.36 10.17
CA TYR G 109 -9.75 -18.50 9.06
C TYR G 109 -10.93 -17.77 8.43
N THR G 110 -12.16 -18.22 8.63
CA THR G 110 -13.32 -17.58 8.03
C THR G 110 -13.82 -16.38 8.83
N LEU G 111 -13.21 -16.08 9.97
CA LEU G 111 -13.66 -15.02 10.84
C LEU G 111 -12.67 -13.86 10.80
N PRO G 112 -13.04 -12.67 11.40
CA PRO G 112 -12.03 -11.63 11.69
C PRO G 112 -11.20 -11.90 12.94
N VAL G 113 -10.69 -13.13 13.06
CA VAL G 113 -9.76 -13.46 14.13
C VAL G 113 -8.42 -12.80 13.89
N VAL G 114 -7.84 -13.01 12.71
CA VAL G 114 -6.45 -12.64 12.46
C VAL G 114 -6.42 -11.16 12.09
N GLY G 115 -6.10 -10.32 13.07
CA GLY G 115 -5.75 -8.94 12.81
C GLY G 115 -4.29 -8.80 12.47
N GLN G 116 -3.79 -7.58 12.61
CA GLN G 116 -2.36 -7.36 12.40
C GLN G 116 -1.57 -7.75 13.64
N SER G 117 -0.26 -7.54 13.60
CA SER G 117 0.63 -8.00 14.66
C SER G 117 0.61 -7.11 15.90
N GLY G 118 -0.08 -5.97 15.85
CA GLY G 118 -0.12 -5.07 16.97
C GLY G 118 -1.42 -5.02 17.73
N THR G 119 -2.33 -5.96 17.49
CA THR G 119 -3.62 -5.99 18.16
C THR G 119 -3.76 -7.29 18.92
N CYS G 120 -4.17 -7.19 20.19
CA CYS G 120 -4.51 -8.36 20.98
C CYS G 120 -6.03 -8.47 21.06
N ILE G 121 -6.53 -9.68 20.86
CA ILE G 121 -7.96 -9.95 20.70
C ILE G 121 -8.44 -10.60 21.98
N THR G 122 -9.05 -9.83 22.87
CA THR G 122 -9.49 -10.34 24.16
C THR G 122 -11.01 -10.31 24.25
N ASP G 123 -11.49 -10.80 25.40
CA ASP G 123 -12.91 -10.79 25.76
C ASP G 123 -13.80 -11.43 24.71
N PRO G 124 -13.65 -12.73 24.43
CA PRO G 124 -14.36 -13.30 23.29
C PRO G 124 -15.72 -13.85 23.68
N LEU G 125 -16.38 -14.48 22.72
CA LEU G 125 -17.70 -15.06 22.90
C LEU G 125 -17.89 -16.04 21.77
N LEU G 126 -18.62 -17.11 22.04
CA LEU G 126 -19.01 -18.06 21.01
C LEU G 126 -20.22 -18.81 21.54
N ALA G 127 -21.35 -18.71 20.87
CA ALA G 127 -22.64 -19.07 21.45
C ALA G 127 -23.57 -19.64 20.39
N MET G 128 -23.67 -20.96 20.33
CA MET G 128 -24.36 -21.64 19.23
C MET G 128 -25.65 -22.26 19.71
N ASP G 129 -26.70 -22.15 18.89
CA ASP G 129 -27.97 -22.82 19.17
C ASP G 129 -28.72 -22.90 17.85
N GLU G 130 -29.02 -24.14 17.41
CA GLU G 130 -29.75 -24.44 16.18
C GLU G 130 -29.04 -23.88 14.94
N GLY G 131 -27.71 -23.93 14.95
CA GLY G 131 -26.93 -23.63 13.78
C GLY G 131 -26.54 -22.18 13.61
N TYR G 132 -27.01 -21.28 14.45
CA TYR G 132 -26.76 -19.86 14.28
C TYR G 132 -25.95 -19.35 15.46
N PHE G 133 -24.69 -19.06 15.23
CA PHE G 133 -23.78 -18.77 16.32
C PHE G 133 -23.82 -17.29 16.70
N ALA G 134 -22.90 -16.92 17.58
CA ALA G 134 -22.56 -15.53 17.81
C ALA G 134 -21.06 -15.47 18.03
N TYR G 135 -20.51 -14.29 17.86
CA TYR G 135 -19.08 -14.10 18.03
C TYR G 135 -18.83 -12.65 18.32
N SER G 136 -18.23 -12.37 19.46
CA SER G 136 -17.79 -11.02 19.74
C SER G 136 -16.35 -11.09 20.20
N HIS G 137 -15.65 -9.97 20.06
CA HIS G 137 -14.29 -9.87 20.58
C HIS G 137 -13.95 -8.40 20.73
N LEU G 138 -13.16 -8.09 21.75
CA LEU G 138 -12.73 -6.74 22.02
C LEU G 138 -11.31 -6.59 21.49
N GLU G 139 -11.18 -5.95 20.34
CA GLU G 139 -9.89 -5.78 19.69
C GLU G 139 -9.15 -4.65 20.38
N ARG G 140 -7.98 -4.93 20.95
CA ARG G 140 -7.19 -3.93 21.62
C ARG G 140 -6.02 -3.50 20.76
N ILE G 141 -5.20 -2.61 21.31
CA ILE G 141 -4.04 -2.06 20.62
C ILE G 141 -2.82 -2.34 21.48
N GLY G 142 -1.91 -3.18 20.98
CA GLY G 142 -0.67 -3.43 21.67
C GLY G 142 -0.73 -4.57 22.67
N SER G 143 -0.58 -4.23 23.95
CA SER G 143 -0.60 -5.25 24.99
C SER G 143 -2.03 -5.67 25.28
N CYS G 144 -2.18 -6.88 25.81
CA CYS G 144 -3.50 -7.47 26.00
C CYS G 144 -4.24 -6.88 27.19
N SER G 145 -3.53 -6.21 28.10
CA SER G 145 -4.15 -5.71 29.33
C SER G 145 -4.35 -4.21 29.32
N ARG G 146 -3.28 -3.44 29.10
CA ARG G 146 -3.36 -2.00 29.19
C ARG G 146 -3.59 -1.32 27.86
N GLY G 147 -3.91 -2.09 26.82
CA GLY G 147 -4.13 -1.50 25.51
C GLY G 147 -5.41 -0.70 25.44
N VAL G 148 -5.52 0.06 24.37
CA VAL G 148 -6.72 0.85 24.11
C VAL G 148 -7.66 0.01 23.26
N SER G 149 -8.93 -0.01 23.65
CA SER G 149 -9.93 -0.80 22.94
C SER G 149 -10.20 -0.17 21.57
N LYS G 150 -9.81 -0.88 20.51
CA LYS G 150 -9.96 -0.38 19.15
C LYS G 150 -11.41 -0.44 18.68
N GLN G 151 -11.99 -1.64 18.69
CA GLN G 151 -13.39 -1.81 18.37
C GLN G 151 -13.91 -3.03 19.11
N ARG G 152 -15.22 -3.26 18.99
CA ARG G 152 -15.84 -4.48 19.49
C ARG G 152 -16.81 -5.01 18.46
N ILE G 153 -16.35 -5.95 17.63
CA ILE G 153 -17.26 -6.69 16.77
C ILE G 153 -18.19 -7.50 17.66
N ILE G 154 -19.49 -7.51 17.33
CA ILE G 154 -20.47 -8.42 17.92
C ILE G 154 -21.27 -8.95 16.76
N GLY G 155 -20.97 -10.17 16.34
CA GLY G 155 -21.57 -10.60 15.09
C GLY G 155 -22.07 -12.02 15.02
N VAL G 156 -23.33 -12.17 14.65
CA VAL G 156 -23.96 -13.48 14.55
C VAL G 156 -23.76 -14.02 13.15
N GLY G 157 -24.06 -15.29 12.94
CA GLY G 157 -23.86 -15.86 11.63
C GLY G 157 -24.54 -17.18 11.42
N GLU G 158 -23.89 -18.08 10.68
CA GLU G 158 -24.41 -19.42 10.43
C GLU G 158 -23.28 -20.42 10.51
N VAL G 159 -23.53 -21.54 11.17
CA VAL G 159 -22.60 -22.66 11.16
C VAL G 159 -22.95 -23.51 9.95
N LEU G 160 -21.95 -23.86 9.16
CA LEU G 160 -22.15 -24.45 7.85
C LEU G 160 -21.46 -25.79 7.75
N ASP G 161 -21.33 -26.26 6.51
CA ASP G 161 -20.45 -27.35 6.15
C ASP G 161 -19.68 -26.91 4.92
N ARG G 162 -18.35 -27.02 4.97
CA ARG G 162 -17.52 -26.82 3.79
C ARG G 162 -17.54 -28.10 2.96
N GLY G 163 -16.70 -28.17 1.92
CA GLY G 163 -16.77 -29.30 1.02
C GLY G 163 -16.16 -30.60 1.50
N ASP G 164 -15.88 -30.75 2.79
CA ASP G 164 -15.22 -31.94 3.30
C ASP G 164 -15.94 -32.55 4.51
N GLU G 165 -17.26 -32.34 4.61
CA GLU G 165 -18.09 -32.75 5.76
C GLU G 165 -17.60 -32.15 7.08
N VAL G 166 -17.06 -30.94 7.03
CA VAL G 166 -16.40 -30.30 8.16
C VAL G 166 -17.07 -28.95 8.39
N PRO G 167 -17.51 -28.63 9.62
CA PRO G 167 -18.19 -27.35 9.83
C PRO G 167 -17.22 -26.18 9.82
N SER G 168 -17.79 -25.00 9.64
CA SER G 168 -17.05 -23.75 9.55
C SER G 168 -18.03 -22.60 9.70
N LEU G 169 -17.56 -21.49 10.25
CA LEU G 169 -18.46 -20.40 10.56
C LEU G 169 -18.61 -19.47 9.38
N PHE G 170 -19.68 -18.68 9.41
CA PHE G 170 -20.01 -17.80 8.30
C PHE G 170 -20.81 -16.64 8.88
N MET G 171 -20.15 -15.52 9.15
CA MET G 171 -20.82 -14.39 9.78
C MET G 171 -21.68 -13.66 8.75
N THR G 172 -22.97 -13.55 9.04
CA THR G 172 -23.86 -12.79 8.20
C THR G 172 -24.01 -11.36 8.67
N ASN G 173 -24.36 -11.16 9.93
CA ASN G 173 -24.67 -9.85 10.48
C ASN G 173 -23.58 -9.48 11.47
N VAL G 174 -22.99 -8.30 11.32
CA VAL G 174 -21.92 -7.82 12.17
C VAL G 174 -22.27 -6.42 12.65
N TRP G 175 -22.21 -6.20 13.96
CA TRP G 175 -22.51 -4.91 14.56
C TRP G 175 -21.40 -4.51 15.51
N THR G 176 -21.13 -3.22 15.59
CA THR G 176 -20.21 -2.68 16.58
C THR G 176 -20.89 -1.55 17.35
N PRO G 177 -20.73 -1.50 18.67
CA PRO G 177 -21.31 -0.39 19.43
C PRO G 177 -20.55 0.90 19.14
N PRO G 178 -21.19 2.05 19.33
CA PRO G 178 -20.49 3.32 19.05
C PRO G 178 -19.39 3.65 20.04
N ASN G 179 -19.46 3.12 21.26
CA ASN G 179 -18.50 3.46 22.31
C ASN G 179 -17.91 2.16 22.84
N PRO G 180 -16.79 1.70 22.26
CA PRO G 180 -16.28 0.35 22.58
C PRO G 180 -15.71 0.22 23.98
N ASN G 181 -15.44 1.32 24.66
CA ASN G 181 -14.93 1.25 26.02
C ASN G 181 -16.03 1.01 27.05
N THR G 182 -17.30 1.02 26.65
CA THR G 182 -18.41 0.94 27.59
C THR G 182 -19.30 -0.27 27.31
N VAL G 183 -18.76 -1.33 26.75
CA VAL G 183 -19.51 -2.55 26.51
C VAL G 183 -18.71 -3.71 27.10
N TYR G 184 -19.20 -4.26 28.21
CA TYR G 184 -18.49 -5.29 28.94
C TYR G 184 -19.39 -6.49 29.20
N HIS G 185 -18.80 -7.69 29.07
CA HIS G 185 -19.36 -8.95 29.52
C HIS G 185 -20.70 -9.26 28.85
N CYS G 186 -20.62 -9.49 27.55
CA CYS G 186 -21.80 -9.79 26.76
C CYS G 186 -22.20 -11.27 26.89
N SER G 187 -23.50 -11.52 26.90
CA SER G 187 -24.04 -12.87 26.88
C SER G 187 -25.08 -12.95 25.78
N ALA G 188 -25.15 -14.08 25.09
CA ALA G 188 -25.72 -14.11 23.74
C ALA G 188 -26.54 -15.37 23.51
N VAL G 189 -27.84 -15.21 23.38
CA VAL G 189 -28.75 -16.34 23.27
C VAL G 189 -29.52 -16.25 21.96
N TYR G 190 -29.55 -17.35 21.23
CA TYR G 190 -30.36 -17.47 20.04
C TYR G 190 -31.83 -17.49 20.41
N ASN G 191 -32.66 -16.82 19.60
CA ASN G 191 -34.10 -16.85 19.84
C ASN G 191 -34.84 -16.64 18.51
N ASN G 192 -35.22 -17.76 17.89
CA ASN G 192 -36.25 -17.84 16.85
C ASN G 192 -35.91 -16.96 15.65
N GLU G 193 -34.79 -17.31 15.00
CA GLU G 193 -34.24 -16.60 13.84
C GLU G 193 -33.90 -15.15 14.13
N PHE G 194 -33.68 -14.84 15.40
CA PHE G 194 -33.04 -13.60 15.81
C PHE G 194 -31.97 -13.98 16.80
N TYR G 195 -31.23 -12.99 17.27
CA TYR G 195 -30.16 -13.32 18.21
C TYR G 195 -30.05 -12.18 19.19
N TYR G 196 -30.22 -12.46 20.46
CA TYR G 196 -30.37 -11.44 21.48
C TYR G 196 -29.11 -11.45 22.34
N VAL G 197 -28.34 -10.37 22.30
CA VAL G 197 -27.04 -10.29 22.98
C VAL G 197 -27.13 -9.21 24.04
N LEU G 198 -26.88 -9.58 25.29
CA LEU G 198 -27.04 -8.69 26.44
C LEU G 198 -25.68 -8.38 27.04
N CYS G 199 -25.37 -7.10 27.18
CA CYS G 199 -24.07 -6.64 27.67
C CYS G 199 -24.27 -5.73 28.87
N ALA G 200 -23.20 -5.09 29.32
CA ALA G 200 -23.24 -4.18 30.45
C ALA G 200 -22.60 -2.84 30.10
N VAL G 201 -23.40 -1.79 30.10
CA VAL G 201 -22.88 -0.43 29.91
C VAL G 201 -22.10 -0.04 31.16
N SER G 202 -20.89 0.44 30.96
CA SER G 202 -20.04 0.81 32.09
C SER G 202 -19.10 1.91 31.67
N THR G 203 -19.31 3.10 32.21
CA THR G 203 -18.41 4.21 31.91
C THR G 203 -17.23 4.28 32.88
N VAL G 204 -17.20 3.42 33.90
CA VAL G 204 -16.21 3.53 34.96
C VAL G 204 -15.36 2.27 35.02
N GLY G 205 -15.19 1.61 33.89
CA GLY G 205 -14.36 0.43 33.84
C GLY G 205 -15.16 -0.83 34.03
N ASP G 206 -14.44 -1.92 34.24
CA ASP G 206 -15.03 -3.25 34.29
C ASP G 206 -15.85 -3.41 35.57
N PRO G 207 -17.15 -3.71 35.49
CA PRO G 207 -18.01 -3.66 36.68
C PRO G 207 -17.71 -4.73 37.72
N ILE G 208 -16.97 -5.78 37.37
CA ILE G 208 -16.44 -6.68 38.38
C ILE G 208 -15.44 -5.93 39.27
N LEU G 209 -14.63 -5.08 38.65
CA LEU G 209 -13.53 -4.43 39.35
C LEU G 209 -13.97 -3.15 40.04
N ASN G 210 -14.53 -2.20 39.28
CA ASN G 210 -15.01 -0.95 39.86
C ASN G 210 -16.50 -1.07 40.16
N SER G 211 -16.80 -1.98 41.09
CA SER G 211 -18.17 -2.40 41.35
C SER G 211 -18.96 -1.40 42.18
N THR G 212 -18.29 -0.67 43.08
CA THR G 212 -19.01 0.29 43.90
C THR G 212 -19.43 1.52 43.11
N TYR G 213 -18.74 1.83 42.02
CA TYR G 213 -19.06 3.00 41.22
C TYR G 213 -19.72 2.66 39.90
N TRP G 214 -20.04 1.39 39.65
CA TRP G 214 -20.68 1.04 38.39
C TRP G 214 -22.11 1.55 38.37
N SER G 215 -22.51 2.09 37.22
CA SER G 215 -23.79 2.78 37.13
C SER G 215 -24.99 1.84 37.24
N GLY G 216 -24.78 0.53 37.09
CA GLY G 216 -25.88 -0.41 37.19
C GLY G 216 -26.81 -0.30 36.01
N SER G 217 -26.29 -0.38 34.80
CA SER G 217 -27.10 -0.21 33.59
C SER G 217 -26.68 -1.25 32.57
N LEU G 218 -27.66 -1.86 31.93
CA LEU G 218 -27.40 -2.86 30.90
C LEU G 218 -27.91 -2.35 29.57
N MET G 219 -27.55 -3.06 28.51
CA MET G 219 -28.18 -2.83 27.23
C MET G 219 -28.23 -4.14 26.47
N MET G 220 -29.35 -4.40 25.81
CA MET G 220 -29.52 -5.58 24.98
C MET G 220 -29.54 -5.18 23.52
N THR G 221 -28.81 -5.91 22.70
CA THR G 221 -28.74 -5.64 21.27
C THR G 221 -29.25 -6.86 20.53
N ARG G 222 -30.43 -6.76 19.92
CA ARG G 222 -30.91 -7.85 19.09
C ARG G 222 -30.14 -7.85 17.78
N LEU G 223 -29.81 -9.04 17.31
CA LEU G 223 -29.28 -9.21 15.97
C LEU G 223 -30.14 -10.24 15.25
N ALA G 224 -30.11 -10.20 13.93
CA ALA G 224 -30.81 -11.16 13.12
C ALA G 224 -29.78 -12.05 12.45
N VAL G 225 -29.92 -13.36 12.63
CA VAL G 225 -29.01 -14.31 12.02
C VAL G 225 -29.25 -14.45 10.53
N LYS G 226 -30.37 -13.96 10.03
CA LYS G 226 -30.62 -13.85 8.59
C LYS G 226 -31.00 -12.41 8.29
N PRO G 227 -30.02 -11.52 8.13
CA PRO G 227 -30.33 -10.12 7.87
C PRO G 227 -30.84 -9.91 6.45
N LYS G 228 -31.35 -8.71 6.22
CA LYS G 228 -31.97 -8.34 4.97
C LYS G 228 -31.27 -7.11 4.39
N SER G 229 -31.75 -6.67 3.23
CA SER G 229 -31.08 -5.60 2.50
C SER G 229 -31.23 -4.27 3.22
N ASN G 230 -32.46 -3.88 3.53
CA ASN G 230 -32.73 -2.61 4.20
C ASN G 230 -33.39 -2.83 5.55
N GLY G 231 -32.97 -3.85 6.27
CA GLY G 231 -33.50 -4.11 7.59
C GLY G 231 -32.83 -3.26 8.64
N GLY G 232 -33.19 -1.98 8.69
CA GLY G 232 -32.62 -1.06 9.66
C GLY G 232 -33.03 -1.39 11.07
N GLY G 233 -34.30 -1.22 11.38
CA GLY G 233 -34.82 -1.59 12.68
C GLY G 233 -35.05 -3.07 12.86
N TYR G 234 -34.80 -3.87 11.82
CA TYR G 234 -34.92 -5.31 11.85
C TYR G 234 -33.66 -5.99 12.35
N ASN G 235 -32.50 -5.57 11.86
CA ASN G 235 -31.26 -6.26 12.20
C ASN G 235 -30.78 -5.87 13.59
N GLN G 236 -30.46 -4.61 13.80
CA GLN G 236 -29.94 -4.15 15.09
C GLN G 236 -30.93 -3.19 15.72
N HIS G 237 -31.84 -3.72 16.53
CA HIS G 237 -32.75 -2.89 17.30
C HIS G 237 -32.34 -3.02 18.76
N GLN G 238 -31.36 -2.22 19.16
CA GLN G 238 -30.77 -2.28 20.50
C GLN G 238 -31.80 -1.81 21.51
N LEU G 239 -32.38 -2.77 22.24
CA LEU G 239 -33.48 -2.49 23.14
C LEU G 239 -32.98 -1.77 24.38
N ALA G 240 -33.90 -1.07 25.04
CA ALA G 240 -33.63 -0.52 26.35
C ALA G 240 -34.11 -1.51 27.41
N LEU G 241 -33.58 -1.35 28.62
CA LEU G 241 -33.97 -2.17 29.77
C LEU G 241 -34.29 -1.21 30.91
N ARG G 242 -35.57 -0.85 31.02
CA ARG G 242 -36.01 0.12 32.01
C ARG G 242 -36.51 -0.53 33.29
N SER G 243 -36.37 -1.85 33.42
CA SER G 243 -36.83 -2.54 34.62
C SER G 243 -36.04 -3.85 34.76
N ILE G 244 -35.21 -3.93 35.79
CA ILE G 244 -34.42 -5.12 36.09
C ILE G 244 -34.88 -5.65 37.43
N GLU G 245 -35.41 -6.88 37.45
CA GLU G 245 -35.81 -7.51 38.71
C GLU G 245 -34.56 -8.11 39.34
N LYS G 246 -34.03 -7.42 40.35
CA LYS G 246 -32.82 -7.85 41.04
C LYS G 246 -33.14 -8.67 42.28
N GLY G 247 -33.86 -8.08 43.23
CA GLY G 247 -34.17 -8.75 44.47
C GLY G 247 -33.34 -8.24 45.62
N ARG G 248 -32.60 -9.14 46.28
CA ARG G 248 -31.66 -8.72 47.31
C ARG G 248 -30.46 -8.01 46.72
N TYR G 249 -30.13 -8.32 45.47
CA TYR G 249 -28.86 -7.95 44.88
C TYR G 249 -28.85 -6.49 44.50
N ASP G 250 -27.74 -5.82 44.77
CA ASP G 250 -27.67 -4.39 44.52
C ASP G 250 -27.57 -4.11 43.03
N LYS G 251 -26.74 -4.88 42.33
CA LYS G 251 -26.54 -4.71 40.89
C LYS G 251 -26.57 -6.09 40.25
N VAL G 252 -26.90 -6.13 38.96
CA VAL G 252 -26.92 -7.38 38.19
C VAL G 252 -26.24 -7.15 36.86
N MET G 253 -25.29 -8.03 36.52
CA MET G 253 -24.54 -7.97 35.28
C MET G 253 -24.52 -9.35 34.62
N PRO G 254 -24.72 -9.42 33.30
CA PRO G 254 -24.60 -10.70 32.61
C PRO G 254 -23.15 -11.07 32.46
N TYR G 255 -22.86 -12.37 32.58
CA TYR G 255 -21.48 -12.78 32.83
C TYR G 255 -21.33 -14.22 32.35
N GLY G 256 -20.79 -14.39 31.15
CA GLY G 256 -20.67 -15.70 30.55
C GLY G 256 -21.07 -15.68 29.09
N PRO G 257 -20.55 -16.61 28.29
CA PRO G 257 -20.79 -16.55 26.83
C PRO G 257 -22.18 -16.89 26.33
N SER G 258 -22.77 -18.03 26.68
CA SER G 258 -23.98 -18.47 25.97
C SER G 258 -25.10 -18.76 26.95
N GLY G 259 -26.29 -18.94 26.40
CA GLY G 259 -27.46 -19.26 27.19
C GLY G 259 -28.44 -20.17 26.48
N ILE G 260 -29.65 -20.30 27.03
CA ILE G 260 -30.70 -21.13 26.47
C ILE G 260 -31.93 -20.27 26.23
N LYS G 261 -32.87 -20.83 25.48
CA LYS G 261 -34.21 -20.28 25.41
C LYS G 261 -35.22 -21.35 25.83
N GLN G 262 -36.24 -20.92 26.55
CA GLN G 262 -37.39 -21.76 26.86
C GLN G 262 -38.59 -21.10 26.19
N GLY G 263 -38.80 -21.43 24.92
CA GLY G 263 -39.83 -20.81 24.13
C GLY G 263 -39.56 -19.34 23.86
N ASP G 264 -40.32 -18.47 24.51
CA ASP G 264 -40.09 -17.03 24.39
C ASP G 264 -39.20 -16.50 25.50
N THR G 265 -38.69 -17.37 26.36
CA THR G 265 -37.97 -16.93 27.55
C THR G 265 -36.48 -17.22 27.41
N LEU G 266 -35.67 -16.18 27.52
CA LEU G 266 -34.22 -16.29 27.41
C LEU G 266 -33.60 -16.47 28.77
N TYR G 267 -32.39 -17.03 28.81
CA TYR G 267 -31.68 -17.18 30.07
C TYR G 267 -30.21 -16.81 29.90
N PHE G 268 -29.92 -15.54 30.09
CA PHE G 268 -28.55 -15.07 30.03
C PHE G 268 -27.83 -15.43 31.33
N PRO G 269 -26.63 -15.99 31.26
CA PRO G 269 -25.86 -16.24 32.47
C PRO G 269 -25.38 -14.94 33.08
N ALA G 270 -25.31 -14.88 34.41
CA ALA G 270 -25.14 -13.58 35.04
C ALA G 270 -24.39 -13.70 36.35
N VAL G 271 -24.38 -12.58 37.08
CA VAL G 271 -23.82 -12.49 38.41
C VAL G 271 -24.53 -11.33 39.08
N GLY G 272 -24.64 -11.38 40.40
CA GLY G 272 -25.38 -10.37 41.12
C GLY G 272 -24.61 -9.80 42.28
N PHE G 273 -24.43 -8.49 42.29
CA PHE G 273 -23.51 -7.86 43.25
C PHE G 273 -24.25 -7.70 44.58
N LEU G 274 -24.07 -8.67 45.45
CA LEU G 274 -24.70 -8.60 46.76
C LEU G 274 -23.78 -7.91 47.75
N VAL G 275 -24.34 -6.98 48.52
CA VAL G 275 -23.60 -6.31 49.59
C VAL G 275 -23.21 -7.34 50.63
N ARG G 276 -21.96 -7.27 51.11
CA ARG G 276 -21.41 -8.31 51.95
C ARG G 276 -22.08 -8.36 53.32
N THR G 277 -22.53 -7.22 53.83
CA THR G 277 -23.23 -7.19 55.11
C THR G 277 -24.60 -7.87 55.03
N GLU G 278 -25.19 -7.96 53.86
CA GLU G 278 -26.43 -8.70 53.66
C GLU G 278 -26.19 -10.19 53.42
N PHE G 279 -25.01 -10.56 52.94
CA PHE G 279 -24.71 -11.94 52.61
C PHE G 279 -24.62 -12.79 53.87
N LYS G 280 -25.48 -13.80 53.96
CA LYS G 280 -25.60 -14.65 55.14
C LYS G 280 -25.17 -16.05 54.76
N TYR G 281 -24.14 -16.56 55.41
CA TYR G 281 -23.57 -17.85 55.06
C TYR G 281 -23.17 -18.59 56.33
N ASN G 282 -23.44 -19.88 56.35
CA ASN G 282 -23.15 -20.73 57.50
C ASN G 282 -21.75 -21.29 57.32
N ASP G 283 -20.82 -20.91 58.19
CA ASP G 283 -19.43 -21.30 58.06
C ASP G 283 -19.18 -22.77 58.34
N SER G 284 -20.15 -23.49 58.93
CA SER G 284 -20.01 -24.93 59.11
C SER G 284 -20.08 -25.68 57.79
N ASN G 285 -20.65 -25.07 56.75
CA ASN G 285 -20.74 -25.69 55.45
C ASN G 285 -19.45 -25.63 54.65
N CYS G 286 -18.44 -24.93 55.13
CA CYS G 286 -17.18 -24.80 54.41
C CYS G 286 -16.37 -26.08 54.57
N PRO G 287 -16.13 -26.85 53.50
CA PRO G 287 -15.57 -28.20 53.67
C PRO G 287 -14.09 -28.24 54.04
N ILE G 288 -13.82 -28.08 55.33
CA ILE G 288 -12.47 -28.14 55.85
C ILE G 288 -12.12 -29.51 56.43
N THR G 289 -12.86 -30.54 56.00
CA THR G 289 -12.73 -31.86 56.63
C THR G 289 -11.40 -32.52 56.28
N LYS G 290 -11.10 -32.64 54.99
CA LYS G 290 -9.91 -33.32 54.54
C LYS G 290 -8.69 -32.41 54.49
N CYS G 291 -8.84 -31.13 54.80
CA CYS G 291 -7.79 -30.14 54.58
C CYS G 291 -7.50 -29.41 55.87
N GLN G 292 -6.21 -29.15 56.14
CA GLN G 292 -5.81 -28.54 57.39
C GLN G 292 -5.38 -27.09 57.26
N TYR G 293 -5.01 -26.63 56.07
CA TYR G 293 -4.56 -25.26 55.89
C TYR G 293 -5.70 -24.30 55.57
N SER G 294 -6.92 -24.62 55.99
CA SER G 294 -8.09 -23.84 55.62
C SER G 294 -8.95 -23.62 56.85
N LYS G 295 -9.17 -22.35 57.19
CA LYS G 295 -10.17 -22.01 58.18
C LYS G 295 -11.56 -22.29 57.61
N PRO G 296 -12.59 -22.40 58.47
CA PRO G 296 -13.97 -22.38 57.97
C PRO G 296 -14.49 -20.99 57.66
N GLU G 297 -13.60 -20.00 57.59
CA GLU G 297 -13.95 -18.62 57.35
C GLU G 297 -13.49 -18.17 55.98
N ASN G 298 -12.94 -19.09 55.17
CA ASN G 298 -12.50 -18.79 53.82
C ASN G 298 -13.61 -18.88 52.80
N CYS G 299 -14.57 -19.79 52.99
CA CYS G 299 -15.65 -19.99 52.03
C CYS G 299 -16.58 -18.79 51.94
N ARG G 300 -16.67 -17.98 52.98
CA ARG G 300 -17.44 -16.75 52.90
C ARG G 300 -16.63 -15.64 52.24
N LEU G 301 -15.35 -15.55 52.58
CA LEU G 301 -14.55 -14.42 52.12
C LEU G 301 -14.08 -14.57 50.69
N SER G 302 -14.02 -15.79 50.15
CA SER G 302 -13.67 -15.97 48.75
C SER G 302 -14.86 -15.81 47.82
N MET G 303 -16.02 -15.42 48.34
CA MET G 303 -17.18 -15.11 47.52
C MET G 303 -17.08 -13.75 46.85
N GLY G 304 -16.15 -12.91 47.28
CA GLY G 304 -15.81 -11.68 46.59
C GLY G 304 -14.41 -11.79 46.05
N ILE G 305 -14.05 -10.84 45.20
CA ILE G 305 -12.74 -10.89 44.55
C ILE G 305 -11.63 -10.53 45.52
N ARG G 306 -11.96 -9.95 46.67
CA ARG G 306 -11.01 -9.52 47.65
C ARG G 306 -11.75 -9.63 48.98
N PRO G 307 -11.15 -10.20 50.02
CA PRO G 307 -11.91 -10.52 51.24
C PRO G 307 -12.37 -9.32 52.06
N ASN G 308 -12.11 -8.09 51.64
CA ASN G 308 -12.77 -6.93 52.24
C ASN G 308 -13.57 -6.14 51.21
N SER G 309 -13.96 -6.77 50.11
CA SER G 309 -14.69 -6.05 49.07
C SER G 309 -16.12 -5.77 49.52
N HIS G 310 -16.68 -4.72 48.96
CA HIS G 310 -18.02 -4.30 49.32
C HIS G 310 -19.09 -5.21 48.74
N TYR G 311 -18.82 -5.86 47.60
CA TYR G 311 -19.81 -6.70 46.95
C TYR G 311 -19.33 -8.14 46.85
N ILE G 312 -20.28 -9.03 46.57
CA ILE G 312 -20.07 -10.47 46.50
C ILE G 312 -20.71 -11.01 45.22
N LEU G 313 -19.94 -11.78 44.47
CA LEU G 313 -20.35 -12.25 43.15
C LEU G 313 -21.14 -13.54 43.31
N ARG G 314 -22.42 -13.50 42.97
CA ARG G 314 -23.29 -14.67 43.08
C ARG G 314 -23.84 -14.98 41.69
N SER G 315 -23.33 -16.02 41.06
CA SER G 315 -23.69 -16.34 39.68
C SER G 315 -25.14 -16.81 39.59
N GLY G 316 -25.68 -16.78 38.38
CA GLY G 316 -27.08 -17.12 38.22
C GLY G 316 -27.58 -17.10 36.80
N LEU G 317 -28.78 -16.58 36.58
CA LEU G 317 -29.37 -16.49 35.26
C LEU G 317 -30.16 -15.20 35.12
N LEU G 318 -30.53 -14.87 33.88
CA LEU G 318 -31.38 -13.72 33.56
C LEU G 318 -32.57 -14.20 32.75
N LYS G 319 -33.66 -14.49 33.45
CA LYS G 319 -34.93 -14.83 32.80
C LYS G 319 -35.44 -13.62 32.03
N TYR G 320 -35.39 -13.70 30.71
CA TYR G 320 -35.88 -12.65 29.84
C TYR G 320 -36.98 -13.25 28.97
N ASN G 321 -38.22 -13.15 29.44
CA ASN G 321 -39.37 -13.62 28.70
C ASN G 321 -39.80 -12.51 27.74
N LEU G 322 -39.97 -12.85 26.47
CA LEU G 322 -40.40 -11.85 25.49
C LEU G 322 -41.89 -11.55 25.56
N SER G 323 -42.64 -12.31 26.35
CA SER G 323 -44.09 -12.14 26.44
C SER G 323 -44.52 -11.05 27.42
N ASP G 324 -43.62 -10.15 27.81
CA ASP G 324 -43.99 -9.08 28.73
C ASP G 324 -44.41 -7.81 28.04
N GLY G 325 -44.41 -7.76 26.72
CA GLY G 325 -44.81 -6.58 25.98
C GLY G 325 -43.65 -5.90 25.29
N GLU G 326 -43.80 -4.59 25.11
CA GLU G 326 -42.77 -3.83 24.42
C GLU G 326 -41.54 -3.60 25.29
N ASN G 327 -41.72 -3.50 26.61
CA ASN G 327 -40.64 -3.22 27.55
C ASN G 327 -40.59 -4.37 28.55
N PRO G 328 -39.86 -5.45 28.24
CA PRO G 328 -39.81 -6.60 29.14
C PRO G 328 -38.92 -6.32 30.35
N LYS G 329 -38.84 -7.29 31.25
CA LYS G 329 -38.07 -7.15 32.47
C LYS G 329 -37.03 -8.26 32.56
N VAL G 330 -35.80 -7.87 32.84
CA VAL G 330 -34.70 -8.80 33.01
C VAL G 330 -34.67 -9.21 34.47
N VAL G 331 -35.04 -10.46 34.75
CA VAL G 331 -35.21 -10.97 36.10
C VAL G 331 -33.96 -11.74 36.46
N PHE G 332 -33.34 -11.43 37.60
CA PHE G 332 -32.18 -12.18 38.03
C PHE G 332 -32.59 -13.36 38.88
N ILE G 333 -32.25 -14.55 38.42
CA ILE G 333 -32.41 -15.77 39.19
C ILE G 333 -31.06 -16.10 39.81
N GLU G 334 -31.01 -16.25 41.12
CA GLU G 334 -29.76 -16.62 41.76
C GLU G 334 -29.55 -18.12 41.66
N ILE G 335 -28.35 -18.56 41.99
CA ILE G 335 -28.02 -19.97 41.94
C ILE G 335 -28.29 -20.58 43.31
N SER G 336 -28.53 -21.89 43.33
CA SER G 336 -28.61 -22.62 44.58
C SER G 336 -27.25 -22.64 45.26
N ASP G 337 -27.28 -22.65 46.59
CA ASP G 337 -26.07 -22.57 47.39
C ASP G 337 -25.34 -23.89 47.54
N GLN G 338 -25.74 -24.94 46.84
CA GLN G 338 -25.03 -26.20 46.92
C GLN G 338 -23.80 -26.16 46.03
N ARG G 339 -22.64 -26.42 46.62
CA ARG G 339 -21.32 -26.22 46.01
C ARG G 339 -21.20 -24.79 45.48
N LEU G 340 -21.29 -23.86 46.41
CA LEU G 340 -21.31 -22.44 46.11
C LEU G 340 -19.91 -21.84 46.18
N SER G 341 -19.51 -21.17 45.12
CA SER G 341 -18.30 -20.36 45.14
C SER G 341 -18.62 -19.07 44.40
N ILE G 342 -17.56 -18.35 44.02
CA ILE G 342 -17.69 -17.00 43.52
C ILE G 342 -18.31 -17.01 42.13
N GLY G 343 -18.94 -15.90 41.77
CA GLY G 343 -19.48 -15.70 40.44
C GLY G 343 -18.47 -15.82 39.33
N SER G 344 -18.73 -16.76 38.45
CA SER G 344 -17.89 -17.11 37.32
C SER G 344 -18.69 -16.83 36.07
N PRO G 345 -18.03 -16.81 34.88
CA PRO G 345 -18.82 -16.87 33.65
C PRO G 345 -19.55 -18.18 33.63
N SER G 346 -20.84 -18.08 33.78
CA SER G 346 -21.68 -19.23 33.69
C SER G 346 -21.99 -19.49 32.23
N LYS G 347 -22.45 -20.69 31.93
CA LYS G 347 -22.78 -21.04 30.55
C LYS G 347 -23.87 -22.09 30.62
N ILE G 348 -25.11 -21.69 30.50
CA ILE G 348 -26.17 -22.67 30.41
C ILE G 348 -26.36 -23.02 28.95
N TYR G 349 -26.53 -24.29 28.66
CA TYR G 349 -26.61 -24.69 27.27
C TYR G 349 -27.54 -25.88 27.12
N ASP G 350 -28.43 -25.80 26.14
CA ASP G 350 -29.43 -26.83 25.92
C ASP G 350 -28.74 -27.96 25.18
N SER G 351 -28.37 -29.02 25.91
CA SER G 351 -27.74 -30.19 25.31
C SER G 351 -28.56 -31.43 25.63
N LEU G 352 -28.96 -32.15 24.57
CA LEU G 352 -29.79 -33.35 24.63
C LEU G 352 -31.12 -33.11 25.34
N GLY G 353 -31.68 -31.91 25.17
CA GLY G 353 -32.99 -31.61 25.69
C GLY G 353 -33.00 -30.86 27.01
N GLN G 354 -32.14 -31.25 27.94
CA GLN G 354 -32.18 -30.59 29.23
C GLN G 354 -30.98 -29.67 29.39
N PRO G 355 -31.17 -28.46 29.93
CA PRO G 355 -30.05 -27.53 30.07
C PRO G 355 -28.98 -28.03 31.02
N VAL G 356 -27.74 -27.78 30.63
CA VAL G 356 -26.56 -28.16 31.40
C VAL G 356 -25.81 -26.87 31.73
N PHE G 357 -25.37 -26.73 32.97
CA PHE G 357 -24.92 -25.44 33.48
C PHE G 357 -23.46 -25.51 33.85
N TYR G 358 -22.59 -25.06 32.97
CA TYR G 358 -21.21 -24.85 33.35
C TYR G 358 -21.11 -23.58 34.19
N GLN G 359 -20.22 -23.60 35.18
CA GLN G 359 -19.98 -22.40 35.98
C GLN G 359 -18.55 -22.50 36.48
N ALA G 360 -17.69 -21.61 35.98
CA ALA G 360 -16.24 -21.79 36.03
C ALA G 360 -15.68 -21.73 37.45
N SER G 361 -14.41 -22.07 37.57
CA SER G 361 -13.76 -22.16 38.86
C SER G 361 -12.85 -20.95 39.04
N PHE G 362 -13.44 -19.86 39.52
CA PHE G 362 -12.67 -18.67 39.86
C PHE G 362 -12.34 -18.58 41.34
N SER G 363 -12.29 -19.71 42.03
CA SER G 363 -12.16 -19.68 43.48
C SER G 363 -11.43 -20.93 43.92
N TRP G 364 -11.61 -21.29 45.18
CA TRP G 364 -10.90 -22.42 45.77
C TRP G 364 -11.29 -23.76 45.16
N ASP G 365 -12.51 -23.87 44.64
CA ASP G 365 -13.02 -25.15 44.12
C ASP G 365 -12.52 -25.32 42.69
N THR G 366 -11.27 -25.74 42.58
CA THR G 366 -10.61 -25.78 41.29
C THR G 366 -11.02 -26.94 40.41
N MET G 367 -11.81 -27.89 40.90
CA MET G 367 -12.36 -28.90 40.02
C MET G 367 -13.36 -28.26 39.07
N ILE G 368 -13.71 -28.99 38.01
CA ILE G 368 -14.70 -28.47 37.09
C ILE G 368 -16.05 -28.50 37.78
N LYS G 369 -16.85 -27.48 37.52
CA LYS G 369 -18.10 -27.27 38.22
C LYS G 369 -19.16 -27.04 37.16
N PHE G 370 -19.66 -28.14 36.61
CA PHE G 370 -20.69 -28.10 35.59
C PHE G 370 -21.63 -29.26 35.86
N GLY G 371 -22.88 -29.09 35.48
CA GLY G 371 -23.83 -30.16 35.70
C GLY G 371 -25.14 -29.88 35.03
N ASP G 372 -25.96 -30.93 35.00
CA ASP G 372 -27.33 -30.83 34.55
C ASP G 372 -28.13 -29.88 35.43
N VAL G 373 -29.09 -29.18 34.84
CA VAL G 373 -29.97 -28.30 35.59
C VAL G 373 -31.19 -29.09 36.03
N LEU G 374 -31.48 -29.08 37.32
CA LEU G 374 -32.66 -29.78 37.82
C LEU G 374 -33.90 -28.92 37.67
N THR G 375 -33.77 -27.61 37.90
CA THR G 375 -34.83 -26.66 37.66
C THR G 375 -34.22 -25.29 37.39
N VAL G 376 -34.83 -24.55 36.49
CA VAL G 376 -34.25 -23.30 36.03
C VAL G 376 -34.64 -22.13 36.91
N ASN G 377 -35.90 -22.06 37.33
CA ASN G 377 -36.35 -21.00 38.23
C ASN G 377 -37.00 -21.64 39.43
N PRO G 378 -36.33 -21.69 40.60
CA PRO G 378 -34.99 -21.15 40.90
C PRO G 378 -33.88 -22.08 40.43
N LEU G 379 -32.69 -21.54 40.24
CA LEU G 379 -31.61 -22.29 39.63
C LEU G 379 -31.00 -23.25 40.64
N VAL G 380 -31.20 -24.54 40.43
CA VAL G 380 -30.60 -25.59 41.24
C VAL G 380 -29.92 -26.55 40.28
N VAL G 381 -28.60 -26.63 40.34
CA VAL G 381 -27.80 -27.37 39.38
C VAL G 381 -27.22 -28.60 40.05
N ASN G 382 -27.52 -29.77 39.51
CA ASN G 382 -26.93 -31.02 40.01
C ASN G 382 -25.49 -31.06 39.53
N TRP G 383 -24.59 -30.58 40.37
CA TRP G 383 -23.19 -30.48 40.00
C TRP G 383 -22.55 -31.85 39.90
N ARG G 384 -21.88 -32.13 38.80
CA ARG G 384 -21.30 -33.44 38.59
C ARG G 384 -20.06 -33.58 39.47
N ASN G 385 -19.99 -34.71 40.19
CA ASN G 385 -18.91 -34.97 41.12
C ASN G 385 -17.71 -35.43 40.32
N ASN G 386 -16.96 -34.46 39.78
CA ASN G 386 -15.84 -34.74 38.92
C ASN G 386 -14.54 -34.54 39.67
N THR G 387 -13.56 -35.41 39.39
CA THR G 387 -12.26 -35.36 40.04
C THR G 387 -11.09 -35.59 39.09
N VAL G 388 -11.26 -35.39 37.78
CA VAL G 388 -10.13 -35.56 36.88
C VAL G 388 -9.93 -34.33 36.02
N ILE G 389 -10.88 -33.41 36.06
CA ILE G 389 -10.82 -32.21 35.22
C ILE G 389 -10.76 -30.99 36.11
N SER G 390 -9.67 -30.23 35.98
CA SER G 390 -9.51 -29.01 36.73
C SER G 390 -8.86 -27.97 35.82
N ARG G 391 -8.79 -26.77 36.31
CA ARG G 391 -8.30 -25.64 35.57
C ARG G 391 -7.04 -25.07 36.21
N PRO G 392 -6.14 -24.47 35.44
CA PRO G 392 -4.92 -23.90 36.04
C PRO G 392 -5.20 -22.59 36.75
N GLY G 393 -5.03 -22.59 38.06
CA GLY G 393 -5.06 -21.37 38.84
C GLY G 393 -3.64 -20.87 39.05
N GLN G 394 -3.51 -19.59 39.32
CA GLN G 394 -2.18 -18.99 39.26
C GLN G 394 -1.37 -19.23 40.52
N SER G 395 -1.81 -18.70 41.65
CA SER G 395 -0.94 -18.55 42.81
C SER G 395 -1.33 -19.51 43.93
N GLN G 396 -2.55 -19.38 44.43
CA GLN G 396 -2.94 -20.06 45.65
C GLN G 396 -3.80 -21.28 45.36
N CYS G 397 -4.52 -21.29 44.25
CA CYS G 397 -5.52 -22.31 43.96
C CYS G 397 -5.21 -22.99 42.63
N PRO G 398 -4.18 -23.85 42.56
CA PRO G 398 -3.78 -24.43 41.27
C PRO G 398 -4.72 -25.51 40.76
N ARG G 399 -4.33 -26.16 39.67
CA ARG G 399 -5.08 -27.31 39.16
C ARG G 399 -5.05 -28.43 40.20
N PHE G 400 -6.22 -29.01 40.45
CA PHE G 400 -6.48 -29.98 41.53
C PHE G 400 -6.19 -29.40 42.91
N ASN G 401 -6.96 -28.39 43.28
CA ASN G 401 -7.03 -27.89 44.65
C ASN G 401 -8.48 -27.91 45.08
N THR G 402 -8.77 -28.54 46.21
CA THR G 402 -10.10 -28.48 46.79
C THR G 402 -10.10 -27.86 48.17
N CYS G 403 -8.94 -27.48 48.70
CA CYS G 403 -8.87 -26.81 49.99
C CYS G 403 -9.46 -25.41 49.89
N PRO G 404 -10.38 -25.04 50.77
CA PRO G 404 -10.97 -23.70 50.70
C PRO G 404 -10.00 -22.60 51.10
N GLU G 405 -9.49 -21.89 50.08
CA GLU G 405 -8.52 -20.83 50.24
C GLU G 405 -9.05 -19.60 49.55
N ILE G 406 -8.64 -18.43 50.04
CA ILE G 406 -9.15 -17.16 49.54
C ILE G 406 -8.37 -16.80 48.28
N CYS G 407 -9.01 -16.96 47.14
CA CYS G 407 -8.40 -16.63 45.87
C CYS G 407 -9.50 -16.26 44.90
N TRP G 408 -9.17 -15.39 43.97
CA TRP G 408 -9.97 -15.18 42.77
C TRP G 408 -9.01 -15.38 41.62
N GLU G 409 -8.79 -16.65 41.28
CA GLU G 409 -7.79 -17.06 40.33
C GLU G 409 -8.40 -18.13 39.45
N GLY G 410 -7.86 -18.27 38.25
CA GLY G 410 -8.30 -19.32 37.38
C GLY G 410 -8.59 -18.80 36.01
N VAL G 411 -9.11 -19.67 35.15
CA VAL G 411 -9.50 -19.34 33.79
C VAL G 411 -10.80 -20.06 33.47
N TYR G 412 -11.38 -19.70 32.32
CA TYR G 412 -12.64 -20.25 31.87
C TYR G 412 -12.37 -21.41 30.92
N ASN G 413 -12.78 -22.62 31.30
CA ASN G 413 -12.63 -23.78 30.44
C ASN G 413 -13.93 -24.58 30.52
N ASP G 414 -14.84 -24.31 29.60
CA ASP G 414 -16.16 -24.89 29.70
C ASP G 414 -16.17 -26.32 29.19
N ALA G 415 -17.34 -26.93 29.25
CA ALA G 415 -17.49 -28.31 28.80
C ALA G 415 -18.91 -28.49 28.32
N PHE G 416 -19.06 -29.06 27.13
CA PHE G 416 -20.35 -29.32 26.53
C PHE G 416 -20.71 -30.78 26.73
N LEU G 417 -21.94 -31.04 27.17
CA LEU G 417 -22.42 -32.40 27.36
C LEU G 417 -22.69 -33.02 26.01
N ILE G 418 -21.86 -33.99 25.60
CA ILE G 418 -22.03 -34.66 24.32
C ILE G 418 -22.67 -36.02 24.45
N ASP G 419 -22.86 -36.53 25.66
CA ASP G 419 -23.51 -37.82 25.86
C ASP G 419 -24.06 -37.79 27.28
N ARG G 420 -25.36 -37.99 27.43
CA ARG G 420 -25.98 -38.00 28.75
C ARG G 420 -26.23 -39.41 29.25
N ILE G 421 -26.35 -40.37 28.34
CA ILE G 421 -26.57 -41.77 28.71
C ILE G 421 -25.36 -42.31 29.46
N ASN G 422 -24.17 -41.92 29.05
CA ASN G 422 -22.96 -42.31 29.75
C ASN G 422 -22.30 -41.13 30.47
N TRP G 423 -22.97 -39.97 30.46
CA TRP G 423 -22.54 -38.73 31.15
C TRP G 423 -21.17 -38.25 30.70
N ILE G 424 -20.93 -38.34 29.41
CA ILE G 424 -19.67 -37.93 28.82
C ILE G 424 -19.84 -36.49 28.36
N SER G 425 -18.83 -35.66 28.61
CA SER G 425 -18.84 -34.29 28.12
C SER G 425 -17.51 -34.02 27.43
N ALA G 426 -17.33 -32.80 26.94
CA ALA G 426 -16.18 -32.50 26.11
C ALA G 426 -15.86 -31.02 26.15
N GLY G 427 -14.57 -30.70 26.15
CA GLY G 427 -14.13 -29.32 26.14
C GLY G 427 -12.62 -29.26 26.07
N VAL G 428 -12.11 -28.04 25.97
CA VAL G 428 -10.67 -27.80 25.89
C VAL G 428 -10.18 -27.32 27.26
N PHE G 429 -9.17 -28.02 27.78
CA PHE G 429 -8.69 -27.81 29.14
C PHE G 429 -7.17 -27.70 29.12
N LEU G 430 -6.65 -26.91 30.04
CA LEU G 430 -5.26 -26.48 29.98
C LEU G 430 -4.46 -27.37 30.91
N ASP G 431 -3.83 -28.41 30.37
CA ASP G 431 -3.15 -29.42 31.19
C ASP G 431 -1.80 -28.89 31.69
N SER G 432 -1.88 -28.02 32.69
CA SER G 432 -0.74 -27.69 33.55
C SER G 432 -1.28 -27.14 34.85
N ASN G 433 -0.45 -27.23 35.91
CA ASN G 433 -0.91 -26.89 37.26
C ASN G 433 -1.14 -25.40 37.43
N GLN G 434 -0.16 -24.59 37.10
CA GLN G 434 -0.28 -23.15 37.33
C GLN G 434 -0.12 -22.31 36.09
N THR G 435 0.85 -22.62 35.23
CA THR G 435 1.02 -21.89 33.99
C THR G 435 -0.11 -22.26 33.04
N ALA G 436 -0.95 -21.29 32.70
CA ALA G 436 -2.13 -21.53 31.86
C ALA G 436 -1.65 -21.78 30.43
N GLU G 437 -1.25 -23.03 30.18
CA GLU G 437 -0.69 -23.41 28.90
C GLU G 437 -1.24 -24.77 28.52
N ASN G 438 -0.83 -25.24 27.33
CA ASN G 438 -1.12 -26.53 26.73
C ASN G 438 -2.62 -26.80 26.67
N PRO G 439 -3.35 -26.17 25.76
CA PRO G 439 -4.79 -26.45 25.66
C PRO G 439 -5.03 -27.83 25.08
N VAL G 440 -5.80 -28.64 25.77
CA VAL G 440 -6.03 -30.03 25.40
C VAL G 440 -7.53 -30.26 25.29
N PHE G 441 -7.99 -30.63 24.11
CA PHE G 441 -9.37 -30.99 23.88
C PHE G 441 -9.60 -32.35 24.51
N THR G 442 -10.16 -32.39 25.71
CA THR G 442 -10.44 -33.68 26.32
C THR G 442 -11.92 -34.02 26.19
N VAL G 443 -12.20 -35.31 26.13
CA VAL G 443 -13.54 -35.86 26.18
C VAL G 443 -13.53 -36.83 27.34
N PHE G 444 -14.27 -36.51 28.40
CA PHE G 444 -14.04 -37.14 29.68
C PHE G 444 -15.34 -37.63 30.32
N LYS G 445 -15.22 -38.73 31.08
CA LYS G 445 -16.26 -39.15 32.00
C LYS G 445 -15.99 -38.43 33.33
N ASP G 446 -16.89 -38.59 34.30
CA ASP G 446 -16.76 -37.87 35.56
C ASP G 446 -15.64 -38.39 36.46
N ASN G 447 -15.07 -39.54 36.14
CA ASN G 447 -14.00 -40.09 36.97
C ASN G 447 -12.80 -40.53 36.15
N GLU G 448 -12.84 -40.40 34.84
CA GLU G 448 -11.71 -40.78 34.00
C GLU G 448 -11.78 -40.02 32.69
N ILE G 449 -10.67 -39.41 32.29
CA ILE G 449 -10.58 -38.81 30.97
C ILE G 449 -10.46 -39.93 29.94
N LEU G 450 -11.39 -39.97 28.98
CA LEU G 450 -11.40 -41.05 28.01
C LEU G 450 -10.28 -40.87 26.99
N TYR G 451 -10.32 -39.78 26.23
CA TYR G 451 -9.30 -39.52 25.23
C TYR G 451 -9.20 -38.01 25.05
N ARG G 452 -8.15 -37.60 24.36
CA ARG G 452 -7.80 -36.19 24.36
C ARG G 452 -6.94 -35.87 23.15
N ALA G 453 -6.94 -34.60 22.77
CA ALA G 453 -6.17 -34.10 21.65
C ALA G 453 -5.39 -32.87 22.10
N GLN G 454 -4.08 -32.92 21.92
CA GLN G 454 -3.25 -31.77 22.22
C GLN G 454 -3.34 -30.81 21.05
N LEU G 455 -3.98 -29.65 21.26
CA LEU G 455 -4.29 -28.76 20.16
C LEU G 455 -3.04 -28.06 19.63
N ALA G 456 -2.05 -27.85 20.49
CA ALA G 456 -0.89 -27.09 20.10
C ALA G 456 0.37 -27.67 20.74
N SER G 457 1.45 -26.90 20.76
CA SER G 457 2.67 -27.34 21.42
C SER G 457 2.50 -27.32 22.93
N GLU G 458 3.53 -27.80 23.64
CA GLU G 458 3.42 -28.03 25.07
C GLU G 458 3.38 -26.74 25.87
N ASP G 459 4.18 -25.75 25.49
CA ASP G 459 4.22 -24.48 26.20
C ASP G 459 3.45 -23.40 25.46
N THR G 460 2.35 -23.79 24.81
CA THR G 460 1.50 -22.84 24.12
C THR G 460 0.57 -22.21 25.15
N ASN G 461 0.88 -20.98 25.54
CA ASN G 461 0.10 -20.29 26.55
C ASN G 461 -1.28 -19.98 26.03
N ALA G 462 -2.29 -20.19 26.87
CA ALA G 462 -3.66 -20.00 26.45
C ALA G 462 -4.45 -19.37 27.59
N GLN G 463 -5.74 -19.20 27.34
CA GLN G 463 -6.69 -18.53 28.22
C GLN G 463 -8.04 -19.20 28.05
N LYS G 464 -9.09 -18.42 28.29
CA LYS G 464 -10.50 -18.77 28.11
C LYS G 464 -10.77 -19.59 26.86
N THR G 465 -11.36 -20.77 27.06
CA THR G 465 -11.80 -21.63 25.96
C THR G 465 -13.30 -21.83 26.06
N ILE G 466 -13.99 -21.74 24.93
CA ILE G 466 -15.44 -21.83 24.86
C ILE G 466 -15.78 -22.94 23.88
N THR G 467 -16.32 -24.05 24.38
CA THR G 467 -16.64 -25.22 23.57
C THR G 467 -18.15 -25.32 23.38
N ASN G 468 -18.59 -25.34 22.13
CA ASN G 468 -19.97 -25.59 21.77
C ASN G 468 -20.02 -26.76 20.81
N CYS G 469 -20.96 -27.67 21.02
CA CYS G 469 -21.11 -28.84 20.16
C CYS G 469 -22.50 -28.89 19.56
N PHE G 470 -22.65 -29.72 18.54
CA PHE G 470 -23.84 -29.74 17.69
C PHE G 470 -23.77 -31.00 16.84
N LEU G 471 -24.77 -31.15 15.97
CA LEU G 471 -24.84 -32.28 15.04
C LEU G 471 -24.71 -31.79 13.62
N LEU G 472 -23.71 -32.28 12.92
CA LEU G 472 -23.58 -32.12 11.47
C LEU G 472 -23.80 -33.49 10.84
N LYS G 473 -25.03 -33.71 10.36
CA LYS G 473 -25.45 -34.93 9.68
C LYS G 473 -25.26 -36.17 10.55
N ASN G 474 -25.85 -36.10 11.75
CA ASN G 474 -25.78 -37.12 12.81
C ASN G 474 -24.35 -37.46 13.19
N LYS G 475 -23.50 -36.44 13.19
CA LYS G 475 -22.14 -36.55 13.70
C LYS G 475 -21.96 -35.43 14.69
N ILE G 476 -21.44 -35.74 15.87
CA ILE G 476 -21.23 -34.73 16.90
C ILE G 476 -19.90 -34.03 16.62
N TRP G 477 -19.97 -32.80 16.13
CA TRP G 477 -18.82 -31.91 16.01
C TRP G 477 -18.88 -30.90 17.14
N CYS G 478 -17.73 -30.28 17.43
CA CYS G 478 -17.60 -29.36 18.54
C CYS G 478 -16.67 -28.21 18.16
N ILE G 479 -17.10 -26.98 18.45
CA ILE G 479 -16.32 -25.79 18.11
C ILE G 479 -15.79 -25.19 19.40
N SER G 480 -14.48 -25.27 19.57
CA SER G 480 -13.84 -24.80 20.80
C SER G 480 -13.01 -23.58 20.48
N LEU G 481 -13.53 -22.42 20.83
CA LEU G 481 -12.79 -21.17 20.63
C LEU G 481 -11.68 -21.11 21.66
N VAL G 482 -10.45 -21.36 21.25
CA VAL G 482 -9.34 -21.44 22.17
C VAL G 482 -8.44 -20.23 21.95
N GLU G 483 -8.35 -19.35 22.94
CA GLU G 483 -7.44 -18.20 22.84
C GLU G 483 -6.01 -18.67 23.00
N ILE G 484 -5.36 -18.92 21.89
CA ILE G 484 -3.96 -19.30 21.86
C ILE G 484 -3.09 -18.06 21.70
N TYR G 485 -2.13 -17.89 22.60
CA TYR G 485 -1.10 -16.88 22.44
C TYR G 485 -0.15 -17.29 21.33
N ASP G 486 -0.16 -16.56 20.22
CA ASP G 486 0.76 -16.82 19.12
C ASP G 486 2.16 -16.37 19.51
N THR G 487 3.12 -17.29 19.47
CA THR G 487 4.49 -16.95 19.80
C THR G 487 5.19 -16.17 18.70
N GLY G 488 4.64 -16.19 17.48
CA GLY G 488 5.23 -15.47 16.37
C GLY G 488 5.14 -13.97 16.52
N ASP G 489 3.94 -13.41 16.46
CA ASP G 489 3.74 -11.98 16.58
C ASP G 489 3.18 -11.55 17.94
N ASN G 490 3.25 -12.44 18.94
CA ASN G 490 3.25 -12.09 20.36
C ASN G 490 1.92 -11.49 20.84
N VAL G 491 0.79 -11.87 20.25
CA VAL G 491 -0.52 -11.46 20.74
C VAL G 491 -1.45 -12.66 20.79
N ILE G 492 -2.55 -12.51 21.53
CA ILE G 492 -3.52 -13.56 21.74
C ILE G 492 -4.59 -13.52 20.65
N ARG G 493 -4.80 -14.64 19.98
CA ARG G 493 -5.81 -14.81 18.95
C ARG G 493 -6.74 -15.95 19.31
N PRO G 494 -8.03 -15.78 19.12
CA PRO G 494 -8.97 -16.88 19.35
C PRO G 494 -8.97 -17.87 18.22
N LYS G 495 -8.37 -19.03 18.38
CA LYS G 495 -8.35 -20.04 17.33
C LYS G 495 -9.46 -21.05 17.56
N LEU G 496 -10.37 -21.17 16.59
CA LEU G 496 -11.41 -22.18 16.66
C LEU G 496 -10.85 -23.55 16.34
N PHE G 497 -11.53 -24.59 16.81
CA PHE G 497 -11.09 -25.96 16.57
C PHE G 497 -12.31 -26.85 16.43
N ALA G 498 -12.74 -27.07 15.19
CA ALA G 498 -13.80 -28.02 14.90
C ALA G 498 -13.26 -29.42 15.10
N VAL G 499 -13.66 -30.08 16.18
CA VAL G 499 -13.15 -31.41 16.50
C VAL G 499 -14.31 -32.39 16.48
N LYS G 500 -14.20 -33.38 15.61
CA LYS G 500 -15.22 -34.42 15.49
C LYS G 500 -15.05 -35.44 16.60
N ILE G 501 -16.12 -35.68 17.35
CA ILE G 501 -16.10 -36.73 18.36
C ILE G 501 -16.19 -38.05 17.63
N PRO G 502 -15.16 -38.91 17.68
CA PRO G 502 -15.16 -40.10 16.82
C PRO G 502 -16.01 -41.21 17.40
N GLU G 503 -16.48 -42.08 16.52
CA GLU G 503 -17.20 -43.27 16.93
C GLU G 503 -16.32 -44.50 17.01
N GLN G 504 -15.39 -44.69 16.08
CA GLN G 504 -14.48 -45.82 16.12
C GLN G 504 -13.26 -45.48 16.95
N CYS G 505 -12.95 -46.34 17.91
CA CYS G 505 -11.91 -46.08 18.90
C CYS G 505 -10.56 -46.62 18.41
N GLY H 1 8.88 11.34 9.73
CA GLY H 1 7.43 11.20 9.72
C GLY H 1 6.92 10.25 8.66
N LEU H 2 7.80 9.89 7.73
CA LEU H 2 7.41 8.98 6.65
C LEU H 2 7.42 7.54 7.14
N ALA H 3 8.37 7.19 8.01
CA ALA H 3 8.41 5.85 8.57
C ALA H 3 7.26 5.60 9.53
N ASP H 4 6.90 6.60 10.33
CA ASP H 4 5.73 6.48 11.20
C ASP H 4 4.45 6.35 10.40
N LYS H 5 4.36 7.06 9.27
CA LYS H 5 3.20 6.94 8.38
C LYS H 5 3.13 5.57 7.75
N ILE H 6 4.28 5.03 7.32
CA ILE H 6 4.27 3.75 6.62
C ILE H 6 4.23 2.57 7.59
N GLY H 7 4.47 2.79 8.88
CA GLY H 7 4.30 1.74 9.85
C GLY H 7 3.05 1.96 10.68
N THR H 8 2.29 3.00 10.38
CA THR H 8 1.03 3.27 11.05
C THR H 8 -0.16 3.13 10.11
N GLU H 9 -0.16 3.85 8.98
CA GLU H 9 -1.32 3.90 8.11
C GLU H 9 -1.09 3.09 6.83
N ILE H 10 0.06 2.43 6.68
CA ILE H 10 0.23 1.57 5.53
C ILE H 10 0.51 0.13 5.96
N GLY H 11 1.61 -0.08 6.68
CA GLY H 11 2.09 -1.41 7.05
C GLY H 11 1.11 -2.37 7.72
N PRO H 12 0.58 -1.99 8.89
CA PRO H 12 -0.49 -2.80 9.49
C PRO H 12 -1.74 -2.86 8.65
N LYS H 13 -2.04 -1.78 7.91
CA LYS H 13 -3.25 -1.74 7.13
C LYS H 13 -3.13 -2.58 5.86
N VAL H 14 -1.95 -2.58 5.23
CA VAL H 14 -1.72 -3.49 4.11
C VAL H 14 -1.69 -4.94 4.58
N SER H 15 -1.15 -5.20 5.78
CA SER H 15 -1.20 -6.57 6.31
C SER H 15 -2.63 -7.00 6.62
N LEU H 16 -3.45 -6.06 7.09
CA LEU H 16 -4.86 -6.34 7.34
C LEU H 16 -5.62 -6.63 6.06
N ILE H 17 -5.35 -5.86 5.00
CA ILE H 17 -5.98 -6.10 3.71
C ILE H 17 -5.52 -7.42 3.12
N ASP H 18 -4.24 -7.78 3.32
CA ASP H 18 -3.74 -9.06 2.81
C ASP H 18 -4.40 -10.24 3.52
N THR H 19 -4.52 -10.16 4.85
CA THR H 19 -5.23 -11.19 5.61
C THR H 19 -6.68 -11.27 5.19
N SER H 20 -7.32 -10.11 5.01
CA SER H 20 -8.71 -10.08 4.59
C SER H 20 -8.92 -10.45 3.14
N SER H 21 -7.88 -10.49 2.31
CA SER H 21 -8.06 -10.68 0.89
C SER H 21 -7.51 -11.97 0.33
N THR H 22 -6.62 -12.68 1.04
CA THR H 22 -6.25 -14.00 0.57
C THR H 22 -6.54 -15.09 1.59
N ILE H 23 -7.14 -14.76 2.73
CA ILE H 23 -7.51 -15.77 3.72
C ILE H 23 -9.00 -15.68 4.02
N THR H 24 -9.50 -14.47 4.30
CA THR H 24 -10.85 -14.32 4.82
C THR H 24 -11.91 -14.36 3.72
N ILE H 25 -11.86 -13.40 2.81
CA ILE H 25 -12.86 -13.23 1.75
C ILE H 25 -12.84 -14.38 0.74
N PRO H 26 -11.70 -14.95 0.30
CA PRO H 26 -11.81 -16.20 -0.48
C PRO H 26 -12.41 -17.37 0.27
N ALA H 27 -12.21 -17.47 1.59
CA ALA H 27 -12.84 -18.54 2.34
C ALA H 27 -14.34 -18.30 2.47
N ASN H 28 -14.78 -17.05 2.62
CA ASN H 28 -16.21 -16.78 2.63
C ASN H 28 -16.84 -17.03 1.28
N ILE H 29 -16.12 -16.77 0.19
CA ILE H 29 -16.68 -17.09 -1.13
C ILE H 29 -16.71 -18.61 -1.37
N GLY H 30 -15.72 -19.34 -0.85
CA GLY H 30 -15.77 -20.79 -0.94
C GLY H 30 -16.88 -21.40 -0.11
N LEU H 31 -17.08 -20.90 1.12
CA LEU H 31 -18.21 -21.34 1.92
C LEU H 31 -19.54 -20.87 1.37
N LEU H 32 -19.54 -19.80 0.59
CA LEU H 32 -20.77 -19.40 -0.06
C LEU H 32 -21.07 -20.29 -1.26
N GLY H 33 -20.04 -20.79 -1.93
CA GLY H 33 -20.24 -21.84 -2.91
C GLY H 33 -20.75 -23.12 -2.27
N SER H 34 -20.22 -23.45 -1.09
CA SER H 34 -20.77 -24.57 -0.34
C SER H 34 -22.21 -24.31 0.10
N LYS H 35 -22.57 -23.06 0.41
CA LYS H 35 -23.96 -22.74 0.71
C LYS H 35 -24.87 -22.91 -0.48
N ILE H 36 -24.39 -22.54 -1.68
CA ILE H 36 -25.17 -22.77 -2.89
C ILE H 36 -25.39 -24.25 -3.12
N SER H 37 -24.36 -25.06 -2.91
CA SER H 37 -24.49 -26.50 -3.10
C SER H 37 -25.41 -27.14 -2.04
N GLN H 38 -25.30 -26.68 -0.78
CA GLN H 38 -26.18 -27.16 0.28
C GLN H 38 -27.62 -26.78 0.01
N SER H 39 -27.85 -25.53 -0.38
CA SER H 39 -29.19 -25.04 -0.65
C SER H 39 -29.81 -25.76 -1.83
N THR H 40 -29.01 -26.05 -2.86
CA THR H 40 -29.49 -26.78 -4.02
C THR H 40 -29.85 -28.21 -3.68
N ALA H 41 -28.98 -28.90 -2.93
CA ALA H 41 -29.28 -30.28 -2.56
C ALA H 41 -30.46 -30.35 -1.58
N SER H 42 -30.59 -29.33 -0.72
CA SER H 42 -31.72 -29.28 0.19
C SER H 42 -33.03 -29.07 -0.55
N ILE H 43 -33.06 -28.17 -1.52
CA ILE H 43 -34.30 -27.93 -2.21
C ILE H 43 -34.59 -29.04 -3.21
N ASN H 44 -33.56 -29.72 -3.72
CA ASN H 44 -33.79 -30.89 -4.53
C ASN H 44 -34.34 -32.05 -3.73
N GLU H 45 -33.87 -32.27 -2.50
CA GLU H 45 -34.48 -33.36 -1.73
C GLU H 45 -35.85 -32.97 -1.23
N ASN H 46 -36.12 -31.68 -1.05
CA ASN H 46 -37.47 -31.25 -0.75
C ASN H 46 -38.41 -31.50 -1.92
N VAL H 47 -37.94 -31.31 -3.15
CA VAL H 47 -38.79 -31.58 -4.31
C VAL H 47 -38.93 -33.09 -4.53
N ASN H 48 -37.85 -33.85 -4.33
CA ASN H 48 -37.92 -35.30 -4.44
C ASN H 48 -38.79 -35.94 -3.35
N GLU H 49 -38.98 -35.26 -2.23
CA GLU H 49 -39.85 -35.79 -1.19
C GLU H 49 -41.29 -35.29 -1.35
N LYS H 50 -41.48 -33.98 -1.30
CA LYS H 50 -42.80 -33.39 -1.17
C LYS H 50 -43.48 -33.08 -2.50
N CYS H 51 -42.95 -33.60 -3.61
CA CYS H 51 -43.63 -33.56 -4.90
C CYS H 51 -43.58 -34.99 -5.43
N LYS H 52 -44.56 -35.79 -5.03
CA LYS H 52 -44.56 -37.21 -5.37
C LYS H 52 -45.99 -37.70 -5.33
N PHE H 53 -46.50 -38.16 -6.47
CA PHE H 53 -47.88 -38.58 -6.62
C PHE H 53 -47.96 -40.06 -6.95
N THR H 54 -48.81 -40.77 -6.22
CA THR H 54 -49.14 -42.14 -6.56
C THR H 54 -50.57 -42.43 -6.10
N LEU H 55 -51.31 -43.16 -6.93
CA LEU H 55 -52.70 -43.49 -6.65
C LEU H 55 -53.13 -44.65 -7.53
N PRO H 56 -53.71 -45.71 -6.98
CA PRO H 56 -54.23 -46.80 -7.80
C PRO H 56 -55.58 -46.43 -8.40
N PRO H 57 -55.94 -47.03 -9.54
CA PRO H 57 -57.26 -46.76 -10.12
C PRO H 57 -58.37 -47.38 -9.30
N LEU H 58 -59.47 -46.64 -9.16
CA LEU H 58 -60.62 -47.10 -8.40
C LEU H 58 -61.38 -48.21 -9.14
#